data_9UOA
# 
_entry.id   9UOA 
# 
_audit_conform.dict_name       mmcif_pdbx.dic 
_audit_conform.dict_version    5.404 
_audit_conform.dict_location   http://mmcif.pdb.org/dictionaries/ascii/mmcif_pdbx.dic 
# 
loop_
_database_2.database_id 
_database_2.database_code 
_database_2.pdbx_database_accession 
_database_2.pdbx_DOI 
PDB   9UOA         pdb_00009uoa 10.2210/pdb9uoa/pdb 
WWPDB D_1300058900 ?            ?                   
# 
loop_
_pdbx_audit_revision_history.ordinal 
_pdbx_audit_revision_history.data_content_type 
_pdbx_audit_revision_history.major_revision 
_pdbx_audit_revision_history.minor_revision 
_pdbx_audit_revision_history.revision_date 
_pdbx_audit_revision_history.part_number 
1 'Structure model' 1 0 2025-05-14 ? 
2 'Structure model' 1 1 2025-08-27 ? 
3 'Structure model' 1 2 2025-09-17 ? 
# 
_pdbx_audit_revision_details.ordinal             1 
_pdbx_audit_revision_details.revision_ordinal    1 
_pdbx_audit_revision_details.data_content_type   'Structure model' 
_pdbx_audit_revision_details.provider            repository 
_pdbx_audit_revision_details.type                'Initial release' 
_pdbx_audit_revision_details.description         ? 
_pdbx_audit_revision_details.details             ? 
# 
loop_
_pdbx_audit_revision_group.ordinal 
_pdbx_audit_revision_group.revision_ordinal 
_pdbx_audit_revision_group.data_content_type 
_pdbx_audit_revision_group.group 
1 2 'Structure model' 'Database references' 
2 3 'Structure model' 'Database references' 
# 
loop_
_pdbx_audit_revision_category.ordinal 
_pdbx_audit_revision_category.revision_ordinal 
_pdbx_audit_revision_category.data_content_type 
_pdbx_audit_revision_category.category 
1 2 'Structure model' citation        
2 2 'Structure model' citation_author 
3 3 'Structure model' citation        
4 3 'Structure model' citation_author 
# 
loop_
_pdbx_audit_revision_item.ordinal 
_pdbx_audit_revision_item.revision_ordinal 
_pdbx_audit_revision_item.data_content_type 
_pdbx_audit_revision_item.item 
1  2 'Structure model' '_citation.country'                 
2  2 'Structure model' '_citation.journal_abbrev'          
3  2 'Structure model' '_citation.journal_id_ASTM'         
4  2 'Structure model' '_citation.journal_id_CSD'          
5  2 'Structure model' '_citation.journal_id_ISSN'         
6  2 'Structure model' '_citation.pdbx_database_id_DOI'    
7  2 'Structure model' '_citation.pdbx_database_id_PubMed' 
8  2 'Structure model' '_citation.title'                   
9  2 'Structure model' '_citation.year'                    
10 2 'Structure model' '_citation_author.identifier_ORCID' 
11 3 'Structure model' '_citation.journal_volume'          
12 3 'Structure model' '_citation.page_first'              
13 3 'Structure model' '_citation.page_last'               
14 3 'Structure model' '_citation_author.identifier_ORCID' 
# 
_pdbx_database_status.status_code                     REL 
_pdbx_database_status.status_code_sf                  REL 
_pdbx_database_status.status_code_mr                  ? 
_pdbx_database_status.entry_id                        9UOA 
_pdbx_database_status.recvd_initial_deposition_date   2025-04-25 
_pdbx_database_status.SG_entry                        N 
_pdbx_database_status.deposit_site                    PDBJ 
_pdbx_database_status.process_site                    PDBJ 
_pdbx_database_status.status_code_cs                  ? 
_pdbx_database_status.status_code_nmr_data            ? 
_pdbx_database_status.methods_development_category    ? 
_pdbx_database_status.pdb_format_compatible           N 
# 
_pdbx_contact_author.id                 2 
_pdbx_contact_author.email              hoshino@chiba-u.jp 
_pdbx_contact_author.name_first         Tyuji 
_pdbx_contact_author.name_last          Hoshino 
_pdbx_contact_author.name_mi            ? 
_pdbx_contact_author.role               'principal investigator/group leader' 
_pdbx_contact_author.identifier_ORCID   0000-0003-4705-4412 
# 
loop_
_audit_author.name 
_audit_author.pdbx_ordinal 
_audit_author.identifier_ORCID 
'Wei, S.'            1 ? 
'Fujimoto, K.'       2 ? 
'Tang, K.'           3 ? 
'Zhan, P.'           4 ? 
'Menendez-Arias, L.' 5 ? 
'Hoshino, T.'        6 ? 
# 
_citation.abstract                  ? 
_citation.abstract_id_CAS           ? 
_citation.book_id_ISBN              ? 
_citation.book_publisher            ? 
_citation.book_publisher_city       ? 
_citation.book_title                ? 
_citation.coordinate_linkage        ? 
_citation.country                   US 
_citation.database_id_Medline       ? 
_citation.details                   ? 
_citation.id                        primary 
_citation.journal_abbrev            Biochemistry 
_citation.journal_id_ASTM           BICHAW 
_citation.journal_id_CSD            0033 
_citation.journal_id_ISSN           0006-2960 
_citation.journal_full              ? 
_citation.journal_issue             ? 
_citation.journal_volume            64 
_citation.language                  ? 
_citation.page_first                3695 
_citation.page_last                 3705 
_citation.title                     
'Structural Analysis of HIV-1 RNase H Bound to a Galloyl Active Site Inhibitor and Computational Compound Modification.' 
_citation.year                      2025 
_citation.database_id_CSD           ? 
_citation.pdbx_database_id_DOI      10.1021/acs.biochem.5c00266 
_citation.pdbx_database_id_PubMed   40801556 
_citation.pdbx_database_id_patent   ? 
_citation.unpublished_flag          ? 
# 
loop_
_citation_author.citation_id 
_citation_author.name 
_citation_author.ordinal 
_citation_author.identifier_ORCID 
primary 'Wei, S.'            1 ? 
primary 'Fujimoto, K.'       2 ? 
primary 'Tang, K.'           3 ? 
primary 'Zhan, P.'           4 ? 
primary 'Menendez-Arias, L.' 5 ? 
primary 'Hoshino, T.'        6 ? 
# 
loop_
_entity.id 
_entity.type 
_entity.src_method 
_entity.pdbx_description 
_entity.formula_weight 
_entity.pdbx_number_of_molecules 
_entity.pdbx_ec 
_entity.pdbx_mutation 
_entity.pdbx_fragment 
_entity.details 
1 polymer     man 'Reverse transcriptase/RNaseH'                                                            16832.285 1  ? ? ? ? 
2 non-polymer syn 'MANGANESE (II) ION'                                                                      54.938    2  ? ? ? ? 
3 non-polymer syn 'ZINC ION'                                                                                65.409    1  ? ? ? ? 
4 non-polymer syn '~{N}-[4-[4-[3,4,5-tris(oxidanyl)phenyl]carbonylpiperazin-1-yl]sulfonylphenyl]ethanamide' 435.451   1  ? ? ? ? 
5 water       nat water                                                                                     18.015    39 ? ? ? ? 
# 
_entity_poly.entity_id                      1 
_entity_poly.type                           'polypeptide(L)' 
_entity_poly.nstd_linkage                   no 
_entity_poly.nstd_monomer                   no 
_entity_poly.pdbx_seq_one_letter_code       
;GPGGSMYQLEKEPIVGAETFYVDGAANRETKLGKAGYVTNRGRQKVVTLTDTTNQKTELQAIYLALQDSGLEVNIVTDSQ
YALGIITQWIHNWKKRGWKTPVKNVDLVNQIIEQLIKKEKVYLAWVPAHKGIGGNEQVDKLVSAGIRKVLF
;
_entity_poly.pdbx_seq_one_letter_code_can   
;GPGGSMYQLEKEPIVGAETFYVDGAANRETKLGKAGYVTNRGRQKVVTLTDTTNQKTELQAIYLALQDSGLEVNIVTDSQ
YALGIITQWIHNWKKRGWKTPVKNVDLVNQIIEQLIKKEKVYLAWVPAHKGIGGNEQVDKLVSAGIRKVLF
;
_entity_poly.pdbx_strand_id                 A 
_entity_poly.pdbx_target_identifier         ? 
# 
loop_
_pdbx_entity_nonpoly.entity_id 
_pdbx_entity_nonpoly.name 
_pdbx_entity_nonpoly.comp_id 
2 'MANGANESE (II) ION'                                                                      MN    
3 'ZINC ION'                                                                                ZN    
4 '~{N}-[4-[4-[3,4,5-tris(oxidanyl)phenyl]carbonylpiperazin-1-yl]sulfonylphenyl]ethanamide' A1L9C 
5 water                                                                                     HOH   
# 
loop_
_entity_poly_seq.entity_id 
_entity_poly_seq.num 
_entity_poly_seq.mon_id 
_entity_poly_seq.hetero 
1 1   GLY n 
1 2   PRO n 
1 3   GLY n 
1 4   GLY n 
1 5   SER n 
1 6   MET n 
1 7   TYR n 
1 8   GLN n 
1 9   LEU n 
1 10  GLU n 
1 11  LYS n 
1 12  GLU n 
1 13  PRO n 
1 14  ILE n 
1 15  VAL n 
1 16  GLY n 
1 17  ALA n 
1 18  GLU n 
1 19  THR n 
1 20  PHE n 
1 21  TYR n 
1 22  VAL n 
1 23  ASP n 
1 24  GLY n 
1 25  ALA n 
1 26  ALA n 
1 27  ASN n 
1 28  ARG n 
1 29  GLU n 
1 30  THR n 
1 31  LYS n 
1 32  LEU n 
1 33  GLY n 
1 34  LYS n 
1 35  ALA n 
1 36  GLY n 
1 37  TYR n 
1 38  VAL n 
1 39  THR n 
1 40  ASN n 
1 41  ARG n 
1 42  GLY n 
1 43  ARG n 
1 44  GLN n 
1 45  LYS n 
1 46  VAL n 
1 47  VAL n 
1 48  THR n 
1 49  LEU n 
1 50  THR n 
1 51  ASP n 
1 52  THR n 
1 53  THR n 
1 54  ASN n 
1 55  GLN n 
1 56  LYS n 
1 57  THR n 
1 58  GLU n 
1 59  LEU n 
1 60  GLN n 
1 61  ALA n 
1 62  ILE n 
1 63  TYR n 
1 64  LEU n 
1 65  ALA n 
1 66  LEU n 
1 67  GLN n 
1 68  ASP n 
1 69  SER n 
1 70  GLY n 
1 71  LEU n 
1 72  GLU n 
1 73  VAL n 
1 74  ASN n 
1 75  ILE n 
1 76  VAL n 
1 77  THR n 
1 78  ASP n 
1 79  SER n 
1 80  GLN n 
1 81  TYR n 
1 82  ALA n 
1 83  LEU n 
1 84  GLY n 
1 85  ILE n 
1 86  ILE n 
1 87  THR n 
1 88  GLN n 
1 89  TRP n 
1 90  ILE n 
1 91  HIS n 
1 92  ASN n 
1 93  TRP n 
1 94  LYS n 
1 95  LYS n 
1 96  ARG n 
1 97  GLY n 
1 98  TRP n 
1 99  LYS n 
1 100 THR n 
1 101 PRO n 
1 102 VAL n 
1 103 LYS n 
1 104 ASN n 
1 105 VAL n 
1 106 ASP n 
1 107 LEU n 
1 108 VAL n 
1 109 ASN n 
1 110 GLN n 
1 111 ILE n 
1 112 ILE n 
1 113 GLU n 
1 114 GLN n 
1 115 LEU n 
1 116 ILE n 
1 117 LYS n 
1 118 LYS n 
1 119 GLU n 
1 120 LYS n 
1 121 VAL n 
1 122 TYR n 
1 123 LEU n 
1 124 ALA n 
1 125 TRP n 
1 126 VAL n 
1 127 PRO n 
1 128 ALA n 
1 129 HIS n 
1 130 LYS n 
1 131 GLY n 
1 132 ILE n 
1 133 GLY n 
1 134 GLY n 
1 135 ASN n 
1 136 GLU n 
1 137 GLN n 
1 138 VAL n 
1 139 ASP n 
1 140 LYS n 
1 141 LEU n 
1 142 VAL n 
1 143 SER n 
1 144 ALA n 
1 145 GLY n 
1 146 ILE n 
1 147 ARG n 
1 148 LYS n 
1 149 VAL n 
1 150 LEU n 
1 151 PHE n 
# 
loop_
_entity_src_gen.entity_id 
_entity_src_gen.pdbx_src_id 
_entity_src_gen.pdbx_alt_source_flag 
_entity_src_gen.pdbx_seq_type 
_entity_src_gen.pdbx_beg_seq_num 
_entity_src_gen.pdbx_end_seq_num 
_entity_src_gen.gene_src_common_name 
_entity_src_gen.gene_src_genus 
_entity_src_gen.pdbx_gene_src_gene 
_entity_src_gen.gene_src_species 
_entity_src_gen.gene_src_strain 
_entity_src_gen.gene_src_tissue 
_entity_src_gen.gene_src_tissue_fraction 
_entity_src_gen.gene_src_details 
_entity_src_gen.pdbx_gene_src_fragment 
_entity_src_gen.pdbx_gene_src_scientific_name 
_entity_src_gen.pdbx_gene_src_ncbi_taxonomy_id 
_entity_src_gen.pdbx_gene_src_variant 
_entity_src_gen.pdbx_gene_src_cell_line 
_entity_src_gen.pdbx_gene_src_atcc 
_entity_src_gen.pdbx_gene_src_organ 
_entity_src_gen.pdbx_gene_src_organelle 
_entity_src_gen.pdbx_gene_src_cell 
_entity_src_gen.pdbx_gene_src_cellular_location 
_entity_src_gen.host_org_common_name 
_entity_src_gen.pdbx_host_org_scientific_name 
_entity_src_gen.pdbx_host_org_ncbi_taxonomy_id 
_entity_src_gen.host_org_genus 
_entity_src_gen.pdbx_host_org_gene 
_entity_src_gen.pdbx_host_org_organ 
_entity_src_gen.host_org_species 
_entity_src_gen.pdbx_host_org_tissue 
_entity_src_gen.pdbx_host_org_tissue_fraction 
_entity_src_gen.pdbx_host_org_strain 
_entity_src_gen.pdbx_host_org_variant 
_entity_src_gen.pdbx_host_org_cell_line 
_entity_src_gen.pdbx_host_org_atcc 
_entity_src_gen.pdbx_host_org_culture_collection 
_entity_src_gen.pdbx_host_org_cell 
_entity_src_gen.pdbx_host_org_organelle 
_entity_src_gen.pdbx_host_org_cellular_location 
_entity_src_gen.pdbx_host_org_vector_type 
_entity_src_gen.pdbx_host_org_vector 
_entity_src_gen.host_org_details 
_entity_src_gen.expression_system_id 
_entity_src_gen.plasmid_name 
_entity_src_gen.plasmid_details 
_entity_src_gen.pdbx_description 
1 1 sample 'Biological sequence' 1  86  ?     ? pol ? ? ? ? ? ? 'Human immunodeficiency virus 1' 11676 ? ? ? ? ? ? ? ? 
'Escherichia coli' 562 ? ? ? ? ? ? ? ? ? ? ? ? ? ? plasmid ? ? ? 'pET50(b)' ? ? 
1 2 sample 'Biological sequence' 87 151 HIV-1 ? pol ? ? ? ? ? ? 'Human immunodeficiency virus 1' 11676 ? ? ? ? ? ? ? ? 
'Escherichia coli' 562 ? ? ? ? ? ? ? ? ? ? ? ? ? ? plasmid ? ? ? 'pET50(b)' ? ? 
# 
loop_
_chem_comp.id 
_chem_comp.type 
_chem_comp.mon_nstd_flag 
_chem_comp.name 
_chem_comp.pdbx_synonyms 
_chem_comp.formula 
_chem_comp.formula_weight 
A1L9C non-polymer         . '~{N}-[4-[4-[3,4,5-tris(oxidanyl)phenyl]carbonylpiperazin-1-yl]sulfonylphenyl]ethanamide' ? 
'C19 H21 N3 O7 S' 435.451 
ALA   'L-peptide linking' y ALANINE                                                                                   ? 
'C3 H7 N O2'      89.093  
ARG   'L-peptide linking' y ARGININE                                                                                  ? 
'C6 H15 N4 O2 1'  175.209 
ASN   'L-peptide linking' y ASPARAGINE                                                                                ? 
'C4 H8 N2 O3'     132.118 
ASP   'L-peptide linking' y 'ASPARTIC ACID'                                                                           ? 
'C4 H7 N O4'      133.103 
GLN   'L-peptide linking' y GLUTAMINE                                                                                 ? 
'C5 H10 N2 O3'    146.144 
GLU   'L-peptide linking' y 'GLUTAMIC ACID'                                                                           ? 
'C5 H9 N O4'      147.129 
GLY   'peptide linking'   y GLYCINE                                                                                   ? 
'C2 H5 N O2'      75.067  
HIS   'L-peptide linking' y HISTIDINE                                                                                 ? 
'C6 H10 N3 O2 1'  156.162 
HOH   non-polymer         . WATER                                                                                     ? 'H2 O' 
18.015  
ILE   'L-peptide linking' y ISOLEUCINE                                                                                ? 
'C6 H13 N O2'     131.173 
LEU   'L-peptide linking' y LEUCINE                                                                                   ? 
'C6 H13 N O2'     131.173 
LYS   'L-peptide linking' y LYSINE                                                                                    ? 
'C6 H15 N2 O2 1'  147.195 
MET   'L-peptide linking' y METHIONINE                                                                                ? 
'C5 H11 N O2 S'   149.211 
MN    non-polymer         . 'MANGANESE (II) ION'                                                                      ? 'Mn 2' 
54.938  
PHE   'L-peptide linking' y PHENYLALANINE                                                                             ? 
'C9 H11 N O2'     165.189 
PRO   'L-peptide linking' y PROLINE                                                                                   ? 
'C5 H9 N O2'      115.130 
SER   'L-peptide linking' y SERINE                                                                                    ? 
'C3 H7 N O3'      105.093 
THR   'L-peptide linking' y THREONINE                                                                                 ? 
'C4 H9 N O3'      119.119 
TRP   'L-peptide linking' y TRYPTOPHAN                                                                                ? 
'C11 H12 N2 O2'   204.225 
TYR   'L-peptide linking' y TYROSINE                                                                                  ? 
'C9 H11 N O3'     181.189 
VAL   'L-peptide linking' y VALINE                                                                                    ? 
'C5 H11 N O2'     117.146 
ZN    non-polymer         . 'ZINC ION'                                                                                ? 'Zn 2' 
65.409  
# 
loop_
_pdbx_poly_seq_scheme.asym_id 
_pdbx_poly_seq_scheme.entity_id 
_pdbx_poly_seq_scheme.seq_id 
_pdbx_poly_seq_scheme.mon_id 
_pdbx_poly_seq_scheme.ndb_seq_num 
_pdbx_poly_seq_scheme.pdb_seq_num 
_pdbx_poly_seq_scheme.auth_seq_num 
_pdbx_poly_seq_scheme.pdb_mon_id 
_pdbx_poly_seq_scheme.auth_mon_id 
_pdbx_poly_seq_scheme.pdb_strand_id 
_pdbx_poly_seq_scheme.pdb_ins_code 
_pdbx_poly_seq_scheme.hetero 
A 1 1   GLY 1   1   ?   ?   ?   A . n 
A 1 2   PRO 2   2   ?   ?   ?   A . n 
A 1 3   GLY 3   3   ?   ?   ?   A . n 
A 1 4   GLY 4   4   4   GLY GLY A . n 
A 1 5   SER 5   5   5   SER SER A . n 
A 1 6   MET 6   6   6   MET MET A . n 
A 1 7   TYR 7   7   7   TYR TYR A . n 
A 1 8   GLN 8   8   8   GLN GLN A . n 
A 1 9   LEU 9   9   9   LEU LEU A . n 
A 1 10  GLU 10  10  10  GLU GLU A . n 
A 1 11  LYS 11  11  11  LYS LYS A . n 
A 1 12  GLU 12  12  12  GLU GLU A . n 
A 1 13  PRO 13  13  13  PRO PRO A . n 
A 1 14  ILE 14  14  14  ILE ILE A . n 
A 1 15  VAL 15  15  15  VAL VAL A . n 
A 1 16  GLY 16  16  16  GLY GLY A . n 
A 1 17  ALA 17  17  17  ALA ALA A . n 
A 1 18  GLU 18  18  18  GLU GLU A . n 
A 1 19  THR 19  19  19  THR THR A . n 
A 1 20  PHE 20  20  20  PHE PHE A . n 
A 1 21  TYR 21  21  21  TYR TYR A . n 
A 1 22  VAL 22  22  22  VAL VAL A . n 
A 1 23  ASP 23  23  23  ASP ASP A . n 
A 1 24  GLY 24  24  24  GLY GLY A . n 
A 1 25  ALA 25  25  25  ALA ALA A . n 
A 1 26  ALA 26  26  26  ALA ALA A . n 
A 1 27  ASN 27  27  27  ASN ASN A . n 
A 1 28  ARG 28  28  28  ARG ARG A . n 
A 1 29  GLU 29  29  29  GLU GLU A . n 
A 1 30  THR 30  30  30  THR THR A . n 
A 1 31  LYS 31  31  31  LYS LYS A . n 
A 1 32  LEU 32  32  32  LEU LEU A . n 
A 1 33  GLY 33  33  33  GLY GLY A . n 
A 1 34  LYS 34  34  34  LYS LYS A . n 
A 1 35  ALA 35  35  35  ALA ALA A . n 
A 1 36  GLY 36  36  36  GLY GLY A . n 
A 1 37  TYR 37  37  37  TYR TYR A . n 
A 1 38  VAL 38  38  38  VAL VAL A . n 
A 1 39  THR 39  39  39  THR THR A . n 
A 1 40  ASN 40  40  40  ASN ASN A . n 
A 1 41  ARG 41  41  41  ARG ARG A . n 
A 1 42  GLY 42  42  42  GLY GLY A . n 
A 1 43  ARG 43  43  43  ARG ARG A . n 
A 1 44  GLN 44  44  44  GLN GLN A . n 
A 1 45  LYS 45  45  45  LYS LYS A . n 
A 1 46  VAL 46  46  46  VAL VAL A . n 
A 1 47  VAL 47  47  47  VAL VAL A . n 
A 1 48  THR 48  48  48  THR THR A . n 
A 1 49  LEU 49  49  49  LEU LEU A . n 
A 1 50  THR 50  50  50  THR THR A . n 
A 1 51  ASP 51  51  51  ASP ASP A . n 
A 1 52  THR 52  52  52  THR THR A . n 
A 1 53  THR 53  53  53  THR THR A . n 
A 1 54  ASN 54  54  54  ASN ASN A . n 
A 1 55  GLN 55  55  55  GLN GLN A . n 
A 1 56  LYS 56  56  56  LYS LYS A . n 
A 1 57  THR 57  57  57  THR THR A . n 
A 1 58  GLU 58  58  58  GLU GLU A . n 
A 1 59  LEU 59  59  59  LEU LEU A . n 
A 1 60  GLN 60  60  60  GLN GLN A . n 
A 1 61  ALA 61  61  61  ALA ALA A . n 
A 1 62  ILE 62  62  62  ILE ILE A . n 
A 1 63  TYR 63  63  63  TYR TYR A . n 
A 1 64  LEU 64  64  64  LEU LEU A . n 
A 1 65  ALA 65  65  65  ALA ALA A . n 
A 1 66  LEU 66  66  66  LEU LEU A . n 
A 1 67  GLN 67  67  67  GLN GLN A . n 
A 1 68  ASP 68  68  68  ASP ASP A . n 
A 1 69  SER 69  69  69  SER SER A . n 
A 1 70  GLY 70  70  70  GLY GLY A . n 
A 1 71  LEU 71  71  71  LEU LEU A . n 
A 1 72  GLU 72  72  72  GLU GLU A . n 
A 1 73  VAL 73  73  73  VAL VAL A . n 
A 1 74  ASN 74  74  74  ASN ASN A . n 
A 1 75  ILE 75  75  75  ILE ILE A . n 
A 1 76  VAL 76  76  76  VAL VAL A . n 
A 1 77  THR 77  77  77  THR THR A . n 
A 1 78  ASP 78  78  78  ASP ASP A . n 
A 1 79  SER 79  79  79  SER SER A . n 
A 1 80  GLN 80  80  80  GLN GLN A . n 
A 1 81  TYR 81  81  81  TYR TYR A . n 
A 1 82  ALA 82  82  82  ALA ALA A . n 
A 1 83  LEU 83  83  83  LEU LEU A . n 
A 1 84  GLY 84  84  84  GLY GLY A . n 
A 1 85  ILE 85  85  85  ILE ILE A . n 
A 1 86  ILE 86  86  86  ILE ILE A . n 
A 1 87  THR 87  87  87  THR THR A . n 
A 1 88  GLN 88  88  88  GLN GLN A . n 
A 1 89  TRP 89  89  89  TRP TRP A . n 
A 1 90  ILE 90  90  90  ILE ILE A . n 
A 1 91  HIS 91  91  91  HIS HIS A . n 
A 1 92  ASN 92  92  92  ASN ASN A . n 
A 1 93  TRP 93  93  93  TRP TRP A . n 
A 1 94  LYS 94  94  94  LYS LYS A . n 
A 1 95  LYS 95  95  95  LYS LYS A . n 
A 1 96  ARG 96  96  96  ARG ARG A . n 
A 1 97  GLY 97  97  97  GLY GLY A . n 
A 1 98  TRP 98  98  98  TRP TRP A . n 
A 1 99  LYS 99  99  99  LYS LYS A . n 
A 1 100 THR 100 100 100 THR THR A . n 
A 1 101 PRO 101 101 101 PRO PRO A . n 
A 1 102 VAL 102 102 102 VAL VAL A . n 
A 1 103 LYS 103 103 103 LYS LYS A . n 
A 1 104 ASN 104 104 104 ASN ASN A . n 
A 1 105 VAL 105 105 105 VAL VAL A . n 
A 1 106 ASP 106 106 106 ASP ASP A . n 
A 1 107 LEU 107 107 107 LEU LEU A . n 
A 1 108 VAL 108 108 108 VAL VAL A . n 
A 1 109 ASN 109 109 109 ASN ASN A . n 
A 1 110 GLN 110 110 110 GLN GLN A . n 
A 1 111 ILE 111 111 111 ILE ILE A . n 
A 1 112 ILE 112 112 112 ILE ILE A . n 
A 1 113 GLU 113 113 113 GLU GLU A . n 
A 1 114 GLN 114 114 114 GLN GLN A . n 
A 1 115 LEU 115 115 115 LEU LEU A . n 
A 1 116 ILE 116 116 116 ILE ILE A . n 
A 1 117 LYS 117 117 117 LYS LYS A . n 
A 1 118 LYS 118 118 118 LYS LYS A . n 
A 1 119 GLU 119 119 119 GLU GLU A . n 
A 1 120 LYS 120 120 120 LYS LYS A . n 
A 1 121 VAL 121 121 121 VAL VAL A . n 
A 1 122 TYR 122 122 122 TYR TYR A . n 
A 1 123 LEU 123 123 123 LEU LEU A . n 
A 1 124 ALA 124 124 124 ALA ALA A . n 
A 1 125 TRP 125 125 125 TRP TRP A . n 
A 1 126 VAL 126 126 126 VAL VAL A . n 
A 1 127 PRO 127 127 127 PRO PRO A . n 
A 1 128 ALA 128 128 128 ALA ALA A . n 
A 1 129 HIS 129 129 129 HIS HIS A . n 
A 1 130 LYS 130 130 130 LYS LYS A . n 
A 1 131 GLY 131 131 131 GLY GLY A . n 
A 1 132 ILE 132 132 132 ILE ILE A . n 
A 1 133 GLY 133 133 133 GLY GLY A . n 
A 1 134 GLY 134 134 134 GLY GLY A . n 
A 1 135 ASN 135 135 135 ASN ASN A . n 
A 1 136 GLU 136 136 136 GLU GLU A . n 
A 1 137 GLN 137 137 137 GLN GLN A . n 
A 1 138 VAL 138 138 138 VAL VAL A . n 
A 1 139 ASP 139 139 139 ASP ASP A . n 
A 1 140 LYS 140 140 140 LYS LYS A . n 
A 1 141 LEU 141 141 141 LEU LEU A . n 
A 1 142 VAL 142 142 142 VAL VAL A . n 
A 1 143 SER 143 143 143 SER SER A . n 
A 1 144 ALA 144 144 144 ALA ALA A . n 
A 1 145 GLY 145 145 145 GLY GLY A . n 
A 1 146 ILE 146 146 146 ILE ILE A . n 
A 1 147 ARG 147 147 147 ARG ARG A . n 
A 1 148 LYS 148 148 148 LYS LYS A . n 
A 1 149 VAL 149 149 149 VAL VAL A . n 
A 1 150 LEU 150 150 ?   ?   ?   A . n 
A 1 151 PHE 151 151 ?   ?   ?   A . n 
# 
loop_
_pdbx_entity_instance_feature.ordinal 
_pdbx_entity_instance_feature.comp_id 
_pdbx_entity_instance_feature.asym_id 
_pdbx_entity_instance_feature.seq_num 
_pdbx_entity_instance_feature.auth_comp_id 
_pdbx_entity_instance_feature.auth_asym_id 
_pdbx_entity_instance_feature.auth_seq_num 
_pdbx_entity_instance_feature.feature_type 
_pdbx_entity_instance_feature.details 
1 A1L9C ? ? A1L9C ? ? 'SUBJECT OF INVESTIGATION' ? 
2 MN    ? ? MN    ? ? 'SUBJECT OF INVESTIGATION' ? 
# 
loop_
_pdbx_nonpoly_scheme.asym_id 
_pdbx_nonpoly_scheme.entity_id 
_pdbx_nonpoly_scheme.mon_id 
_pdbx_nonpoly_scheme.ndb_seq_num 
_pdbx_nonpoly_scheme.pdb_seq_num 
_pdbx_nonpoly_scheme.auth_seq_num 
_pdbx_nonpoly_scheme.pdb_mon_id 
_pdbx_nonpoly_scheme.auth_mon_id 
_pdbx_nonpoly_scheme.pdb_strand_id 
_pdbx_nonpoly_scheme.pdb_ins_code 
B 2 MN    1  201 150 MN    MN  A . 
C 2 MN    1  202 151 MN    MN  A . 
D 3 ZN    1  203 152 ZN    ZN  A . 
E 4 A1L9C 1  204 201 A1L9C LIG A . 
F 5 HOH   1  301 11  HOH   HOH A . 
F 5 HOH   2  302 32  HOH   HOH A . 
F 5 HOH   3  303 39  HOH   HOH A . 
F 5 HOH   4  304 21  HOH   HOH A . 
F 5 HOH   5  305 34  HOH   HOH A . 
F 5 HOH   6  306 4   HOH   HOH A . 
F 5 HOH   7  307 29  HOH   HOH A . 
F 5 HOH   8  308 20  HOH   HOH A . 
F 5 HOH   9  309 33  HOH   HOH A . 
F 5 HOH   10 310 18  HOH   HOH A . 
F 5 HOH   11 311 16  HOH   HOH A . 
F 5 HOH   12 312 1   HOH   HOH A . 
F 5 HOH   13 313 26  HOH   HOH A . 
F 5 HOH   14 314 12  HOH   HOH A . 
F 5 HOH   15 315 8   HOH   HOH A . 
F 5 HOH   16 316 15  HOH   HOH A . 
F 5 HOH   17 317 3   HOH   HOH A . 
F 5 HOH   18 318 7   HOH   HOH A . 
F 5 HOH   19 319 13  HOH   HOH A . 
F 5 HOH   20 320 6   HOH   HOH A . 
F 5 HOH   21 321 28  HOH   HOH A . 
F 5 HOH   22 322 23  HOH   HOH A . 
F 5 HOH   23 323 36  HOH   HOH A . 
F 5 HOH   24 324 5   HOH   HOH A . 
F 5 HOH   25 325 27  HOH   HOH A . 
F 5 HOH   26 326 9   HOH   HOH A . 
F 5 HOH   27 327 25  HOH   HOH A . 
F 5 HOH   28 328 2   HOH   HOH A . 
F 5 HOH   29 329 14  HOH   HOH A . 
F 5 HOH   30 330 19  HOH   HOH A . 
F 5 HOH   31 331 30  HOH   HOH A . 
F 5 HOH   32 332 24  HOH   HOH A . 
F 5 HOH   33 333 38  HOH   HOH A . 
F 5 HOH   34 334 22  HOH   HOH A . 
F 5 HOH   35 335 35  HOH   HOH A . 
F 5 HOH   36 336 10  HOH   HOH A . 
F 5 HOH   37 337 17  HOH   HOH A . 
F 5 HOH   38 338 31  HOH   HOH A . 
F 5 HOH   39 339 37  HOH   HOH A . 
# 
loop_
_software.citation_id 
_software.classification 
_software.compiler_name 
_software.compiler_version 
_software.contact_author 
_software.contact_author_email 
_software.date 
_software.description 
_software.dependencies 
_software.hardware 
_software.language 
_software.location 
_software.mods 
_software.name 
_software.os 
_software.os_version 
_software.type 
_software.version 
_software.pdbx_reference_DOI 
_software.pdbx_ordinal 
? refinement        ? ? ? ? ? ? ? ? ? ? ? PHENIX      ? ? ? '(1.20.1_4487: ???)' ? 1 
? 'data scaling'    ? ? ? ? ? ? ? ? ? ? ? Aimless     ? ? ? .                    ? 2 
? 'data extraction' ? ? ? ? ? ? ? ? ? ? ? PDB_EXTRACT ? ? ? .                    ? 3 
? 'data reduction'  ? ? ? ? ? ? ? ? ? ? ? XDS         ? ? ? .                    ? 4 
? phasing           ? ? ? ? ? ? ? ? ? ? ? PHASER      ? ? ? .                    ? 5 
# 
_cell.angle_alpha                  90.00 
_cell.angle_alpha_esd              ? 
_cell.angle_beta                   90.00 
_cell.angle_beta_esd               ? 
_cell.angle_gamma                  90.00 
_cell.angle_gamma_esd              ? 
_cell.entry_id                     9UOA 
_cell.details                      ? 
_cell.formula_units_Z              ? 
_cell.length_a                     61.255 
_cell.length_a_esd                 ? 
_cell.length_b                     61.255 
_cell.length_b_esd                 ? 
_cell.length_c                     83.122 
_cell.length_c_esd                 ? 
_cell.volume                       ? 
_cell.volume_esd                   ? 
_cell.Z_PDB                        8 
_cell.reciprocal_angle_alpha       ? 
_cell.reciprocal_angle_beta        ? 
_cell.reciprocal_angle_gamma       ? 
_cell.reciprocal_angle_alpha_esd   ? 
_cell.reciprocal_angle_beta_esd    ? 
_cell.reciprocal_angle_gamma_esd   ? 
_cell.reciprocal_length_a          ? 
_cell.reciprocal_length_b          ? 
_cell.reciprocal_length_c          ? 
_cell.reciprocal_length_a_esd      ? 
_cell.reciprocal_length_b_esd      ? 
_cell.reciprocal_length_c_esd      ? 
_cell.pdbx_unique_axis             ? 
_cell.pdbx_esd_method              ? 
# 
_symmetry.entry_id                         9UOA 
_symmetry.cell_setting                     ? 
_symmetry.Int_Tables_number                92 
_symmetry.space_group_name_Hall            ? 
_symmetry.space_group_name_H-M             'P 41 21 2' 
_symmetry.pdbx_full_space_group_name_H-M   ? 
# 
_exptl.absorpt_coefficient_mu     ? 
_exptl.absorpt_correction_T_max   ? 
_exptl.absorpt_correction_T_min   ? 
_exptl.absorpt_correction_type    ? 
_exptl.absorpt_process_details    ? 
_exptl.entry_id                   9UOA 
_exptl.crystals_number            1 
_exptl.details                    ? 
_exptl.method                     'X-RAY DIFFRACTION' 
_exptl.method_details             ? 
# 
_exptl_crystal.colour                       ? 
_exptl_crystal.density_diffrn               ? 
_exptl_crystal.density_Matthews             2.32 
_exptl_crystal.density_method               ? 
_exptl_crystal.density_percent_sol          46.89 
_exptl_crystal.description                  ? 
_exptl_crystal.F_000                        ? 
_exptl_crystal.id                           1 
_exptl_crystal.preparation                  ? 
_exptl_crystal.size_max                     ? 
_exptl_crystal.size_mid                     ? 
_exptl_crystal.size_min                     ? 
_exptl_crystal.size_rad                     ? 
_exptl_crystal.colour_lustre                ? 
_exptl_crystal.colour_modifier              ? 
_exptl_crystal.colour_primary               ? 
_exptl_crystal.density_meas                 ? 
_exptl_crystal.density_meas_esd             ? 
_exptl_crystal.density_meas_gt              ? 
_exptl_crystal.density_meas_lt              ? 
_exptl_crystal.density_meas_temp            ? 
_exptl_crystal.density_meas_temp_esd        ? 
_exptl_crystal.density_meas_temp_gt         ? 
_exptl_crystal.density_meas_temp_lt         ? 
_exptl_crystal.pdbx_crystal_image_url       ? 
_exptl_crystal.pdbx_crystal_image_format    ? 
_exptl_crystal.pdbx_mosaicity               ? 
_exptl_crystal.pdbx_mosaicity_esd           ? 
_exptl_crystal.pdbx_mosaic_method           ? 
_exptl_crystal.pdbx_mosaic_block_size       ? 
_exptl_crystal.pdbx_mosaic_block_size_esd   ? 
# 
_exptl_crystal_grow.apparatus       ? 
_exptl_crystal_grow.atmosphere      ? 
_exptl_crystal_grow.crystal_id      1 
_exptl_crystal_grow.details         ? 
_exptl_crystal_grow.method          'VAPOR DIFFUSION, HANGING DROP' 
_exptl_crystal_grow.method_ref      ? 
_exptl_crystal_grow.pH              6.6 
_exptl_crystal_grow.pressure        ? 
_exptl_crystal_grow.pressure_esd    ? 
_exptl_crystal_grow.seeding         ? 
_exptl_crystal_grow.seeding_ref     ? 
_exptl_crystal_grow.temp_details    ? 
_exptl_crystal_grow.temp_esd        ? 
_exptl_crystal_grow.time            ? 
_exptl_crystal_grow.pdbx_details    '0.1M MES, 26%(v/v) PEG 6000, 0.01M Zinc Sulfate, 0.001M MANGANESE CHLORIDE' 
_exptl_crystal_grow.pdbx_pH_range   ? 
_exptl_crystal_grow.temp            291 
# 
_diffrn.ambient_environment              ? 
_diffrn.ambient_temp                     100 
_diffrn.ambient_temp_details             ? 
_diffrn.ambient_temp_esd                 ? 
_diffrn.crystal_id                       1 
_diffrn.crystal_support                  ? 
_diffrn.crystal_treatment                ? 
_diffrn.details                          ? 
_diffrn.id                               1 
_diffrn.ambient_pressure                 ? 
_diffrn.ambient_pressure_esd             ? 
_diffrn.ambient_pressure_gt              ? 
_diffrn.ambient_pressure_lt              ? 
_diffrn.ambient_temp_gt                  ? 
_diffrn.ambient_temp_lt                  ? 
_diffrn.pdbx_serial_crystal_experiment   N 
# 
_diffrn_detector.details                      ? 
_diffrn_detector.detector                     PIXEL 
_diffrn_detector.diffrn_id                    1 
_diffrn_detector.type                         'DECTRIS EIGER X 4M' 
_diffrn_detector.area_resol_mean              ? 
_diffrn_detector.dtime                        ? 
_diffrn_detector.pdbx_frames_total            ? 
_diffrn_detector.pdbx_collection_time_total   ? 
_diffrn_detector.pdbx_collection_date         2024-03-23 
_diffrn_detector.pdbx_frequency               ? 
_diffrn_detector.id                           ? 
_diffrn_detector.number_of_axes               ? 
# 
_diffrn_radiation.collimation                      ? 
_diffrn_radiation.diffrn_id                        1 
_diffrn_radiation.filter_edge                      ? 
_diffrn_radiation.inhomogeneity                    ? 
_diffrn_radiation.monochromator                    'Si(111)' 
_diffrn_radiation.polarisn_norm                    ? 
_diffrn_radiation.polarisn_ratio                   ? 
_diffrn_radiation.probe                            ? 
_diffrn_radiation.type                             ? 
_diffrn_radiation.xray_symbol                      ? 
_diffrn_radiation.wavelength_id                    1 
_diffrn_radiation.pdbx_monochromatic_or_laue_m_l   M 
_diffrn_radiation.pdbx_wavelength_list             ? 
_diffrn_radiation.pdbx_wavelength                  ? 
_diffrn_radiation.pdbx_diffrn_protocol             'SINGLE WAVELENGTH' 
_diffrn_radiation.pdbx_analyzer                    ? 
_diffrn_radiation.pdbx_scattering_type             x-ray 
# 
_diffrn_radiation_wavelength.id           1 
_diffrn_radiation_wavelength.wavelength   0.98 
_diffrn_radiation_wavelength.wt           1.0 
# 
_diffrn_source.current                     ? 
_diffrn_source.details                     ? 
_diffrn_source.diffrn_id                   1 
_diffrn_source.power                       ? 
_diffrn_source.size                        ? 
_diffrn_source.source                      SYNCHROTRON 
_diffrn_source.target                      ? 
_diffrn_source.type                        'PHOTON FACTORY BEAMLINE BL-17A' 
_diffrn_source.voltage                     ? 
_diffrn_source.take-off_angle              ? 
_diffrn_source.pdbx_wavelength_list        0.98 
_diffrn_source.pdbx_wavelength             ? 
_diffrn_source.pdbx_synchrotron_beamline   BL-17A 
_diffrn_source.pdbx_synchrotron_site       'Photon Factory' 
# 
_reflns.B_iso_Wilson_estimate                          ? 
_reflns.entry_id                                       9UOA 
_reflns.data_reduction_details                         ? 
_reflns.data_reduction_method                          ? 
_reflns.d_resolution_high                              1.96 
_reflns.d_resolution_low                               43.31 
_reflns.details                                        ? 
_reflns.limit_h_max                                    ? 
_reflns.limit_h_min                                    ? 
_reflns.limit_k_max                                    ? 
_reflns.limit_k_min                                    ? 
_reflns.limit_l_max                                    ? 
_reflns.limit_l_min                                    ? 
_reflns.number_all                                     ? 
_reflns.number_obs                                     11986 
_reflns.observed_criterion                             ? 
_reflns.observed_criterion_F_max                       ? 
_reflns.observed_criterion_F_min                       ? 
_reflns.observed_criterion_I_max                       ? 
_reflns.observed_criterion_I_min                       ? 
_reflns.observed_criterion_sigma_F                     ? 
_reflns.observed_criterion_sigma_I                     ? 
_reflns.percent_possible_obs                           100.0 
_reflns.R_free_details                                 ? 
_reflns.Rmerge_F_all                                   ? 
_reflns.Rmerge_F_obs                                   ? 
_reflns.Friedel_coverage                               ? 
_reflns.number_gt                                      ? 
_reflns.threshold_expression                           ? 
_reflns.pdbx_redundancy                                24.1 
_reflns.pdbx_netI_over_av_sigmaI                       ? 
_reflns.pdbx_netI_over_sigmaI                          24.0 
_reflns.pdbx_res_netI_over_av_sigmaI_2                 ? 
_reflns.pdbx_res_netI_over_sigmaI_2                    ? 
_reflns.pdbx_chi_squared                               1.22 
_reflns.pdbx_scaling_rejects                           ? 
_reflns.pdbx_d_res_high_opt                            ? 
_reflns.pdbx_d_res_low_opt                             ? 
_reflns.pdbx_d_res_opt_method                          ? 
_reflns.phase_calculation_details                      ? 
_reflns.pdbx_Rrim_I_all                                0.084 
_reflns.pdbx_Rpim_I_all                                0.017 
_reflns.pdbx_d_opt                                     ? 
_reflns.pdbx_number_measured_all                       288857 
_reflns.pdbx_diffrn_id                                 1 
_reflns.pdbx_ordinal                                   1 
_reflns.pdbx_CC_half                                   0.999 
_reflns.pdbx_CC_star                                   ? 
_reflns.pdbx_R_split                                   ? 
_reflns.pdbx_Rmerge_I_obs                              0.082 
_reflns.pdbx_Rmerge_I_all                              ? 
_reflns.pdbx_Rsym_value                                ? 
_reflns.pdbx_CC_split_method                           ? 
_reflns.pdbx_aniso_diffraction_limit_axis_1_ortho[1]   ? 
_reflns.pdbx_aniso_diffraction_limit_axis_1_ortho[2]   ? 
_reflns.pdbx_aniso_diffraction_limit_axis_1_ortho[3]   ? 
_reflns.pdbx_aniso_diffraction_limit_axis_2_ortho[1]   ? 
_reflns.pdbx_aniso_diffraction_limit_axis_2_ortho[2]   ? 
_reflns.pdbx_aniso_diffraction_limit_axis_2_ortho[3]   ? 
_reflns.pdbx_aniso_diffraction_limit_axis_3_ortho[1]   ? 
_reflns.pdbx_aniso_diffraction_limit_axis_3_ortho[2]   ? 
_reflns.pdbx_aniso_diffraction_limit_axis_3_ortho[3]   ? 
_reflns.pdbx_aniso_diffraction_limit_1                 ? 
_reflns.pdbx_aniso_diffraction_limit_2                 ? 
_reflns.pdbx_aniso_diffraction_limit_3                 ? 
_reflns.pdbx_aniso_B_tensor_eigenvector_1_ortho[1]     ? 
_reflns.pdbx_aniso_B_tensor_eigenvector_1_ortho[2]     ? 
_reflns.pdbx_aniso_B_tensor_eigenvector_1_ortho[3]     ? 
_reflns.pdbx_aniso_B_tensor_eigenvector_2_ortho[1]     ? 
_reflns.pdbx_aniso_B_tensor_eigenvector_2_ortho[2]     ? 
_reflns.pdbx_aniso_B_tensor_eigenvector_2_ortho[3]     ? 
_reflns.pdbx_aniso_B_tensor_eigenvector_3_ortho[1]     ? 
_reflns.pdbx_aniso_B_tensor_eigenvector_3_ortho[2]     ? 
_reflns.pdbx_aniso_B_tensor_eigenvector_3_ortho[3]     ? 
_reflns.pdbx_aniso_B_tensor_eigenvalue_1               ? 
_reflns.pdbx_aniso_B_tensor_eigenvalue_2               ? 
_reflns.pdbx_aniso_B_tensor_eigenvalue_3               ? 
_reflns.pdbx_orthogonalization_convention              ? 
_reflns.pdbx_percent_possible_ellipsoidal              ? 
_reflns.pdbx_percent_possible_spherical                ? 
_reflns.pdbx_percent_possible_ellipsoidal_anomalous    ? 
_reflns.pdbx_percent_possible_spherical_anomalous      ? 
_reflns.pdbx_redundancy_anomalous                      ? 
_reflns.pdbx_CC_half_anomalous                         ? 
_reflns.pdbx_absDiff_over_sigma_anomalous              ? 
_reflns.pdbx_percent_possible_anomalous                ? 
_reflns.pdbx_observed_signal_threshold                 ? 
_reflns.pdbx_signal_type                               ? 
_reflns.pdbx_signal_details                            ? 
_reflns.pdbx_signal_software_id                        ? 
# 
_reflns_shell.d_res_high                                    1.96 
_reflns_shell.d_res_low                                     2.01 
_reflns_shell.meanI_over_sigI_all                           ? 
_reflns_shell.meanI_over_sigI_obs                           ? 
_reflns_shell.number_measured_all                           20530 
_reflns_shell.number_measured_obs                           ? 
_reflns_shell.number_possible                               ? 
_reflns_shell.number_unique_all                             ? 
_reflns_shell.number_unique_obs                             813 
_reflns_shell.percent_possible_obs                          100.0 
_reflns_shell.Rmerge_F_all                                  ? 
_reflns_shell.Rmerge_F_obs                                  ? 
_reflns_shell.meanI_over_sigI_gt                            ? 
_reflns_shell.meanI_over_uI_all                             ? 
_reflns_shell.meanI_over_uI_gt                              ? 
_reflns_shell.number_measured_gt                            ? 
_reflns_shell.number_unique_gt                              ? 
_reflns_shell.percent_possible_gt                           ? 
_reflns_shell.Rmerge_F_gt                                   ? 
_reflns_shell.Rmerge_I_gt                                   ? 
_reflns_shell.pdbx_redundancy                               25.3 
_reflns_shell.pdbx_chi_squared                              0.83 
_reflns_shell.pdbx_netI_over_sigmaI_all                     ? 
_reflns_shell.pdbx_netI_over_sigmaI_obs                     2.8 
_reflns_shell.pdbx_Rrim_I_all                               1.349 
_reflns_shell.pdbx_Rpim_I_all                               0.264 
_reflns_shell.pdbx_rejects                                  ? 
_reflns_shell.pdbx_ordinal                                  1 
_reflns_shell.pdbx_diffrn_id                                1 
_reflns_shell.pdbx_CC_half                                  0.880 
_reflns_shell.pdbx_CC_star                                  ? 
_reflns_shell.pdbx_R_split                                  ? 
_reflns_shell.percent_possible_all                          ? 
_reflns_shell.Rmerge_I_all                                  ? 
_reflns_shell.Rmerge_I_obs                                  1.322 
_reflns_shell.pdbx_Rsym_value                               ? 
_reflns_shell.pdbx_percent_possible_ellipsoidal             ? 
_reflns_shell.pdbx_percent_possible_spherical               ? 
_reflns_shell.pdbx_percent_possible_ellipsoidal_anomalous   ? 
_reflns_shell.pdbx_percent_possible_spherical_anomalous     ? 
_reflns_shell.pdbx_redundancy_anomalous                     ? 
_reflns_shell.pdbx_CC_half_anomalous                        ? 
_reflns_shell.pdbx_absDiff_over_sigma_anomalous             ? 
_reflns_shell.pdbx_percent_possible_anomalous               ? 
# 
_refine.aniso_B[1][1]                            ? 
_refine.aniso_B[1][2]                            ? 
_refine.aniso_B[1][3]                            ? 
_refine.aniso_B[2][2]                            ? 
_refine.aniso_B[2][3]                            ? 
_refine.aniso_B[3][3]                            ? 
_refine.B_iso_max                                ? 
_refine.B_iso_mean                               ? 
_refine.B_iso_min                                ? 
_refine.correlation_coeff_Fo_to_Fc               ? 
_refine.correlation_coeff_Fo_to_Fc_free          ? 
_refine.details                                  ? 
_refine.diff_density_max                         ? 
_refine.diff_density_max_esd                     ? 
_refine.diff_density_min                         ? 
_refine.diff_density_min_esd                     ? 
_refine.diff_density_rms                         ? 
_refine.diff_density_rms_esd                     ? 
_refine.entry_id                                 9UOA 
_refine.pdbx_refine_id                           'X-RAY DIFFRACTION' 
_refine.ls_abs_structure_details                 ? 
_refine.ls_abs_structure_Flack                   ? 
_refine.ls_abs_structure_Flack_esd               ? 
_refine.ls_abs_structure_Rogers                  ? 
_refine.ls_abs_structure_Rogers_esd              ? 
_refine.ls_d_res_high                            1.96 
_refine.ls_d_res_low                             43.31 
_refine.ls_extinction_coef                       ? 
_refine.ls_extinction_coef_esd                   ? 
_refine.ls_extinction_expression                 ? 
_refine.ls_extinction_method                     ? 
_refine.ls_goodness_of_fit_all                   ? 
_refine.ls_goodness_of_fit_all_esd               ? 
_refine.ls_goodness_of_fit_obs                   ? 
_refine.ls_goodness_of_fit_obs_esd               ? 
_refine.ls_hydrogen_treatment                    ? 
_refine.ls_matrix_type                           ? 
_refine.ls_number_constraints                    ? 
_refine.ls_number_parameters                     ? 
_refine.ls_number_reflns_all                     ? 
_refine.ls_number_reflns_obs                     11512 
_refine.ls_number_reflns_R_free                  1151 
_refine.ls_number_reflns_R_work                  ? 
_refine.ls_number_restraints                     ? 
_refine.ls_percent_reflns_obs                    96.42 
_refine.ls_percent_reflns_R_free                 10.00 
_refine.ls_R_factor_all                          ? 
_refine.ls_R_factor_obs                          0.2537 
_refine.ls_R_factor_R_free                       0.2816 
_refine.ls_R_factor_R_free_error                 ? 
_refine.ls_R_factor_R_free_error_details         ? 
_refine.ls_R_factor_R_work                       0.2505 
_refine.ls_R_Fsqd_factor_obs                     ? 
_refine.ls_R_I_factor_obs                        ? 
_refine.ls_redundancy_reflns_all                 ? 
_refine.ls_redundancy_reflns_obs                 ? 
_refine.ls_restrained_S_all                      ? 
_refine.ls_restrained_S_obs                      ? 
_refine.ls_shift_over_esd_max                    ? 
_refine.ls_shift_over_esd_mean                   ? 
_refine.ls_structure_factor_coef                 ? 
_refine.ls_weighting_details                     ? 
_refine.ls_weighting_scheme                      ? 
_refine.ls_wR_factor_all                         ? 
_refine.ls_wR_factor_obs                         ? 
_refine.ls_wR_factor_R_free                      ? 
_refine.ls_wR_factor_R_work                      ? 
_refine.occupancy_max                            ? 
_refine.occupancy_min                            ? 
_refine.solvent_model_details                    'FLAT BULK SOLVENT MODEL' 
_refine.solvent_model_param_bsol                 ? 
_refine.solvent_model_param_ksol                 ? 
_refine.correlation_coeff_I_to_Fcsqd_work        ? 
_refine.correlation_coeff_I_to_Fcsqd_free        ? 
_refine.pdbx_R_complete                          ? 
_refine.ls_R_factor_gt                           ? 
_refine.ls_goodness_of_fit_gt                    ? 
_refine.ls_goodness_of_fit_ref                   ? 
_refine.ls_shift_over_su_max                     ? 
_refine.ls_shift_over_su_max_lt                  ? 
_refine.ls_shift_over_su_mean                    ? 
_refine.ls_shift_over_su_mean_lt                 ? 
_refine.pdbx_ls_sigma_I                          ? 
_refine.pdbx_ls_sigma_F                          1.33 
_refine.pdbx_ls_sigma_Fsqd                       ? 
_refine.pdbx_data_cutoff_high_absF               ? 
_refine.pdbx_data_cutoff_high_rms_absF           ? 
_refine.pdbx_data_cutoff_low_absF                ? 
_refine.pdbx_isotropic_thermal_model             ? 
_refine.pdbx_ls_cross_valid_method               'FREE R-VALUE' 
_refine.pdbx_method_to_determine_struct          'MOLECULAR REPLACEMENT' 
_refine.pdbx_starting_model                      ? 
_refine.pdbx_stereochemistry_target_values       ML 
_refine.pdbx_R_Free_selection_details            ? 
_refine.pdbx_stereochem_target_val_spec_case     ? 
_refine.pdbx_overall_ESU_R                       ? 
_refine.pdbx_overall_ESU_R_Free                  ? 
_refine.pdbx_solvent_vdw_probe_radii             1.10 
_refine.pdbx_solvent_ion_probe_radii             ? 
_refine.pdbx_solvent_shrinkage_radii             0.90 
_refine.pdbx_real_space_R                        ? 
_refine.pdbx_density_correlation                 ? 
_refine.pdbx_pd_number_of_powder_patterns        ? 
_refine.pdbx_pd_number_of_points                 ? 
_refine.pdbx_pd_meas_number_of_points            ? 
_refine.pdbx_pd_proc_ls_prof_R_factor            ? 
_refine.pdbx_pd_proc_ls_prof_wR_factor           ? 
_refine.pdbx_pd_Marquardt_correlation_coeff      ? 
_refine.pdbx_pd_Fsqrd_R_factor                   ? 
_refine.pdbx_pd_ls_matrix_band_width             ? 
_refine.pdbx_overall_phase_error                 32.98 
_refine.pdbx_overall_SU_R_free_Cruickshank_DPI   ? 
_refine.pdbx_overall_SU_R_free_Blow_DPI          ? 
_refine.pdbx_overall_SU_R_Blow_DPI               ? 
_refine.pdbx_TLS_residual_ADP_flag               ? 
_refine.pdbx_diffrn_id                           1 
_refine.overall_SU_B                             ? 
_refine.overall_SU_ML                            0.31 
_refine.overall_SU_R_Cruickshank_DPI             ? 
_refine.overall_SU_R_free                        ? 
_refine.overall_FOM_free_R_set                   ? 
_refine.overall_FOM_work_R_set                   ? 
_refine.pdbx_average_fsc_overall                 ? 
_refine.pdbx_average_fsc_work                    ? 
_refine.pdbx_average_fsc_free                    ? 
# 
_refine_hist.pdbx_refine_id                   'X-RAY DIFFRACTION' 
_refine_hist.cycle_id                         LAST 
_refine_hist.details                          ? 
_refine_hist.d_res_high                       1.96 
_refine_hist.d_res_low                        43.31 
_refine_hist.number_atoms_solvent             39 
_refine_hist.number_atoms_total               1226 
_refine_hist.number_reflns_all                ? 
_refine_hist.number_reflns_obs                ? 
_refine_hist.number_reflns_R_free             ? 
_refine_hist.number_reflns_R_work             ? 
_refine_hist.R_factor_all                     ? 
_refine_hist.R_factor_obs                     ? 
_refine_hist.R_factor_R_free                  ? 
_refine_hist.R_factor_R_work                  ? 
_refine_hist.pdbx_number_residues_total       ? 
_refine_hist.pdbx_B_iso_mean_ligand           ? 
_refine_hist.pdbx_B_iso_mean_solvent          ? 
_refine_hist.pdbx_number_atoms_protein        1154 
_refine_hist.pdbx_number_atoms_nucleic_acid   0 
_refine_hist.pdbx_number_atoms_ligand         33 
_refine_hist.pdbx_number_atoms_lipid          ? 
_refine_hist.pdbx_number_atoms_carb           ? 
_refine_hist.pdbx_pseudo_atom_details         ? 
# 
loop_
_refine_ls_restr.pdbx_refine_id 
_refine_ls_restr.criterion 
_refine_ls_restr.dev_ideal 
_refine_ls_restr.dev_ideal_target 
_refine_ls_restr.number 
_refine_ls_restr.rejects 
_refine_ls_restr.type 
_refine_ls_restr.weight 
_refine_ls_restr.pdbx_Zscore 
_refine_ls_restr.pdbx_restraint_function 
'X-RAY DIFFRACTION' ? 0.007 ? ?   ? f_bond_d           ? ? ? 
'X-RAY DIFFRACTION' ? 1.078 ? ?   ? f_angle_d          ? ? ? 
'X-RAY DIFFRACTION' ? 5.394 ? 169 ? f_dihedral_angle_d ? ? ? 
'X-RAY DIFFRACTION' ? 0.041 ? 184 ? f_chiral_restr     ? ? ? 
'X-RAY DIFFRACTION' ? 0.007 ? 204 ? f_plane_restr      ? ? ? 
# 
loop_
_refine_ls_shell.pdbx_refine_id 
_refine_ls_shell.d_res_high 
_refine_ls_shell.d_res_low 
_refine_ls_shell.number_reflns_all 
_refine_ls_shell.number_reflns_obs 
_refine_ls_shell.number_reflns_R_free 
_refine_ls_shell.number_reflns_R_work 
_refine_ls_shell.percent_reflns_obs 
_refine_ls_shell.percent_reflns_R_free 
_refine_ls_shell.R_factor_all 
_refine_ls_shell.R_factor_obs 
_refine_ls_shell.R_factor_R_free_error 
_refine_ls_shell.R_factor_R_work 
_refine_ls_shell.redundancy_reflns_all 
_refine_ls_shell.redundancy_reflns_obs 
_refine_ls_shell.wR_factor_all 
_refine_ls_shell.wR_factor_obs 
_refine_ls_shell.wR_factor_R_free 
_refine_ls_shell.wR_factor_R_work 
_refine_ls_shell.pdbx_R_complete 
_refine_ls_shell.correlation_coeff_Fo_to_Fc 
_refine_ls_shell.correlation_coeff_Fo_to_Fc_free 
_refine_ls_shell.correlation_coeff_I_to_Fcsqd_work 
_refine_ls_shell.correlation_coeff_I_to_Fcsqd_free 
_refine_ls_shell.pdbx_total_number_of_bins_used 
_refine_ls_shell.pdbx_phase_error 
_refine_ls_shell.pdbx_fsc_work 
_refine_ls_shell.pdbx_fsc_free 
_refine_ls_shell.R_factor_R_free 
'X-RAY DIFFRACTION' 1.96 2.05  . . 141 1276 98.00  . . . . 0.3241 . . . . . . . . . . . . . . . 0.3985 
'X-RAY DIFFRACTION' 2.05 2.15  . . 122 1101 84.00  . . . . 0.3654 . . . . . . . . . . . . . . . 0.4207 
'X-RAY DIFFRACTION' 2.16 2.29  . . 133 1193 90.00  . . . . 0.3513 . . . . . . . . . . . . . . . 0.3505 
'X-RAY DIFFRACTION' 2.29 2.47  . . 147 1319 100.00 . . . . 0.2712 . . . . . . . . . . . . . . . 0.3235 
'X-RAY DIFFRACTION' 2.47 2.72  . . 145 1311 99.00  . . . . 0.2688 . . . . . . . . . . . . . . . 0.3179 
'X-RAY DIFFRACTION' 2.72 3.11  . . 150 1344 100.00 . . . . 0.2728 . . . . . . . . . . . . . . . 0.2936 
'X-RAY DIFFRACTION' 3.11 3.91  . . 151 1360 100.00 . . . . 0.2398 . . . . . . . . . . . . . . . 0.2773 
'X-RAY DIFFRACTION' 3.92 43.31 . . 162 1457 100.00 . . . . 0.2161 . . . . . . . . . . . . . . . 0.2359 
# 
_struct.entry_id                     9UOA 
_struct.title                        
'Crystal structure of HIV-1 Reverse Transcriptase RNase H domain complexed with a galloyl inhibitor' 
_struct.pdbx_model_details           ? 
_struct.pdbx_formula_weight          ? 
_struct.pdbx_formula_weight_method   ? 
_struct.pdbx_model_type_details      ? 
_struct.pdbx_CASP_flag               N 
# 
_struct_keywords.entry_id        9UOA 
_struct_keywords.text            'Inhibitor, Complex, RNase, VIRAL PROTEIN' 
_struct_keywords.pdbx_keywords   'VIRAL PROTEIN' 
# 
loop_
_struct_asym.id 
_struct_asym.pdbx_blank_PDB_chainid_flag 
_struct_asym.pdbx_modified 
_struct_asym.entity_id 
_struct_asym.details 
A N N 1 ? 
B N N 2 ? 
C N N 2 ? 
D N N 3 ? 
E N N 4 ? 
F N N 5 ? 
# 
loop_
_struct_ref.id 
_struct_ref.db_name 
_struct_ref.db_code 
_struct_ref.pdbx_db_accession 
_struct_ref.pdbx_db_isoform 
_struct_ref.entity_id 
_struct_ref.pdbx_seq_one_letter_code 
_struct_ref.pdbx_align_begin 
1 UNP Q72547_HV1 Q72547 ? 1 
;YQLEKEPIVGAETFYVDGAANRETKLGKAGYVTNRGRQKVVTLTDTTNQKTELQAIYLALQDSGLEVNIVTDSQYALGII

;
427 
2 UNP Q72547_HV1 Q72547 ? 1 LVNQIIEQLIKKEKVYLAWVPAHKGIGGNEQVDKLVSAGIRKVLF                                       517 
# 
loop_
_struct_ref_seq.align_id 
_struct_ref_seq.ref_id 
_struct_ref_seq.pdbx_PDB_id_code 
_struct_ref_seq.pdbx_strand_id 
_struct_ref_seq.seq_align_beg 
_struct_ref_seq.pdbx_seq_align_beg_ins_code 
_struct_ref_seq.seq_align_end 
_struct_ref_seq.pdbx_seq_align_end_ins_code 
_struct_ref_seq.pdbx_db_accession 
_struct_ref_seq.db_align_beg 
_struct_ref_seq.pdbx_db_align_beg_ins_code 
_struct_ref_seq.db_align_end 
_struct_ref_seq.pdbx_db_align_end_ins_code 
_struct_ref_seq.pdbx_auth_seq_align_beg 
_struct_ref_seq.pdbx_auth_seq_align_end 
1 1 9UOA A 7   ? 86  ? Q72547 427 ? 506 ? 7   86  
2 2 9UOA A 107 ? 151 ? Q72547 517 ? 561 ? 107 151 
# 
loop_
_struct_ref_seq_dif.align_id 
_struct_ref_seq_dif.pdbx_pdb_id_code 
_struct_ref_seq_dif.mon_id 
_struct_ref_seq_dif.pdbx_pdb_strand_id 
_struct_ref_seq_dif.seq_num 
_struct_ref_seq_dif.pdbx_pdb_ins_code 
_struct_ref_seq_dif.pdbx_seq_db_name 
_struct_ref_seq_dif.pdbx_seq_db_accession_code 
_struct_ref_seq_dif.db_mon_id 
_struct_ref_seq_dif.pdbx_seq_db_seq_num 
_struct_ref_seq_dif.details 
_struct_ref_seq_dif.pdbx_auth_seq_num 
_struct_ref_seq_dif.pdbx_ordinal 
1 9UOA GLY A 1   ? UNP Q72547 ? ? 'expression tag' 1   1  
1 9UOA PRO A 2   ? UNP Q72547 ? ? 'expression tag' 2   2  
1 9UOA GLY A 3   ? UNP Q72547 ? ? 'expression tag' 3   3  
1 9UOA GLY A 4   ? UNP Q72547 ? ? 'expression tag' 4   4  
1 9UOA SER A 5   ? UNP Q72547 ? ? 'expression tag' 5   5  
1 9UOA MET A 6   ? UNP Q72547 ? ? 'expression tag' 6   6  
1 9UOA THR A 87  ? UNP Q72547 ? ? linker           87  7  
1 9UOA GLN A 88  ? UNP Q72547 ? ? linker           88  8  
1 9UOA TRP A 89  ? UNP Q72547 ? ? linker           89  9  
1 9UOA ILE A 90  ? UNP Q72547 ? ? linker           90  10 
1 9UOA HIS A 91  ? UNP Q72547 ? ? linker           91  11 
1 9UOA ASN A 92  ? UNP Q72547 ? ? linker           92  12 
1 9UOA TRP A 93  ? UNP Q72547 ? ? linker           93  13 
1 9UOA LYS A 94  ? UNP Q72547 ? ? linker           94  14 
1 9UOA LYS A 95  ? UNP Q72547 ? ? linker           95  15 
1 9UOA ARG A 96  ? UNP Q72547 ? ? linker           96  16 
1 9UOA GLY A 97  ? UNP Q72547 ? ? linker           97  17 
1 9UOA TRP A 98  ? UNP Q72547 ? ? linker           98  18 
1 9UOA LYS A 99  ? UNP Q72547 ? ? linker           99  19 
1 9UOA THR A 100 ? UNP Q72547 ? ? linker           100 20 
1 9UOA PRO A 101 ? UNP Q72547 ? ? linker           101 21 
1 9UOA VAL A 102 ? UNP Q72547 ? ? linker           102 22 
1 9UOA LYS A 103 ? UNP Q72547 ? ? linker           103 23 
1 9UOA ASN A 104 ? UNP Q72547 ? ? linker           104 24 
1 9UOA VAL A 105 ? UNP Q72547 ? ? linker           105 25 
1 9UOA ASP A 106 ? UNP Q72547 ? ? linker           106 26 
# 
_pdbx_struct_assembly.id                   1 
_pdbx_struct_assembly.details              author_and_software_defined_assembly 
_pdbx_struct_assembly.method_details       PISA 
_pdbx_struct_assembly.oligomeric_details   monomeric 
_pdbx_struct_assembly.oligomeric_count     1 
# 
loop_
_pdbx_struct_assembly_prop.biol_id 
_pdbx_struct_assembly_prop.type 
_pdbx_struct_assembly_prop.value 
_pdbx_struct_assembly_prop.details 
1 'ABSA (A^2)' 80   ? 
1 MORE         -24  ? 
1 'SSA (A^2)'  8340 ? 
# 
_pdbx_struct_assembly_gen.assembly_id       1 
_pdbx_struct_assembly_gen.oper_expression   1 
_pdbx_struct_assembly_gen.asym_id_list      A,B,C,D,E,F 
# 
_pdbx_struct_assembly_auth_evidence.id                     1 
_pdbx_struct_assembly_auth_evidence.assembly_id            1 
_pdbx_struct_assembly_auth_evidence.experimental_support   'gel filtration' 
_pdbx_struct_assembly_auth_evidence.details                ? 
# 
_pdbx_struct_oper_list.id                   1 
_pdbx_struct_oper_list.type                 'identity operation' 
_pdbx_struct_oper_list.name                 1_555 
_pdbx_struct_oper_list.symmetry_operation   x,y,z 
_pdbx_struct_oper_list.matrix[1][1]         1.0000000000 
_pdbx_struct_oper_list.matrix[1][2]         0.0000000000 
_pdbx_struct_oper_list.matrix[1][3]         0.0000000000 
_pdbx_struct_oper_list.vector[1]            0.0000000000 
_pdbx_struct_oper_list.matrix[2][1]         0.0000000000 
_pdbx_struct_oper_list.matrix[2][2]         1.0000000000 
_pdbx_struct_oper_list.matrix[2][3]         0.0000000000 
_pdbx_struct_oper_list.vector[2]            0.0000000000 
_pdbx_struct_oper_list.matrix[3][1]         0.0000000000 
_pdbx_struct_oper_list.matrix[3][2]         0.0000000000 
_pdbx_struct_oper_list.matrix[3][3]         1.0000000000 
_pdbx_struct_oper_list.vector[3]            0.0000000000 
# 
loop_
_struct_conf.conf_type_id 
_struct_conf.id 
_struct_conf.pdbx_PDB_helix_id 
_struct_conf.beg_label_comp_id 
_struct_conf.beg_label_asym_id 
_struct_conf.beg_label_seq_id 
_struct_conf.pdbx_beg_PDB_ins_code 
_struct_conf.end_label_comp_id 
_struct_conf.end_label_asym_id 
_struct_conf.end_label_seq_id 
_struct_conf.pdbx_end_PDB_ins_code 
_struct_conf.beg_auth_comp_id 
_struct_conf.beg_auth_asym_id 
_struct_conf.beg_auth_seq_id 
_struct_conf.end_auth_comp_id 
_struct_conf.end_auth_asym_id 
_struct_conf.end_auth_seq_id 
_struct_conf.pdbx_PDB_helix_class 
_struct_conf.details 
_struct_conf.pdbx_PDB_helix_length 
HELX_P HELX_P1 AA1 THR A 53  ? ASP A 68  ? THR A 53  ASP A 68  1 ? 16 
HELX_P HELX_P2 AA2 SER A 79  ? ASN A 92  ? SER A 79  ASN A 92  1 ? 14 
HELX_P HELX_P3 AA3 ASN A 104 ? ILE A 116 ? ASN A 104 ILE A 116 1 ? 13 
HELX_P HELX_P4 AA4 GLY A 133 ? ALA A 144 ? GLY A 133 ALA A 144 1 ? 12 
# 
_struct_conf_type.id          HELX_P 
_struct_conf_type.criteria    ? 
_struct_conf_type.reference   ? 
# 
loop_
_struct_conn.id 
_struct_conn.conn_type_id 
_struct_conn.pdbx_leaving_atom_flag 
_struct_conn.pdbx_PDB_id 
_struct_conn.ptnr1_label_asym_id 
_struct_conn.ptnr1_label_comp_id 
_struct_conn.ptnr1_label_seq_id 
_struct_conn.ptnr1_label_atom_id 
_struct_conn.pdbx_ptnr1_label_alt_id 
_struct_conn.pdbx_ptnr1_PDB_ins_code 
_struct_conn.pdbx_ptnr1_standard_comp_id 
_struct_conn.ptnr1_symmetry 
_struct_conn.ptnr2_label_asym_id 
_struct_conn.ptnr2_label_comp_id 
_struct_conn.ptnr2_label_seq_id 
_struct_conn.ptnr2_label_atom_id 
_struct_conn.pdbx_ptnr2_label_alt_id 
_struct_conn.pdbx_ptnr2_PDB_ins_code 
_struct_conn.ptnr1_auth_asym_id 
_struct_conn.ptnr1_auth_comp_id 
_struct_conn.ptnr1_auth_seq_id 
_struct_conn.ptnr2_auth_asym_id 
_struct_conn.ptnr2_auth_comp_id 
_struct_conn.ptnr2_auth_seq_id 
_struct_conn.ptnr2_symmetry 
_struct_conn.pdbx_ptnr3_label_atom_id 
_struct_conn.pdbx_ptnr3_label_seq_id 
_struct_conn.pdbx_ptnr3_label_comp_id 
_struct_conn.pdbx_ptnr3_label_asym_id 
_struct_conn.pdbx_ptnr3_label_alt_id 
_struct_conn.pdbx_ptnr3_PDB_ins_code 
_struct_conn.details 
_struct_conn.pdbx_dist_value 
_struct_conn.pdbx_value_order 
_struct_conn.pdbx_role 
metalc1  metalc ? ? A ASP 23  OD1 ? ? ? 1_555 B MN    . MN ? ? A ASP 23  A MN    201 1_555 ? ? ? ? ? ? ? 1.991 ? ? 
metalc2  metalc ? ? A ASP 23  OD2 ? ? ? 1_555 C MN    . MN ? ? A ASP 23  A MN    202 1_555 ? ? ? ? ? ? ? 2.491 ? ? 
metalc3  metalc ? ? A ASP 51  OD1 ? ? ? 1_555 D ZN    . ZN ? ? A ASP 51  A ZN    203 1_555 ? ? ? ? ? ? ? 2.051 ? ? 
metalc4  metalc ? ? A ASP 51  OD2 ? ? ? 1_555 D ZN    . ZN ? ? A ASP 51  A ZN    203 1_555 ? ? ? ? ? ? ? 2.616 ? ? 
metalc5  metalc ? ? A GLU 58  OE2 ? ? ? 1_555 B MN    . MN ? ? A GLU 58  A MN    201 1_555 ? ? ? ? ? ? ? 2.313 ? ? 
metalc6  metalc ? ? A ASP 78  OD1 ? ? ? 1_555 B MN    . MN ? ? A ASP 78  A MN    201 1_555 ? ? ? ? ? ? ? 1.940 ? ? 
metalc7  metalc ? ? A ASP 78  OD2 ? ? ? 1_555 B MN    . MN ? ? A ASP 78  A MN    201 1_555 ? ? ? ? ? ? ? 2.694 ? ? 
metalc8  metalc ? ? A HIS 129 NE2 ? ? ? 1_555 D ZN    . ZN ? ? A HIS 129 A ZN    203 5_555 ? ? ? ? ? ? ? 2.288 ? ? 
metalc9  metalc ? ? A GLU 136 OE1 ? ? ? 1_555 D ZN    . ZN ? ? A GLU 136 A ZN    203 5_555 ? ? ? ? ? ? ? 2.057 ? ? 
metalc10 metalc ? ? A ASP 139 OD1 ? ? ? 1_555 C MN    . MN ? ? A ASP 139 A MN    202 1_555 ? ? ? ? ? ? ? 1.933 ? ? 
metalc11 metalc ? ? B MN  .   MN  ? ? ? 1_555 E A1L9C . O  ? ? A MN  201 A A1L9C 204 1_555 ? ? ? ? ? ? ? 2.036 ? ? 
metalc12 metalc ? ? B MN  .   MN  ? ? ? 1_555 E A1L9C . O1 ? ? A MN  201 A A1L9C 204 1_555 ? ? ? ? ? ? ? 2.353 ? ? 
metalc13 metalc ? ? B MN  .   MN  ? ? ? 1_555 F HOH   . O  ? ? A MN  201 A HOH   314 1_555 ? ? ? ? ? ? ? 2.743 ? ? 
metalc14 metalc ? ? C MN  .   MN  ? ? ? 1_555 E A1L9C . O2 ? ? A MN  202 A A1L9C 204 1_555 ? ? ? ? ? ? ? 2.269 ? ? 
metalc15 metalc ? ? C MN  .   MN  ? ? ? 1_555 E A1L9C . O1 ? ? A MN  202 A A1L9C 204 1_555 ? ? ? ? ? ? ? 1.902 ? ? 
metalc16 metalc ? ? D ZN  .   ZN  ? ? ? 1_555 F HOH   . O  ? ? A ZN  203 A HOH   336 1_555 ? ? ? ? ? ? ? 2.169 ? ? 
# 
_struct_conn_type.id          metalc 
_struct_conn_type.criteria    ? 
_struct_conn_type.reference   ? 
# 
loop_
_pdbx_struct_conn_angle.id 
_pdbx_struct_conn_angle.ptnr1_label_atom_id 
_pdbx_struct_conn_angle.ptnr1_label_alt_id 
_pdbx_struct_conn_angle.ptnr1_label_asym_id 
_pdbx_struct_conn_angle.ptnr1_label_comp_id 
_pdbx_struct_conn_angle.ptnr1_label_seq_id 
_pdbx_struct_conn_angle.ptnr1_auth_atom_id 
_pdbx_struct_conn_angle.ptnr1_auth_asym_id 
_pdbx_struct_conn_angle.ptnr1_auth_comp_id 
_pdbx_struct_conn_angle.ptnr1_auth_seq_id 
_pdbx_struct_conn_angle.ptnr1_PDB_ins_code 
_pdbx_struct_conn_angle.ptnr1_symmetry 
_pdbx_struct_conn_angle.ptnr2_label_atom_id 
_pdbx_struct_conn_angle.ptnr2_label_alt_id 
_pdbx_struct_conn_angle.ptnr2_label_asym_id 
_pdbx_struct_conn_angle.ptnr2_label_comp_id 
_pdbx_struct_conn_angle.ptnr2_label_seq_id 
_pdbx_struct_conn_angle.ptnr2_auth_atom_id 
_pdbx_struct_conn_angle.ptnr2_auth_asym_id 
_pdbx_struct_conn_angle.ptnr2_auth_comp_id 
_pdbx_struct_conn_angle.ptnr2_auth_seq_id 
_pdbx_struct_conn_angle.ptnr2_PDB_ins_code 
_pdbx_struct_conn_angle.ptnr2_symmetry 
_pdbx_struct_conn_angle.ptnr3_label_atom_id 
_pdbx_struct_conn_angle.ptnr3_label_alt_id 
_pdbx_struct_conn_angle.ptnr3_label_asym_id 
_pdbx_struct_conn_angle.ptnr3_label_comp_id 
_pdbx_struct_conn_angle.ptnr3_label_seq_id 
_pdbx_struct_conn_angle.ptnr3_auth_atom_id 
_pdbx_struct_conn_angle.ptnr3_auth_asym_id 
_pdbx_struct_conn_angle.ptnr3_auth_comp_id 
_pdbx_struct_conn_angle.ptnr3_auth_seq_id 
_pdbx_struct_conn_angle.ptnr3_PDB_ins_code 
_pdbx_struct_conn_angle.ptnr3_symmetry 
_pdbx_struct_conn_angle.value 
_pdbx_struct_conn_angle.value_esd 
1  OD1 ? A ASP   23  ? A ASP   23  ? 1_555 MN ? B MN . ? A MN 201 ? 1_555 OE2 ? A GLU   58  ? A GLU   58  ? 1_555 108.4 ? 
2  OD1 ? A ASP   23  ? A ASP   23  ? 1_555 MN ? B MN . ? A MN 201 ? 1_555 OD1 ? A ASP   78  ? A ASP   78  ? 1_555 158.5 ? 
3  OE2 ? A GLU   58  ? A GLU   58  ? 1_555 MN ? B MN . ? A MN 201 ? 1_555 OD1 ? A ASP   78  ? A ASP   78  ? 1_555 84.7  ? 
4  OD1 ? A ASP   23  ? A ASP   23  ? 1_555 MN ? B MN . ? A MN 201 ? 1_555 OD2 ? A ASP   78  ? A ASP   78  ? 1_555 112.3 ? 
5  OE2 ? A GLU   58  ? A GLU   58  ? 1_555 MN ? B MN . ? A MN 201 ? 1_555 OD2 ? A ASP   78  ? A ASP   78  ? 1_555 137.9 ? 
6  OD1 ? A ASP   78  ? A ASP   78  ? 1_555 MN ? B MN . ? A MN 201 ? 1_555 OD2 ? A ASP   78  ? A ASP   78  ? 1_555 53.2  ? 
7  OD1 ? A ASP   23  ? A ASP   23  ? 1_555 MN ? B MN . ? A MN 201 ? 1_555 O   ? E A1L9C .   ? A A1L9C 204 ? 1_555 83.9  ? 
8  OE2 ? A GLU   58  ? A GLU   58  ? 1_555 MN ? B MN . ? A MN 201 ? 1_555 O   ? E A1L9C .   ? A A1L9C 204 ? 1_555 62.5  ? 
9  OD1 ? A ASP   78  ? A ASP   78  ? 1_555 MN ? B MN . ? A MN 201 ? 1_555 O   ? E A1L9C .   ? A A1L9C 204 ? 1_555 117.6 ? 
10 OD2 ? A ASP   78  ? A ASP   78  ? 1_555 MN ? B MN . ? A MN 201 ? 1_555 O   ? E A1L9C .   ? A A1L9C 204 ? 1_555 131.5 ? 
11 OD1 ? A ASP   23  ? A ASP   23  ? 1_555 MN ? B MN . ? A MN 201 ? 1_555 O1  ? E A1L9C .   ? A A1L9C 204 ? 1_555 74.1  ? 
12 OE2 ? A GLU   58  ? A GLU   58  ? 1_555 MN ? B MN . ? A MN 201 ? 1_555 O1  ? E A1L9C .   ? A A1L9C 204 ? 1_555 136.7 ? 
13 OD1 ? A ASP   78  ? A ASP   78  ? 1_555 MN ? B MN . ? A MN 201 ? 1_555 O1  ? E A1L9C .   ? A A1L9C 204 ? 1_555 108.4 ? 
14 OD2 ? A ASP   78  ? A ASP   78  ? 1_555 MN ? B MN . ? A MN 201 ? 1_555 O1  ? E A1L9C .   ? A A1L9C 204 ? 1_555 67.0  ? 
15 O   ? E A1L9C .   ? A A1L9C 204 ? 1_555 MN ? B MN . ? A MN 201 ? 1_555 O1  ? E A1L9C .   ? A A1L9C 204 ? 1_555 75.2  ? 
16 OD1 ? A ASP   23  ? A ASP   23  ? 1_555 MN ? B MN . ? A MN 201 ? 1_555 O   ? F HOH   .   ? A HOH   314 ? 1_555 97.0  ? 
17 OE2 ? A GLU   58  ? A GLU   58  ? 1_555 MN ? B MN . ? A MN 201 ? 1_555 O   ? F HOH   .   ? A HOH   314 ? 1_555 85.5  ? 
18 OD1 ? A ASP   78  ? A ASP   78  ? 1_555 MN ? B MN . ? A MN 201 ? 1_555 O   ? F HOH   .   ? A HOH   314 ? 1_555 66.4  ? 
19 OD2 ? A ASP   78  ? A ASP   78  ? 1_555 MN ? B MN . ? A MN 201 ? 1_555 O   ? F HOH   .   ? A HOH   314 ? 1_555 79.6  ? 
20 O   ? E A1L9C .   ? A A1L9C 204 ? 1_555 MN ? B MN . ? A MN 201 ? 1_555 O   ? F HOH   .   ? A HOH   314 ? 1_555 146.1 ? 
21 O1  ? E A1L9C .   ? A A1L9C 204 ? 1_555 MN ? B MN . ? A MN 201 ? 1_555 O   ? F HOH   .   ? A HOH   314 ? 1_555 137.8 ? 
22 OD2 ? A ASP   23  ? A ASP   23  ? 1_555 MN ? C MN . ? A MN 202 ? 1_555 OD1 ? A ASP   139 ? A ASP   139 ? 1_555 118.8 ? 
23 OD2 ? A ASP   23  ? A ASP   23  ? 1_555 MN ? C MN . ? A MN 202 ? 1_555 O2  ? E A1L9C .   ? A A1L9C 204 ? 1_555 130.7 ? 
24 OD1 ? A ASP   139 ? A ASP   139 ? 1_555 MN ? C MN . ? A MN 202 ? 1_555 O2  ? E A1L9C .   ? A A1L9C 204 ? 1_555 107.6 ? 
25 OD2 ? A ASP   23  ? A ASP   23  ? 1_555 MN ? C MN . ? A MN 202 ? 1_555 O1  ? E A1L9C .   ? A A1L9C 204 ? 1_555 60.3  ? 
26 OD1 ? A ASP   139 ? A ASP   139 ? 1_555 MN ? C MN . ? A MN 202 ? 1_555 O1  ? E A1L9C .   ? A A1L9C 204 ? 1_555 130.5 ? 
27 O2  ? E A1L9C .   ? A A1L9C 204 ? 1_555 MN ? C MN . ? A MN 202 ? 1_555 O1  ? E A1L9C .   ? A A1L9C 204 ? 1_555 77.7  ? 
28 OD1 ? A ASP   51  ? A ASP   51  ? 1_555 ZN ? D ZN . ? A ZN 203 ? 1_555 OD2 ? A ASP   51  ? A ASP   51  ? 1_555 54.5  ? 
29 OD1 ? A ASP   51  ? A ASP   51  ? 1_555 ZN ? D ZN . ? A ZN 203 ? 1_555 NE2 ? A HIS   129 ? A HIS   129 ? 1_555 54.3  ? 
30 OD2 ? A ASP   51  ? A ASP   51  ? 1_555 ZN ? D ZN . ? A ZN 203 ? 1_555 NE2 ? A HIS   129 ? A HIS   129 ? 1_555 53.6  ? 
31 OD1 ? A ASP   51  ? A ASP   51  ? 1_555 ZN ? D ZN . ? A ZN 203 ? 1_555 OE1 ? A GLU   136 ? A GLU   136 ? 1_555 60.2  ? 
32 OD2 ? A ASP   51  ? A ASP   51  ? 1_555 ZN ? D ZN . ? A ZN 203 ? 1_555 OE1 ? A GLU   136 ? A GLU   136 ? 1_555 56.0  ? 
33 NE2 ? A HIS   129 ? A HIS   129 ? 1_555 ZN ? D ZN . ? A ZN 203 ? 1_555 OE1 ? A GLU   136 ? A GLU   136 ? 1_555 5.9   ? 
34 OD1 ? A ASP   51  ? A ASP   51  ? 1_555 ZN ? D ZN . ? A ZN 203 ? 1_555 O   ? F HOH   .   ? A HOH   336 ? 1_555 92.6  ? 
35 OD2 ? A ASP   51  ? A ASP   51  ? 1_555 ZN ? D ZN . ? A ZN 203 ? 1_555 O   ? F HOH   .   ? A HOH   336 ? 1_555 129.8 ? 
36 NE2 ? A HIS   129 ? A HIS   129 ? 1_555 ZN ? D ZN . ? A ZN 203 ? 1_555 O   ? F HOH   .   ? A HOH   336 ? 1_555 76.7  ? 
37 OE1 ? A GLU   136 ? A GLU   136 ? 1_555 ZN ? D ZN . ? A ZN 203 ? 1_555 O   ? F HOH   .   ? A HOH   336 ? 1_555 75.4  ? 
# 
_struct_sheet.id               AA1 
_struct_sheet.type             ? 
_struct_sheet.number_strands   5 
_struct_sheet.details          ? 
# 
loop_
_struct_sheet_order.sheet_id 
_struct_sheet_order.range_id_1 
_struct_sheet_order.range_id_2 
_struct_sheet_order.offset 
_struct_sheet_order.sense 
AA1 1 2 ? anti-parallel 
AA1 2 3 ? anti-parallel 
AA1 3 4 ? parallel      
AA1 4 5 ? parallel      
# 
loop_
_struct_sheet_range.sheet_id 
_struct_sheet_range.id 
_struct_sheet_range.beg_label_comp_id 
_struct_sheet_range.beg_label_asym_id 
_struct_sheet_range.beg_label_seq_id 
_struct_sheet_range.pdbx_beg_PDB_ins_code 
_struct_sheet_range.end_label_comp_id 
_struct_sheet_range.end_label_asym_id 
_struct_sheet_range.end_label_seq_id 
_struct_sheet_range.pdbx_end_PDB_ins_code 
_struct_sheet_range.beg_auth_comp_id 
_struct_sheet_range.beg_auth_asym_id 
_struct_sheet_range.beg_auth_seq_id 
_struct_sheet_range.end_auth_comp_id 
_struct_sheet_range.end_auth_asym_id 
_struct_sheet_range.end_auth_seq_id 
AA1 1 GLN A 44  ? LEU A 49  ? GLN A 44  LEU A 49  
AA1 2 GLY A 33  ? THR A 39  ? GLY A 33  THR A 39  
AA1 3 THR A 19  ? ALA A 26  ? THR A 19  ALA A 26  
AA1 4 GLU A 72  ? THR A 77  ? GLU A 72  THR A 77  
AA1 5 LYS A 120 ? TRP A 125 ? LYS A 120 TRP A 125 
# 
loop_
_pdbx_struct_sheet_hbond.sheet_id 
_pdbx_struct_sheet_hbond.range_id_1 
_pdbx_struct_sheet_hbond.range_id_2 
_pdbx_struct_sheet_hbond.range_1_label_atom_id 
_pdbx_struct_sheet_hbond.range_1_label_comp_id 
_pdbx_struct_sheet_hbond.range_1_label_asym_id 
_pdbx_struct_sheet_hbond.range_1_label_seq_id 
_pdbx_struct_sheet_hbond.range_1_PDB_ins_code 
_pdbx_struct_sheet_hbond.range_1_auth_atom_id 
_pdbx_struct_sheet_hbond.range_1_auth_comp_id 
_pdbx_struct_sheet_hbond.range_1_auth_asym_id 
_pdbx_struct_sheet_hbond.range_1_auth_seq_id 
_pdbx_struct_sheet_hbond.range_2_label_atom_id 
_pdbx_struct_sheet_hbond.range_2_label_comp_id 
_pdbx_struct_sheet_hbond.range_2_label_asym_id 
_pdbx_struct_sheet_hbond.range_2_label_seq_id 
_pdbx_struct_sheet_hbond.range_2_PDB_ins_code 
_pdbx_struct_sheet_hbond.range_2_auth_atom_id 
_pdbx_struct_sheet_hbond.range_2_auth_comp_id 
_pdbx_struct_sheet_hbond.range_2_auth_asym_id 
_pdbx_struct_sheet_hbond.range_2_auth_seq_id 
AA1 1 2 O LEU A 49 ? O LEU A 49 N GLY A 33  ? N GLY A 33  
AA1 2 3 O VAL A 38 ? O VAL A 38 N TYR A 21  ? N TYR A 21  
AA1 3 4 N PHE A 20 ? N PHE A 20 O ASN A 74  ? O ASN A 74  
AA1 4 5 N ILE A 75 ? N ILE A 75 O TYR A 122 ? O TYR A 122 
# 
_pdbx_entry_details.entry_id                   9UOA 
_pdbx_entry_details.nonpolymer_details         ? 
_pdbx_entry_details.sequence_details           ? 
_pdbx_entry_details.compound_details           ? 
_pdbx_entry_details.source_details             ? 
_pdbx_entry_details.has_ligand_of_interest     Y 
_pdbx_entry_details.has_protein_modification   N 
# 
loop_
_pdbx_validate_torsion.id 
_pdbx_validate_torsion.PDB_model_num 
_pdbx_validate_torsion.auth_comp_id 
_pdbx_validate_torsion.auth_asym_id 
_pdbx_validate_torsion.auth_seq_id 
_pdbx_validate_torsion.PDB_ins_code 
_pdbx_validate_torsion.label_alt_id 
_pdbx_validate_torsion.phi 
_pdbx_validate_torsion.psi 
1 1 TYR A 7  ? ? 171.19 137.80 
2 1 LYS A 94 ? ? 50.03  16.12  
3 1 ARG A 96 ? ? -65.13 -73.76 
# 
loop_
_pdbx_unobs_or_zero_occ_residues.id 
_pdbx_unobs_or_zero_occ_residues.PDB_model_num 
_pdbx_unobs_or_zero_occ_residues.polymer_flag 
_pdbx_unobs_or_zero_occ_residues.occupancy_flag 
_pdbx_unobs_or_zero_occ_residues.auth_asym_id 
_pdbx_unobs_or_zero_occ_residues.auth_comp_id 
_pdbx_unobs_or_zero_occ_residues.auth_seq_id 
_pdbx_unobs_or_zero_occ_residues.PDB_ins_code 
_pdbx_unobs_or_zero_occ_residues.label_asym_id 
_pdbx_unobs_or_zero_occ_residues.label_comp_id 
_pdbx_unobs_or_zero_occ_residues.label_seq_id 
1 1 Y 1 A GLY 1   ? A GLY 1   
2 1 Y 1 A PRO 2   ? A PRO 2   
3 1 Y 1 A GLY 3   ? A GLY 3   
4 1 Y 1 A LEU 150 ? A LEU 150 
5 1 Y 1 A PHE 151 ? A PHE 151 
# 
loop_
_chem_comp_atom.comp_id 
_chem_comp_atom.atom_id 
_chem_comp_atom.type_symbol 
_chem_comp_atom.pdbx_aromatic_flag 
_chem_comp_atom.pdbx_stereo_config 
_chem_comp_atom.pdbx_ordinal 
A1L9C N1   N  N N 1   
A1L9C C4   C  Y N 2   
A1L9C C5   C  Y N 3   
A1L9C C6   C  N N 4   
A1L9C C7   C  N N 5   
A1L9C C8   C  N N 6   
A1L9C C10  C  N N 7   
A1L9C C13  C  Y N 8   
A1L9C C15  C  Y N 9   
A1L9C C17  C  N N 10  
A1L9C N    N  N N 11  
A1L9C C    C  Y N 12  
A1L9C O    O  N N 13  
A1L9C C1   C  Y N 14  
A1L9C C11  C  Y N 15  
A1L9C C12  C  Y N 16  
A1L9C C14  C  Y N 17  
A1L9C C16  C  Y N 18  
A1L9C C18  C  N N 19  
A1L9C C2   C  Y N 20  
A1L9C C3   C  Y N 21  
A1L9C C9   C  N N 22  
A1L9C N2   N  N N 23  
A1L9C O1   O  N N 24  
A1L9C O2   O  N N 25  
A1L9C O3   O  N N 26  
A1L9C O4   O  N N 27  
A1L9C O5   O  N N 28  
A1L9C O6   O  N N 29  
A1L9C S    S  N N 30  
A1L9C H1   H  N N 31  
A1L9C H2   H  N N 32  
A1L9C H3   H  N N 33  
A1L9C H4   H  N N 34  
A1L9C H5   H  N N 35  
A1L9C H6   H  N N 36  
A1L9C H7   H  N N 37  
A1L9C H8   H  N N 38  
A1L9C H9   H  N N 39  
A1L9C H10  H  N N 40  
A1L9C H11  H  N N 41  
A1L9C H12  H  N N 42  
A1L9C H13  H  N N 43  
A1L9C H14  H  N N 44  
A1L9C H15  H  N N 45  
A1L9C H16  H  N N 46  
A1L9C H17  H  N N 47  
A1L9C H18  H  N N 48  
A1L9C H19  H  N N 49  
A1L9C H20  H  N N 50  
A1L9C H21  H  N N 51  
ALA   N    N  N N 52  
ALA   CA   C  N S 53  
ALA   C    C  N N 54  
ALA   O    O  N N 55  
ALA   CB   C  N N 56  
ALA   OXT  O  N N 57  
ALA   H    H  N N 58  
ALA   H2   H  N N 59  
ALA   HA   H  N N 60  
ALA   HB1  H  N N 61  
ALA   HB2  H  N N 62  
ALA   HB3  H  N N 63  
ALA   HXT  H  N N 64  
ARG   N    N  N N 65  
ARG   CA   C  N S 66  
ARG   C    C  N N 67  
ARG   O    O  N N 68  
ARG   CB   C  N N 69  
ARG   CG   C  N N 70  
ARG   CD   C  N N 71  
ARG   NE   N  N N 72  
ARG   CZ   C  N N 73  
ARG   NH1  N  N N 74  
ARG   NH2  N  N N 75  
ARG   OXT  O  N N 76  
ARG   H    H  N N 77  
ARG   H2   H  N N 78  
ARG   HA   H  N N 79  
ARG   HB2  H  N N 80  
ARG   HB3  H  N N 81  
ARG   HG2  H  N N 82  
ARG   HG3  H  N N 83  
ARG   HD2  H  N N 84  
ARG   HD3  H  N N 85  
ARG   HE   H  N N 86  
ARG   HH11 H  N N 87  
ARG   HH12 H  N N 88  
ARG   HH21 H  N N 89  
ARG   HH22 H  N N 90  
ARG   HXT  H  N N 91  
ASN   N    N  N N 92  
ASN   CA   C  N S 93  
ASN   C    C  N N 94  
ASN   O    O  N N 95  
ASN   CB   C  N N 96  
ASN   CG   C  N N 97  
ASN   OD1  O  N N 98  
ASN   ND2  N  N N 99  
ASN   OXT  O  N N 100 
ASN   H    H  N N 101 
ASN   H2   H  N N 102 
ASN   HA   H  N N 103 
ASN   HB2  H  N N 104 
ASN   HB3  H  N N 105 
ASN   HD21 H  N N 106 
ASN   HD22 H  N N 107 
ASN   HXT  H  N N 108 
ASP   N    N  N N 109 
ASP   CA   C  N S 110 
ASP   C    C  N N 111 
ASP   O    O  N N 112 
ASP   CB   C  N N 113 
ASP   CG   C  N N 114 
ASP   OD1  O  N N 115 
ASP   OD2  O  N N 116 
ASP   OXT  O  N N 117 
ASP   H    H  N N 118 
ASP   H2   H  N N 119 
ASP   HA   H  N N 120 
ASP   HB2  H  N N 121 
ASP   HB3  H  N N 122 
ASP   HD2  H  N N 123 
ASP   HXT  H  N N 124 
GLN   N    N  N N 125 
GLN   CA   C  N S 126 
GLN   C    C  N N 127 
GLN   O    O  N N 128 
GLN   CB   C  N N 129 
GLN   CG   C  N N 130 
GLN   CD   C  N N 131 
GLN   OE1  O  N N 132 
GLN   NE2  N  N N 133 
GLN   OXT  O  N N 134 
GLN   H    H  N N 135 
GLN   H2   H  N N 136 
GLN   HA   H  N N 137 
GLN   HB2  H  N N 138 
GLN   HB3  H  N N 139 
GLN   HG2  H  N N 140 
GLN   HG3  H  N N 141 
GLN   HE21 H  N N 142 
GLN   HE22 H  N N 143 
GLN   HXT  H  N N 144 
GLU   N    N  N N 145 
GLU   CA   C  N S 146 
GLU   C    C  N N 147 
GLU   O    O  N N 148 
GLU   CB   C  N N 149 
GLU   CG   C  N N 150 
GLU   CD   C  N N 151 
GLU   OE1  O  N N 152 
GLU   OE2  O  N N 153 
GLU   OXT  O  N N 154 
GLU   H    H  N N 155 
GLU   H2   H  N N 156 
GLU   HA   H  N N 157 
GLU   HB2  H  N N 158 
GLU   HB3  H  N N 159 
GLU   HG2  H  N N 160 
GLU   HG3  H  N N 161 
GLU   HE2  H  N N 162 
GLU   HXT  H  N N 163 
GLY   N    N  N N 164 
GLY   CA   C  N N 165 
GLY   C    C  N N 166 
GLY   O    O  N N 167 
GLY   OXT  O  N N 168 
GLY   H    H  N N 169 
GLY   H2   H  N N 170 
GLY   HA2  H  N N 171 
GLY   HA3  H  N N 172 
GLY   HXT  H  N N 173 
HIS   N    N  N N 174 
HIS   CA   C  N S 175 
HIS   C    C  N N 176 
HIS   O    O  N N 177 
HIS   CB   C  N N 178 
HIS   CG   C  Y N 179 
HIS   ND1  N  Y N 180 
HIS   CD2  C  Y N 181 
HIS   CE1  C  Y N 182 
HIS   NE2  N  Y N 183 
HIS   OXT  O  N N 184 
HIS   H    H  N N 185 
HIS   H2   H  N N 186 
HIS   HA   H  N N 187 
HIS   HB2  H  N N 188 
HIS   HB3  H  N N 189 
HIS   HD1  H  N N 190 
HIS   HD2  H  N N 191 
HIS   HE1  H  N N 192 
HIS   HE2  H  N N 193 
HIS   HXT  H  N N 194 
HOH   O    O  N N 195 
HOH   H1   H  N N 196 
HOH   H2   H  N N 197 
ILE   N    N  N N 198 
ILE   CA   C  N S 199 
ILE   C    C  N N 200 
ILE   O    O  N N 201 
ILE   CB   C  N S 202 
ILE   CG1  C  N N 203 
ILE   CG2  C  N N 204 
ILE   CD1  C  N N 205 
ILE   OXT  O  N N 206 
ILE   H    H  N N 207 
ILE   H2   H  N N 208 
ILE   HA   H  N N 209 
ILE   HB   H  N N 210 
ILE   HG12 H  N N 211 
ILE   HG13 H  N N 212 
ILE   HG21 H  N N 213 
ILE   HG22 H  N N 214 
ILE   HG23 H  N N 215 
ILE   HD11 H  N N 216 
ILE   HD12 H  N N 217 
ILE   HD13 H  N N 218 
ILE   HXT  H  N N 219 
LEU   N    N  N N 220 
LEU   CA   C  N S 221 
LEU   C    C  N N 222 
LEU   O    O  N N 223 
LEU   CB   C  N N 224 
LEU   CG   C  N N 225 
LEU   CD1  C  N N 226 
LEU   CD2  C  N N 227 
LEU   OXT  O  N N 228 
LEU   H    H  N N 229 
LEU   H2   H  N N 230 
LEU   HA   H  N N 231 
LEU   HB2  H  N N 232 
LEU   HB3  H  N N 233 
LEU   HG   H  N N 234 
LEU   HD11 H  N N 235 
LEU   HD12 H  N N 236 
LEU   HD13 H  N N 237 
LEU   HD21 H  N N 238 
LEU   HD22 H  N N 239 
LEU   HD23 H  N N 240 
LEU   HXT  H  N N 241 
LYS   N    N  N N 242 
LYS   CA   C  N S 243 
LYS   C    C  N N 244 
LYS   O    O  N N 245 
LYS   CB   C  N N 246 
LYS   CG   C  N N 247 
LYS   CD   C  N N 248 
LYS   CE   C  N N 249 
LYS   NZ   N  N N 250 
LYS   OXT  O  N N 251 
LYS   H    H  N N 252 
LYS   H2   H  N N 253 
LYS   HA   H  N N 254 
LYS   HB2  H  N N 255 
LYS   HB3  H  N N 256 
LYS   HG2  H  N N 257 
LYS   HG3  H  N N 258 
LYS   HD2  H  N N 259 
LYS   HD3  H  N N 260 
LYS   HE2  H  N N 261 
LYS   HE3  H  N N 262 
LYS   HZ1  H  N N 263 
LYS   HZ2  H  N N 264 
LYS   HZ3  H  N N 265 
LYS   HXT  H  N N 266 
MET   N    N  N N 267 
MET   CA   C  N S 268 
MET   C    C  N N 269 
MET   O    O  N N 270 
MET   CB   C  N N 271 
MET   CG   C  N N 272 
MET   SD   S  N N 273 
MET   CE   C  N N 274 
MET   OXT  O  N N 275 
MET   H    H  N N 276 
MET   H2   H  N N 277 
MET   HA   H  N N 278 
MET   HB2  H  N N 279 
MET   HB3  H  N N 280 
MET   HG2  H  N N 281 
MET   HG3  H  N N 282 
MET   HE1  H  N N 283 
MET   HE2  H  N N 284 
MET   HE3  H  N N 285 
MET   HXT  H  N N 286 
MN    MN   MN N N 287 
PHE   N    N  N N 288 
PHE   CA   C  N S 289 
PHE   C    C  N N 290 
PHE   O    O  N N 291 
PHE   CB   C  N N 292 
PHE   CG   C  Y N 293 
PHE   CD1  C  Y N 294 
PHE   CD2  C  Y N 295 
PHE   CE1  C  Y N 296 
PHE   CE2  C  Y N 297 
PHE   CZ   C  Y N 298 
PHE   OXT  O  N N 299 
PHE   H    H  N N 300 
PHE   H2   H  N N 301 
PHE   HA   H  N N 302 
PHE   HB2  H  N N 303 
PHE   HB3  H  N N 304 
PHE   HD1  H  N N 305 
PHE   HD2  H  N N 306 
PHE   HE1  H  N N 307 
PHE   HE2  H  N N 308 
PHE   HZ   H  N N 309 
PHE   HXT  H  N N 310 
PRO   N    N  N N 311 
PRO   CA   C  N S 312 
PRO   C    C  N N 313 
PRO   O    O  N N 314 
PRO   CB   C  N N 315 
PRO   CG   C  N N 316 
PRO   CD   C  N N 317 
PRO   OXT  O  N N 318 
PRO   H    H  N N 319 
PRO   HA   H  N N 320 
PRO   HB2  H  N N 321 
PRO   HB3  H  N N 322 
PRO   HG2  H  N N 323 
PRO   HG3  H  N N 324 
PRO   HD2  H  N N 325 
PRO   HD3  H  N N 326 
PRO   HXT  H  N N 327 
SER   N    N  N N 328 
SER   CA   C  N S 329 
SER   C    C  N N 330 
SER   O    O  N N 331 
SER   CB   C  N N 332 
SER   OG   O  N N 333 
SER   OXT  O  N N 334 
SER   H    H  N N 335 
SER   H2   H  N N 336 
SER   HA   H  N N 337 
SER   HB2  H  N N 338 
SER   HB3  H  N N 339 
SER   HG   H  N N 340 
SER   HXT  H  N N 341 
THR   N    N  N N 342 
THR   CA   C  N S 343 
THR   C    C  N N 344 
THR   O    O  N N 345 
THR   CB   C  N R 346 
THR   OG1  O  N N 347 
THR   CG2  C  N N 348 
THR   OXT  O  N N 349 
THR   H    H  N N 350 
THR   H2   H  N N 351 
THR   HA   H  N N 352 
THR   HB   H  N N 353 
THR   HG1  H  N N 354 
THR   HG21 H  N N 355 
THR   HG22 H  N N 356 
THR   HG23 H  N N 357 
THR   HXT  H  N N 358 
TRP   N    N  N N 359 
TRP   CA   C  N S 360 
TRP   C    C  N N 361 
TRP   O    O  N N 362 
TRP   CB   C  N N 363 
TRP   CG   C  Y N 364 
TRP   CD1  C  Y N 365 
TRP   CD2  C  Y N 366 
TRP   NE1  N  Y N 367 
TRP   CE2  C  Y N 368 
TRP   CE3  C  Y N 369 
TRP   CZ2  C  Y N 370 
TRP   CZ3  C  Y N 371 
TRP   CH2  C  Y N 372 
TRP   OXT  O  N N 373 
TRP   H    H  N N 374 
TRP   H2   H  N N 375 
TRP   HA   H  N N 376 
TRP   HB2  H  N N 377 
TRP   HB3  H  N N 378 
TRP   HD1  H  N N 379 
TRP   HE1  H  N N 380 
TRP   HE3  H  N N 381 
TRP   HZ2  H  N N 382 
TRP   HZ3  H  N N 383 
TRP   HH2  H  N N 384 
TRP   HXT  H  N N 385 
TYR   N    N  N N 386 
TYR   CA   C  N S 387 
TYR   C    C  N N 388 
TYR   O    O  N N 389 
TYR   CB   C  N N 390 
TYR   CG   C  Y N 391 
TYR   CD1  C  Y N 392 
TYR   CD2  C  Y N 393 
TYR   CE1  C  Y N 394 
TYR   CE2  C  Y N 395 
TYR   CZ   C  Y N 396 
TYR   OH   O  N N 397 
TYR   OXT  O  N N 398 
TYR   H    H  N N 399 
TYR   H2   H  N N 400 
TYR   HA   H  N N 401 
TYR   HB2  H  N N 402 
TYR   HB3  H  N N 403 
TYR   HD1  H  N N 404 
TYR   HD2  H  N N 405 
TYR   HE1  H  N N 406 
TYR   HE2  H  N N 407 
TYR   HH   H  N N 408 
TYR   HXT  H  N N 409 
VAL   N    N  N N 410 
VAL   CA   C  N S 411 
VAL   C    C  N N 412 
VAL   O    O  N N 413 
VAL   CB   C  N N 414 
VAL   CG1  C  N N 415 
VAL   CG2  C  N N 416 
VAL   OXT  O  N N 417 
VAL   H    H  N N 418 
VAL   H2   H  N N 419 
VAL   HA   H  N N 420 
VAL   HB   H  N N 421 
VAL   HG11 H  N N 422 
VAL   HG12 H  N N 423 
VAL   HG13 H  N N 424 
VAL   HG21 H  N N 425 
VAL   HG22 H  N N 426 
VAL   HG23 H  N N 427 
VAL   HXT  H  N N 428 
ZN    ZN   ZN N N 429 
# 
loop_
_chem_comp_bond.comp_id 
_chem_comp_bond.atom_id_1 
_chem_comp_bond.atom_id_2 
_chem_comp_bond.value_order 
_chem_comp_bond.pdbx_aromatic_flag 
_chem_comp_bond.pdbx_stereo_config 
_chem_comp_bond.pdbx_ordinal 
A1L9C O6  C17  doub N N 1   
A1L9C C17 C18  sing N N 2   
A1L9C C17 N2   sing N N 3   
A1L9C N2  C16  sing N N 4   
A1L9C C16 C15  doub Y N 5   
A1L9C C16 C14  sing Y N 6   
A1L9C C15 C13  sing Y N 7   
A1L9C C7  C9   sing N N 8   
A1L9C C7  N    sing N N 9   
A1L9C C14 C12  doub Y N 10  
A1L9C O3  C6   doub N N 11  
A1L9C C9  N1   sing N N 12  
A1L9C C13 C11  doub Y N 13  
A1L9C N   C6   sing N N 14  
A1L9C N   C8   sing N N 15  
A1L9C C12 C11  sing Y N 16  
A1L9C C6  C5   sing N N 17  
A1L9C C11 S    sing N N 18  
A1L9C N1  S    sing N N 19  
A1L9C N1  C10  sing N N 20  
A1L9C C8  C10  sing N N 21  
A1L9C C5  C4   doub Y N 22  
A1L9C C5  C    sing Y N 23  
A1L9C C4  C3   sing Y N 24  
A1L9C S   O5   doub N N 25  
A1L9C S   O4   doub N N 26  
A1L9C C   C1   doub Y N 27  
A1L9C C3  O2   sing N N 28  
A1L9C C3  C2   doub Y N 29  
A1L9C C1  C2   sing Y N 30  
A1L9C C1  O    sing N N 31  
A1L9C C2  O1   sing N N 32  
A1L9C C4  H1   sing N N 33  
A1L9C C7  H2   sing N N 34  
A1L9C C7  H3   sing N N 35  
A1L9C C8  H4   sing N N 36  
A1L9C C8  H5   sing N N 37  
A1L9C C10 H6   sing N N 38  
A1L9C C10 H7   sing N N 39  
A1L9C C13 H8   sing N N 40  
A1L9C C15 H9   sing N N 41  
A1L9C C   H10  sing N N 42  
A1L9C O   H11  sing N N 43  
A1L9C C12 H12  sing N N 44  
A1L9C C14 H13  sing N N 45  
A1L9C C18 H14  sing N N 46  
A1L9C C18 H15  sing N N 47  
A1L9C C18 H16  sing N N 48  
A1L9C C9  H17  sing N N 49  
A1L9C C9  H18  sing N N 50  
A1L9C N2  H19  sing N N 51  
A1L9C O1  H20  sing N N 52  
A1L9C O2  H21  sing N N 53  
ALA   N   CA   sing N N 54  
ALA   N   H    sing N N 55  
ALA   N   H2   sing N N 56  
ALA   CA  C    sing N N 57  
ALA   CA  CB   sing N N 58  
ALA   CA  HA   sing N N 59  
ALA   C   O    doub N N 60  
ALA   C   OXT  sing N N 61  
ALA   CB  HB1  sing N N 62  
ALA   CB  HB2  sing N N 63  
ALA   CB  HB3  sing N N 64  
ALA   OXT HXT  sing N N 65  
ARG   N   CA   sing N N 66  
ARG   N   H    sing N N 67  
ARG   N   H2   sing N N 68  
ARG   CA  C    sing N N 69  
ARG   CA  CB   sing N N 70  
ARG   CA  HA   sing N N 71  
ARG   C   O    doub N N 72  
ARG   C   OXT  sing N N 73  
ARG   CB  CG   sing N N 74  
ARG   CB  HB2  sing N N 75  
ARG   CB  HB3  sing N N 76  
ARG   CG  CD   sing N N 77  
ARG   CG  HG2  sing N N 78  
ARG   CG  HG3  sing N N 79  
ARG   CD  NE   sing N N 80  
ARG   CD  HD2  sing N N 81  
ARG   CD  HD3  sing N N 82  
ARG   NE  CZ   sing N N 83  
ARG   NE  HE   sing N N 84  
ARG   CZ  NH1  sing N N 85  
ARG   CZ  NH2  doub N N 86  
ARG   NH1 HH11 sing N N 87  
ARG   NH1 HH12 sing N N 88  
ARG   NH2 HH21 sing N N 89  
ARG   NH2 HH22 sing N N 90  
ARG   OXT HXT  sing N N 91  
ASN   N   CA   sing N N 92  
ASN   N   H    sing N N 93  
ASN   N   H2   sing N N 94  
ASN   CA  C    sing N N 95  
ASN   CA  CB   sing N N 96  
ASN   CA  HA   sing N N 97  
ASN   C   O    doub N N 98  
ASN   C   OXT  sing N N 99  
ASN   CB  CG   sing N N 100 
ASN   CB  HB2  sing N N 101 
ASN   CB  HB3  sing N N 102 
ASN   CG  OD1  doub N N 103 
ASN   CG  ND2  sing N N 104 
ASN   ND2 HD21 sing N N 105 
ASN   ND2 HD22 sing N N 106 
ASN   OXT HXT  sing N N 107 
ASP   N   CA   sing N N 108 
ASP   N   H    sing N N 109 
ASP   N   H2   sing N N 110 
ASP   CA  C    sing N N 111 
ASP   CA  CB   sing N N 112 
ASP   CA  HA   sing N N 113 
ASP   C   O    doub N N 114 
ASP   C   OXT  sing N N 115 
ASP   CB  CG   sing N N 116 
ASP   CB  HB2  sing N N 117 
ASP   CB  HB3  sing N N 118 
ASP   CG  OD1  doub N N 119 
ASP   CG  OD2  sing N N 120 
ASP   OD2 HD2  sing N N 121 
ASP   OXT HXT  sing N N 122 
GLN   N   CA   sing N N 123 
GLN   N   H    sing N N 124 
GLN   N   H2   sing N N 125 
GLN   CA  C    sing N N 126 
GLN   CA  CB   sing N N 127 
GLN   CA  HA   sing N N 128 
GLN   C   O    doub N N 129 
GLN   C   OXT  sing N N 130 
GLN   CB  CG   sing N N 131 
GLN   CB  HB2  sing N N 132 
GLN   CB  HB3  sing N N 133 
GLN   CG  CD   sing N N 134 
GLN   CG  HG2  sing N N 135 
GLN   CG  HG3  sing N N 136 
GLN   CD  OE1  doub N N 137 
GLN   CD  NE2  sing N N 138 
GLN   NE2 HE21 sing N N 139 
GLN   NE2 HE22 sing N N 140 
GLN   OXT HXT  sing N N 141 
GLU   N   CA   sing N N 142 
GLU   N   H    sing N N 143 
GLU   N   H2   sing N N 144 
GLU   CA  C    sing N N 145 
GLU   CA  CB   sing N N 146 
GLU   CA  HA   sing N N 147 
GLU   C   O    doub N N 148 
GLU   C   OXT  sing N N 149 
GLU   CB  CG   sing N N 150 
GLU   CB  HB2  sing N N 151 
GLU   CB  HB3  sing N N 152 
GLU   CG  CD   sing N N 153 
GLU   CG  HG2  sing N N 154 
GLU   CG  HG3  sing N N 155 
GLU   CD  OE1  doub N N 156 
GLU   CD  OE2  sing N N 157 
GLU   OE2 HE2  sing N N 158 
GLU   OXT HXT  sing N N 159 
GLY   N   CA   sing N N 160 
GLY   N   H    sing N N 161 
GLY   N   H2   sing N N 162 
GLY   CA  C    sing N N 163 
GLY   CA  HA2  sing N N 164 
GLY   CA  HA3  sing N N 165 
GLY   C   O    doub N N 166 
GLY   C   OXT  sing N N 167 
GLY   OXT HXT  sing N N 168 
HIS   N   CA   sing N N 169 
HIS   N   H    sing N N 170 
HIS   N   H2   sing N N 171 
HIS   CA  C    sing N N 172 
HIS   CA  CB   sing N N 173 
HIS   CA  HA   sing N N 174 
HIS   C   O    doub N N 175 
HIS   C   OXT  sing N N 176 
HIS   CB  CG   sing N N 177 
HIS   CB  HB2  sing N N 178 
HIS   CB  HB3  sing N N 179 
HIS   CG  ND1  sing Y N 180 
HIS   CG  CD2  doub Y N 181 
HIS   ND1 CE1  doub Y N 182 
HIS   ND1 HD1  sing N N 183 
HIS   CD2 NE2  sing Y N 184 
HIS   CD2 HD2  sing N N 185 
HIS   CE1 NE2  sing Y N 186 
HIS   CE1 HE1  sing N N 187 
HIS   NE2 HE2  sing N N 188 
HIS   OXT HXT  sing N N 189 
HOH   O   H1   sing N N 190 
HOH   O   H2   sing N N 191 
ILE   N   CA   sing N N 192 
ILE   N   H    sing N N 193 
ILE   N   H2   sing N N 194 
ILE   CA  C    sing N N 195 
ILE   CA  CB   sing N N 196 
ILE   CA  HA   sing N N 197 
ILE   C   O    doub N N 198 
ILE   C   OXT  sing N N 199 
ILE   CB  CG1  sing N N 200 
ILE   CB  CG2  sing N N 201 
ILE   CB  HB   sing N N 202 
ILE   CG1 CD1  sing N N 203 
ILE   CG1 HG12 sing N N 204 
ILE   CG1 HG13 sing N N 205 
ILE   CG2 HG21 sing N N 206 
ILE   CG2 HG22 sing N N 207 
ILE   CG2 HG23 sing N N 208 
ILE   CD1 HD11 sing N N 209 
ILE   CD1 HD12 sing N N 210 
ILE   CD1 HD13 sing N N 211 
ILE   OXT HXT  sing N N 212 
LEU   N   CA   sing N N 213 
LEU   N   H    sing N N 214 
LEU   N   H2   sing N N 215 
LEU   CA  C    sing N N 216 
LEU   CA  CB   sing N N 217 
LEU   CA  HA   sing N N 218 
LEU   C   O    doub N N 219 
LEU   C   OXT  sing N N 220 
LEU   CB  CG   sing N N 221 
LEU   CB  HB2  sing N N 222 
LEU   CB  HB3  sing N N 223 
LEU   CG  CD1  sing N N 224 
LEU   CG  CD2  sing N N 225 
LEU   CG  HG   sing N N 226 
LEU   CD1 HD11 sing N N 227 
LEU   CD1 HD12 sing N N 228 
LEU   CD1 HD13 sing N N 229 
LEU   CD2 HD21 sing N N 230 
LEU   CD2 HD22 sing N N 231 
LEU   CD2 HD23 sing N N 232 
LEU   OXT HXT  sing N N 233 
LYS   N   CA   sing N N 234 
LYS   N   H    sing N N 235 
LYS   N   H2   sing N N 236 
LYS   CA  C    sing N N 237 
LYS   CA  CB   sing N N 238 
LYS   CA  HA   sing N N 239 
LYS   C   O    doub N N 240 
LYS   C   OXT  sing N N 241 
LYS   CB  CG   sing N N 242 
LYS   CB  HB2  sing N N 243 
LYS   CB  HB3  sing N N 244 
LYS   CG  CD   sing N N 245 
LYS   CG  HG2  sing N N 246 
LYS   CG  HG3  sing N N 247 
LYS   CD  CE   sing N N 248 
LYS   CD  HD2  sing N N 249 
LYS   CD  HD3  sing N N 250 
LYS   CE  NZ   sing N N 251 
LYS   CE  HE2  sing N N 252 
LYS   CE  HE3  sing N N 253 
LYS   NZ  HZ1  sing N N 254 
LYS   NZ  HZ2  sing N N 255 
LYS   NZ  HZ3  sing N N 256 
LYS   OXT HXT  sing N N 257 
MET   N   CA   sing N N 258 
MET   N   H    sing N N 259 
MET   N   H2   sing N N 260 
MET   CA  C    sing N N 261 
MET   CA  CB   sing N N 262 
MET   CA  HA   sing N N 263 
MET   C   O    doub N N 264 
MET   C   OXT  sing N N 265 
MET   CB  CG   sing N N 266 
MET   CB  HB2  sing N N 267 
MET   CB  HB3  sing N N 268 
MET   CG  SD   sing N N 269 
MET   CG  HG2  sing N N 270 
MET   CG  HG3  sing N N 271 
MET   SD  CE   sing N N 272 
MET   CE  HE1  sing N N 273 
MET   CE  HE2  sing N N 274 
MET   CE  HE3  sing N N 275 
MET   OXT HXT  sing N N 276 
PHE   N   CA   sing N N 277 
PHE   N   H    sing N N 278 
PHE   N   H2   sing N N 279 
PHE   CA  C    sing N N 280 
PHE   CA  CB   sing N N 281 
PHE   CA  HA   sing N N 282 
PHE   C   O    doub N N 283 
PHE   C   OXT  sing N N 284 
PHE   CB  CG   sing N N 285 
PHE   CB  HB2  sing N N 286 
PHE   CB  HB3  sing N N 287 
PHE   CG  CD1  doub Y N 288 
PHE   CG  CD2  sing Y N 289 
PHE   CD1 CE1  sing Y N 290 
PHE   CD1 HD1  sing N N 291 
PHE   CD2 CE2  doub Y N 292 
PHE   CD2 HD2  sing N N 293 
PHE   CE1 CZ   doub Y N 294 
PHE   CE1 HE1  sing N N 295 
PHE   CE2 CZ   sing Y N 296 
PHE   CE2 HE2  sing N N 297 
PHE   CZ  HZ   sing N N 298 
PHE   OXT HXT  sing N N 299 
PRO   N   CA   sing N N 300 
PRO   N   CD   sing N N 301 
PRO   N   H    sing N N 302 
PRO   CA  C    sing N N 303 
PRO   CA  CB   sing N N 304 
PRO   CA  HA   sing N N 305 
PRO   C   O    doub N N 306 
PRO   C   OXT  sing N N 307 
PRO   CB  CG   sing N N 308 
PRO   CB  HB2  sing N N 309 
PRO   CB  HB3  sing N N 310 
PRO   CG  CD   sing N N 311 
PRO   CG  HG2  sing N N 312 
PRO   CG  HG3  sing N N 313 
PRO   CD  HD2  sing N N 314 
PRO   CD  HD3  sing N N 315 
PRO   OXT HXT  sing N N 316 
SER   N   CA   sing N N 317 
SER   N   H    sing N N 318 
SER   N   H2   sing N N 319 
SER   CA  C    sing N N 320 
SER   CA  CB   sing N N 321 
SER   CA  HA   sing N N 322 
SER   C   O    doub N N 323 
SER   C   OXT  sing N N 324 
SER   CB  OG   sing N N 325 
SER   CB  HB2  sing N N 326 
SER   CB  HB3  sing N N 327 
SER   OG  HG   sing N N 328 
SER   OXT HXT  sing N N 329 
THR   N   CA   sing N N 330 
THR   N   H    sing N N 331 
THR   N   H2   sing N N 332 
THR   CA  C    sing N N 333 
THR   CA  CB   sing N N 334 
THR   CA  HA   sing N N 335 
THR   C   O    doub N N 336 
THR   C   OXT  sing N N 337 
THR   CB  OG1  sing N N 338 
THR   CB  CG2  sing N N 339 
THR   CB  HB   sing N N 340 
THR   OG1 HG1  sing N N 341 
THR   CG2 HG21 sing N N 342 
THR   CG2 HG22 sing N N 343 
THR   CG2 HG23 sing N N 344 
THR   OXT HXT  sing N N 345 
TRP   N   CA   sing N N 346 
TRP   N   H    sing N N 347 
TRP   N   H2   sing N N 348 
TRP   CA  C    sing N N 349 
TRP   CA  CB   sing N N 350 
TRP   CA  HA   sing N N 351 
TRP   C   O    doub N N 352 
TRP   C   OXT  sing N N 353 
TRP   CB  CG   sing N N 354 
TRP   CB  HB2  sing N N 355 
TRP   CB  HB3  sing N N 356 
TRP   CG  CD1  doub Y N 357 
TRP   CG  CD2  sing Y N 358 
TRP   CD1 NE1  sing Y N 359 
TRP   CD1 HD1  sing N N 360 
TRP   CD2 CE2  doub Y N 361 
TRP   CD2 CE3  sing Y N 362 
TRP   NE1 CE2  sing Y N 363 
TRP   NE1 HE1  sing N N 364 
TRP   CE2 CZ2  sing Y N 365 
TRP   CE3 CZ3  doub Y N 366 
TRP   CE3 HE3  sing N N 367 
TRP   CZ2 CH2  doub Y N 368 
TRP   CZ2 HZ2  sing N N 369 
TRP   CZ3 CH2  sing Y N 370 
TRP   CZ3 HZ3  sing N N 371 
TRP   CH2 HH2  sing N N 372 
TRP   OXT HXT  sing N N 373 
TYR   N   CA   sing N N 374 
TYR   N   H    sing N N 375 
TYR   N   H2   sing N N 376 
TYR   CA  C    sing N N 377 
TYR   CA  CB   sing N N 378 
TYR   CA  HA   sing N N 379 
TYR   C   O    doub N N 380 
TYR   C   OXT  sing N N 381 
TYR   CB  CG   sing N N 382 
TYR   CB  HB2  sing N N 383 
TYR   CB  HB3  sing N N 384 
TYR   CG  CD1  doub Y N 385 
TYR   CG  CD2  sing Y N 386 
TYR   CD1 CE1  sing Y N 387 
TYR   CD1 HD1  sing N N 388 
TYR   CD2 CE2  doub Y N 389 
TYR   CD2 HD2  sing N N 390 
TYR   CE1 CZ   doub Y N 391 
TYR   CE1 HE1  sing N N 392 
TYR   CE2 CZ   sing Y N 393 
TYR   CE2 HE2  sing N N 394 
TYR   CZ  OH   sing N N 395 
TYR   OH  HH   sing N N 396 
TYR   OXT HXT  sing N N 397 
VAL   N   CA   sing N N 398 
VAL   N   H    sing N N 399 
VAL   N   H2   sing N N 400 
VAL   CA  C    sing N N 401 
VAL   CA  CB   sing N N 402 
VAL   CA  HA   sing N N 403 
VAL   C   O    doub N N 404 
VAL   C   OXT  sing N N 405 
VAL   CB  CG1  sing N N 406 
VAL   CB  CG2  sing N N 407 
VAL   CB  HB   sing N N 408 
VAL   CG1 HG11 sing N N 409 
VAL   CG1 HG12 sing N N 410 
VAL   CG1 HG13 sing N N 411 
VAL   CG2 HG21 sing N N 412 
VAL   CG2 HG22 sing N N 413 
VAL   CG2 HG23 sing N N 414 
VAL   OXT HXT  sing N N 415 
# 
_pdbx_audit_support.funding_organization   'Japan Society for the Promotion of Science (JSPS)' 
_pdbx_audit_support.country                Japan 
_pdbx_audit_support.grant_number           ? 
_pdbx_audit_support.ordinal                1 
# 
_pdbx_initial_refinement_model.id               1 
_pdbx_initial_refinement_model.entity_id_list   ? 
_pdbx_initial_refinement_model.type             'experimental model' 
_pdbx_initial_refinement_model.source_name      PDB 
_pdbx_initial_refinement_model.accession_code   8JYH 
_pdbx_initial_refinement_model.details          ? 
# 
_atom_sites.entry_id                    9UOA 
_atom_sites.Cartn_transf_matrix[1][1]   ? 
_atom_sites.Cartn_transf_matrix[1][2]   ? 
_atom_sites.Cartn_transf_matrix[1][3]   ? 
_atom_sites.Cartn_transf_matrix[2][1]   ? 
_atom_sites.Cartn_transf_matrix[2][2]   ? 
_atom_sites.Cartn_transf_matrix[2][3]   ? 
_atom_sites.Cartn_transf_matrix[3][1]   ? 
_atom_sites.Cartn_transf_matrix[3][2]   ? 
_atom_sites.Cartn_transf_matrix[3][3]   ? 
_atom_sites.Cartn_transf_vector[1]      ? 
_atom_sites.Cartn_transf_vector[2]      ? 
_atom_sites.Cartn_transf_vector[3]      ? 
_atom_sites.Cartn_transform_axes        ? 
_atom_sites.fract_transf_matrix[1][1]   0.01589479 
_atom_sites.fract_transf_matrix[1][2]   -0.00210290 
_atom_sites.fract_transf_matrix[1][3]   0.00307233 
_atom_sites.fract_transf_matrix[2][1]   0.00340553 
_atom_sites.fract_transf_matrix[2][2]   0.00276791 
_atom_sites.fract_transf_matrix[2][3]   -0.01572408 
_atom_sites.fract_transf_matrix[3][1]   0.00110882 
_atom_sites.fract_transf_matrix[3][2]   0.01175509 
_atom_sites.fract_transf_matrix[3][3]   0.00230940 
_atom_sites.fract_transf_vector[1]      0.145706 
_atom_sites.fract_transf_vector[2]      0.229884 
_atom_sites.fract_transf_vector[3]      0.183871 
_atom_sites.solution_primary            ? 
_atom_sites.solution_secondary          ? 
_atom_sites.solution_hydrogens          ? 
_atom_sites.special_details             ? 
# 
loop_
_atom_type.symbol 
C  
MN 
N  
O  
S  
ZN 
# 
loop_
_atom_site.group_PDB 
_atom_site.id 
_atom_site.type_symbol 
_atom_site.label_atom_id 
_atom_site.label_alt_id 
_atom_site.label_comp_id 
_atom_site.label_asym_id 
_atom_site.label_entity_id 
_atom_site.label_seq_id 
_atom_site.pdbx_PDB_ins_code 
_atom_site.Cartn_x 
_atom_site.Cartn_y 
_atom_site.Cartn_z 
_atom_site.occupancy 
_atom_site.B_iso_or_equiv 
_atom_site.pdbx_formal_charge 
_atom_site.auth_seq_id 
_atom_site.auth_comp_id 
_atom_site.auth_asym_id 
_atom_site.auth_atom_id 
_atom_site.pdbx_PDB_model_num 
ATOM   1    N  N   . GLY   A 1 4   ? -15.129 8.810   -14.111 1.00 91.76  ? 4   GLY   A N   1 
ATOM   2    C  CA  . GLY   A 1 4   ? -16.090 9.017   -13.045 1.00 95.60  ? 4   GLY   A CA  1 
ATOM   3    C  C   . GLY   A 1 4   ? -15.614 8.433   -11.731 1.00 91.06  ? 4   GLY   A C   1 
ATOM   4    O  O   . GLY   A 1 4   ? -15.854 7.263   -11.436 1.00 87.16  ? 4   GLY   A O   1 
ATOM   5    N  N   . SER   A 1 5   ? -14.920 9.246   -10.941 1.00 85.32  ? 5   SER   A N   1 
ATOM   6    C  CA  . SER   A 1 5   ? -14.361 8.785   -9.678  1.00 85.45  ? 5   SER   A CA  1 
ATOM   7    C  C   . SER   A 1 5   ? -14.151 9.983   -8.761  1.00 91.45  ? 5   SER   A C   1 
ATOM   8    O  O   . SER   A 1 5   ? -14.502 11.118  -9.097  1.00 100.37 ? 5   SER   A O   1 
ATOM   9    C  CB  . SER   A 1 5   ? -13.042 8.039   -9.892  1.00 81.15  ? 5   SER   A CB  1 
ATOM   10   O  OG  . SER   A 1 5   ? -13.051 7.251   -11.069 1.00 82.21  ? 5   SER   A OG  1 
ATOM   11   N  N   . MET   A 1 6   ? -13.471 9.748   -7.653  1.00 88.19  ? 6   MET   A N   1 
ATOM   12   C  CA  . MET   A 1 6   ? -13.127 10.893  -6.789  1.00 84.73  ? 6   MET   A CA  1 
ATOM   13   C  C   . MET   A 1 6   ? -11.676 11.210  -7.094  1.00 82.35  ? 6   MET   A C   1 
ATOM   14   O  O   . MET   A 1 6   ? -11.131 12.055  -6.367  1.00 82.26  ? 6   MET   A O   1 
ATOM   15   C  CB  . MET   A 1 6   ? -13.258 10.457  -5.331  1.00 89.32  ? 6   MET   A CB  1 
ATOM   16   C  CG  . MET   A 1 6   ? -14.418 9.512   -5.091  1.00 91.20  ? 6   MET   A CG  1 
ATOM   17   S  SD  . MET   A 1 6   ? -13.907 7.976   -4.287  1.00 94.93  ? 6   MET   A SD  1 
ATOM   18   C  CE  . MET   A 1 6   ? -14.618 8.202   -2.658  1.00 79.13  ? 6   MET   A CE  1 
ATOM   19   N  N   . TYR   A 1 7   ? -11.135 10.668  -8.199  1.00 79.58  ? 7   TYR   A N   1 
ATOM   20   C  CA  . TYR   A 1 7   ? -9.703  10.743  -8.449  1.00 68.72  ? 7   TYR   A CA  1 
ATOM   21   C  C   . TYR   A 1 7   ? -9.329  9.874   -9.640  1.00 64.59  ? 7   TYR   A C   1 
ATOM   22   O  O   . TYR   A 1 7   ? -9.829  8.753   -9.771  1.00 68.83  ? 7   TYR   A O   1 
ATOM   23   C  CB  . TYR   A 1 7   ? -8.933  10.292  -7.202  1.00 65.31  ? 7   TYR   A CB  1 
ATOM   24   C  CG  . TYR   A 1 7   ? -7.546  10.869  -7.043  1.00 61.67  ? 7   TYR   A CG  1 
ATOM   25   C  CD1 . TYR   A 1 7   ? -7.339  12.074  -6.385  1.00 58.87  ? 7   TYR   A CD1 1 
ATOM   26   C  CD2 . TYR   A 1 7   ? -6.434  10.186  -7.527  1.00 55.84  ? 7   TYR   A CD2 1 
ATOM   27   C  CE1 . TYR   A 1 7   ? -6.068  12.596  -6.232  1.00 53.21  ? 7   TYR   A CE1 1 
ATOM   28   C  CE2 . TYR   A 1 7   ? -5.162  10.699  -7.379  1.00 54.72  ? 7   TYR   A CE2 1 
ATOM   29   C  CZ  . TYR   A 1 7   ? -4.985  11.903  -6.731  1.00 51.94  ? 7   TYR   A CZ  1 
ATOM   30   O  OH  . TYR   A 1 7   ? -3.716  12.415  -6.581  1.00 62.40  ? 7   TYR   A OH  1 
ATOM   31   N  N   . GLN   A 1 8   ? -8.457  10.367  -10.518 1.00 55.32  ? 8   GLN   A N   1 
ATOM   32   C  CA  . GLN   A 1 8   ? -7.907  9.566   -11.609 1.00 57.73  ? 8   GLN   A CA  1 
ATOM   33   C  C   . GLN   A 1 8   ? -6.477  9.189   -11.247 1.00 53.23  ? 8   GLN   A C   1 
ATOM   34   O  O   . GLN   A 1 8   ? -5.574  10.032  -11.296 1.00 56.90  ? 8   GLN   A O   1 
ATOM   35   C  CB  . GLN   A 1 8   ? -7.945  10.321  -12.939 1.00 69.98  ? 8   GLN   A CB  1 
ATOM   36   C  CG  . GLN   A 1 8   ? -7.911  9.405   -14.168 1.00 68.84  ? 8   GLN   A CG  1 
ATOM   37   C  CD  . GLN   A 1 8   ? -7.094  9.977   -15.321 1.00 84.40  ? 8   GLN   A CD  1 
ATOM   38   O  OE1 . GLN   A 1 8   ? -5.863  9.914   -15.319 1.00 76.98  ? 8   GLN   A OE1 1 
ATOM   39   N  NE2 . GLN   A 1 8   ? -7.779  10.528  -16.317 1.00 84.62  ? 8   GLN   A NE2 1 
ATOM   40   N  N   . LEU   A 1 9   ? -6.271  7.925   -10.882 1.00 45.50  ? 9   LEU   A N   1 
ATOM   41   C  CA  . LEU   A 1 9   ? -4.920  7.433   -10.657 1.00 43.89  ? 9   LEU   A CA  1 
ATOM   42   C  C   . LEU   A 1 9   ? -4.123  7.482   -11.956 1.00 45.08  ? 9   LEU   A C   1 
ATOM   43   O  O   . LEU   A 1 9   ? -4.660  7.279   -13.048 1.00 43.96  ? 9   LEU   A O   1 
ATOM   44   C  CB  . LEU   A 1 9   ? -4.956  6.005   -10.110 1.00 40.26  ? 9   LEU   A CB  1 
ATOM   45   C  CG  . LEU   A 1 9   ? -5.494  5.835   -8.687  1.00 31.10  ? 9   LEU   A CG  1 
ATOM   46   C  CD1 . LEU   A 1 9   ? -5.700  4.364   -8.360  1.00 36.46  ? 9   LEU   A CD1 1 
ATOM   47   C  CD2 . LEU   A 1 9   ? -4.559  6.483   -7.680  1.00 42.81  ? 9   LEU   A CD2 1 
ATOM   48   N  N   . GLU   A 1 10  ? -2.828  7.762   -11.833 1.00 39.02  ? 10  GLU   A N   1 
ATOM   49   C  CA  . GLU   A 1 10  ? -1.979  7.889   -13.007 1.00 39.46  ? 10  GLU   A CA  1 
ATOM   50   C  C   . GLU   A 1 10  ? -1.861  6.561   -13.746 1.00 39.65  ? 10  GLU   A C   1 
ATOM   51   O  O   . GLU   A 1 10  ? -1.946  5.483   -13.153 1.00 38.77  ? 10  GLU   A O   1 
ATOM   52   C  CB  . GLU   A 1 10  ? -0.592  8.390   -12.609 1.00 42.48  ? 10  GLU   A CB  1 
ATOM   53   C  CG  . GLU   A 1 10  ? -0.616  9.707   -11.856 1.00 41.16  ? 10  GLU   A CG  1 
ATOM   54   C  CD  . GLU   A 1 10  ? -1.133  10.844  -12.714 1.00 45.12  ? 10  GLU   A CD  1 
ATOM   55   O  OE1 . GLU   A 1 10  ? -0.672  10.971  -13.869 1.00 49.44  ? 10  GLU   A OE1 1 
ATOM   56   O  OE2 . GLU   A 1 10  ? -2.003  11.603  -12.239 1.00 48.58  ? 10  GLU   A OE2 1 
ATOM   57   N  N   . LYS   A 1 11  ? -1.664  6.649   -15.062 1.00 42.39  ? 11  LYS   A N   1 
ATOM   58   C  CA  . LYS   A 1 11  ? -1.472  5.465   -15.888 1.00 44.10  ? 11  LYS   A CA  1 
ATOM   59   C  C   . LYS   A 1 11  ? -0.007  5.081   -16.042 1.00 46.13  ? 11  LYS   A C   1 
ATOM   60   O  O   . LYS   A 1 11  ? 0.286   3.941   -16.416 1.00 41.95  ? 11  LYS   A O   1 
ATOM   61   C  CB  . LYS   A 1 11  ? -2.094  5.681   -17.272 1.00 49.54  ? 11  LYS   A CB  1 
ATOM   62   C  CG  . LYS   A 1 11  ? -3.606  5.844   -17.249 1.00 52.30  ? 11  LYS   A CG  1 
ATOM   63   C  CD  . LYS   A 1 11  ? -4.278  4.642   -16.598 1.00 54.37  ? 11  LYS   A CD  1 
ATOM   64   C  CE  . LYS   A 1 11  ? -5.789  4.679   -16.781 1.00 65.91  ? 11  LYS   A CE  1 
ATOM   65   N  NZ  . LYS   A 1 11  ? -6.335  3.363   -17.216 1.00 63.62  ? 11  LYS   A NZ  1 
ATOM   66   N  N   . GLU   A 1 12  ? 0.906   6.000   -15.763 1.00 39.13  ? 12  GLU   A N   1 
ATOM   67   C  CA  . GLU   A 1 12  ? 2.341   5.789   -15.821 1.00 40.19  ? 12  GLU   A CA  1 
ATOM   68   C  C   . GLU   A 1 12  ? 2.962   6.386   -14.567 1.00 38.15  ? 12  GLU   A C   1 
ATOM   69   O  O   . GLU   A 1 12  ? 2.358   7.246   -13.920 1.00 34.63  ? 12  GLU   A O   1 
ATOM   70   C  CB  . GLU   A 1 12  ? 2.952   6.442   -17.070 1.00 51.84  ? 12  GLU   A CB  1 
ATOM   71   C  CG  . GLU   A 1 12  ? 2.237   6.112   -18.369 1.00 68.24  ? 12  GLU   A CG  1 
ATOM   72   C  CD  . GLU   A 1 12  ? 1.153   7.118   -18.709 1.00 54.26  ? 12  GLU   A CD  1 
ATOM   73   O  OE1 . GLU   A 1 12  ? 0.987   8.093   -17.944 1.00 55.64  ? 12  GLU   A OE1 1 
ATOM   74   O  OE2 . GLU   A 1 12  ? 0.464   6.929   -19.733 1.00 61.73  ? 12  GLU   A OE2 1 
ATOM   75   N  N   . PRO   A 1 13  ? 4.163   5.946   -14.192 1.00 39.20  ? 13  PRO   A N   1 
ATOM   76   C  CA  . PRO   A 1 13  ? 4.811   6.529   -13.010 1.00 33.34  ? 13  PRO   A CA  1 
ATOM   77   C  C   . PRO   A 1 13  ? 5.041   8.024   -13.175 1.00 39.59  ? 13  PRO   A C   1 
ATOM   78   O  O   . PRO   A 1 13  ? 5.329   8.516   -14.269 1.00 39.57  ? 13  PRO   A O   1 
ATOM   79   C  CB  . PRO   A 1 13  ? 6.132   5.763   -12.915 1.00 34.16  ? 13  PRO   A CB  1 
ATOM   80   C  CG  . PRO   A 1 13  ? 5.876   4.475   -13.622 1.00 36.18  ? 13  PRO   A CG  1 
ATOM   81   C  CD  . PRO   A 1 13  ? 4.920   4.803   -14.731 1.00 36.65  ? 13  PRO   A CD  1 
ATOM   82   N  N   . ILE   A 1 14  ? 4.905   8.750   -12.070 1.00 30.26  ? 14  ILE   A N   1 
ATOM   83   C  CA  . ILE   A 1 14  ? 5.103   10.196  -12.066 1.00 36.55  ? 14  ILE   A CA  1 
ATOM   84   C  C   . ILE   A 1 14  ? 6.600   10.461  -12.132 1.00 33.45  ? 14  ILE   A C   1 
ATOM   85   O  O   . ILE   A 1 14  ? 7.332   10.191  -11.176 1.00 38.80  ? 14  ILE   A O   1 
ATOM   86   C  CB  . ILE   A 1 14  ? 4.481   10.845  -10.828 1.00 29.83  ? 14  ILE   A CB  1 
ATOM   87   C  CG1 . ILE   A 1 14  ? 2.969   10.604  -10.808 1.00 34.32  ? 14  ILE   A CG1 1 
ATOM   88   C  CG2 . ILE   A 1 14  ? 4.791   12.335  -10.806 1.00 34.86  ? 14  ILE   A CG2 1 
ATOM   89   C  CD1 . ILE   A 1 14  ? 2.388   10.516  -9.409  1.00 36.30  ? 14  ILE   A CD1 1 
ATOM   90   N  N   . VAL   A 1 15  ? 7.060   10.994  -13.264 1.00 33.59  ? 15  VAL   A N   1 
ATOM   91   C  CA  . VAL   A 1 15  ? 8.482   11.256  -13.442 1.00 37.73  ? 15  VAL   A CA  1 
ATOM   92   C  C   . VAL   A 1 15  ? 8.928   12.325  -12.457 1.00 36.47  ? 15  VAL   A C   1 
ATOM   93   O  O   . VAL   A 1 15  ? 8.278   13.368  -12.305 1.00 34.61  ? 15  VAL   A O   1 
ATOM   94   C  CB  . VAL   A 1 15  ? 8.778   11.669  -14.892 1.00 39.97  ? 15  VAL   A CB  1 
ATOM   95   C  CG1 . VAL   A 1 15  ? 10.275  11.727  -15.122 1.00 44.35  ? 15  VAL   A CG1 1 
ATOM   96   C  CG2 . VAL   A 1 15  ? 8.136   10.690  -15.860 1.00 44.78  ? 15  VAL   A CG2 1 
ATOM   97   N  N   . GLY   A 1 16  ? 10.040  12.064  -11.772 1.00 38.71  ? 16  GLY   A N   1 
ATOM   98   C  CA  . GLY   A 1 16  ? 10.582  12.971  -10.790 1.00 39.72  ? 16  GLY   A CA  1 
ATOM   99   C  C   . GLY   A 1 16  ? 10.137  12.718  -9.364  1.00 42.31  ? 16  GLY   A C   1 
ATOM   100  O  O   . GLY   A 1 16  ? 10.840  13.119  -8.431  1.00 43.84  ? 16  GLY   A O   1 
ATOM   101  N  N   . ALA   A 1 17  ? 8.998   12.064  -9.164  1.00 39.74  ? 17  ALA   A N   1 
ATOM   102  C  CA  . ALA   A 1 17  ? 8.443   11.901  -7.828  1.00 34.68  ? 17  ALA   A CA  1 
ATOM   103  C  C   . ALA   A 1 17  ? 9.137   10.776  -7.068  1.00 38.83  ? 17  ALA   A C   1 
ATOM   104  O  O   . ALA   A 1 17  ? 9.582   9.784   -7.651  1.00 38.14  ? 17  ALA   A O   1 
ATOM   105  C  CB  . ALA   A 1 17  ? 6.942   11.625  -7.906  1.00 31.97  ? 17  ALA   A CB  1 
ATOM   106  N  N   . GLU   A 1 18  ? 9.228   10.949  -5.749  1.00 37.23  ? 18  GLU   A N   1 
ATOM   107  C  CA  . GLU   A 1 18  ? 9.753   9.907   -4.878  1.00 34.94  ? 18  GLU   A CA  1 
ATOM   108  C  C   . GLU   A 1 18  ? 8.911   8.643   -5.006  1.00 31.80  ? 18  GLU   A C   1 
ATOM   109  O  O   . GLU   A 1 18  ? 7.684   8.706   -5.119  1.00 29.36  ? 18  GLU   A O   1 
ATOM   110  C  CB  . GLU   A 1 18  ? 9.761   10.401  -3.427  1.00 33.75  ? 18  GLU   A CB  1 
ATOM   111  C  CG  . GLU   A 1 18  ? 10.333  9.423   -2.403  1.00 30.34  ? 18  GLU   A CG  1 
ATOM   112  C  CD  . GLU   A 1 18  ? 10.543  10.066  -1.032  1.00 37.85  ? 18  GLU   A CD  1 
ATOM   113  O  OE1 . GLU   A 1 18  ? 9.952   11.137  -0.773  1.00 39.63  ? 18  GLU   A OE1 1 
ATOM   114  O  OE2 . GLU   A 1 18  ? 11.300  9.503   -0.216  1.00 39.65  ? 18  GLU   A OE2 1 
ATOM   115  N  N   . THR   A 1 19  ? 9.572   7.488   -4.987  1.00 32.88  ? 19  THR   A N   1 
ATOM   116  C  CA  . THR   A 1 19  ? 8.904   6.200   -5.150  1.00 31.62  ? 19  THR   A CA  1 
ATOM   117  C  C   . THR   A 1 19  ? 8.969   5.422   -3.845  1.00 29.74  ? 19  THR   A C   1 
ATOM   118  O  O   . THR   A 1 19  ? 10.061  5.175   -3.321  1.00 29.29  ? 19  THR   A O   1 
ATOM   119  C  CB  . THR   A 1 19  ? 9.540   5.388   -6.276  1.00 29.65  ? 19  THR   A CB  1 
ATOM   120  O  OG1 . THR   A 1 19  ? 9.318   6.048   -7.526  1.00 37.19  ? 19  THR   A OG1 1 
ATOM   121  C  CG2 . THR   A 1 19  ? 8.931   3.995   -6.331  1.00 33.38  ? 19  THR   A CG2 1 
ATOM   122  N  N   . PHE   A 1 20  ? 7.804   5.017   -3.341  1.00 30.69  ? 20  PHE   A N   1 
ATOM   123  C  CA  . PHE   A 1 20  ? 7.690   4.260   -2.097  1.00 31.13  ? 20  PHE   A CA  1 
ATOM   124  C  C   . PHE   A 1 20  ? 7.459   2.790   -2.432  1.00 26.35  ? 20  PHE   A C   1 
ATOM   125  O  O   . PHE   A 1 20  ? 6.412   2.432   -2.974  1.00 28.07  ? 20  PHE   A O   1 
ATOM   126  C  CB  . PHE   A 1 20  ? 6.540   4.789   -1.241  1.00 26.41  ? 20  PHE   A CB  1 
ATOM   127  C  CG  . PHE   A 1 20  ? 6.810   6.120   -0.597  1.00 29.46  ? 20  PHE   A CG  1 
ATOM   128  C  CD1 . PHE   A 1 20  ? 6.935   7.267   -1.364  1.00 22.93  ? 20  PHE   A CD1 1 
ATOM   129  C  CD2 . PHE   A 1 20  ? 6.911   6.228   0.778   1.00 32.55  ? 20  PHE   A CD2 1 
ATOM   130  C  CE1 . PHE   A 1 20  ? 7.174   8.493   -0.769  1.00 32.84  ? 20  PHE   A CE1 1 
ATOM   131  C  CE2 . PHE   A 1 20  ? 7.147   7.451   1.376   1.00 30.36  ? 20  PHE   A CE2 1 
ATOM   132  C  CZ  . PHE   A 1 20  ? 7.278   8.582   0.604   1.00 32.69  ? 20  PHE   A CZ  1 
ATOM   133  N  N   . TYR   A 1 21  ? 8.425   1.941   -2.100  1.00 28.36  ? 21  TYR   A N   1 
ATOM   134  C  CA  . TYR   A 1 21  ? 8.238   0.494   -2.187  1.00 31.66  ? 21  TYR   A CA  1 
ATOM   135  C  C   . TYR   A 1 21  ? 7.647   0.025   -0.863  1.00 33.87  ? 21  TYR   A C   1 
ATOM   136  O  O   . TYR   A 1 21  ? 8.351   -0.042  0.146   1.00 31.80  ? 21  TYR   A O   1 
ATOM   137  C  CB  . TYR   A 1 21  ? 9.554   -0.212  -2.492  1.00 31.97  ? 21  TYR   A CB  1 
ATOM   138  C  CG  . TYR   A 1 21  ? 10.146  0.188   -3.824  1.00 32.42  ? 21  TYR   A CG  1 
ATOM   139  C  CD1 . TYR   A 1 21  ? 10.945  1.315   -3.933  1.00 28.79  ? 21  TYR   A CD1 1 
ATOM   140  C  CD2 . TYR   A 1 21  ? 9.889   -0.550  -4.974  1.00 31.73  ? 21  TYR   A CD2 1 
ATOM   141  C  CE1 . TYR   A 1 21  ? 11.481  1.697   -5.144  1.00 30.80  ? 21  TYR   A CE1 1 
ATOM   142  C  CE2 . TYR   A 1 21  ? 10.424  -0.175  -6.193  1.00 36.49  ? 21  TYR   A CE2 1 
ATOM   143  C  CZ  . TYR   A 1 21  ? 11.220  0.950   -6.269  1.00 34.03  ? 21  TYR   A CZ  1 
ATOM   144  O  OH  . TYR   A 1 21  ? 11.760  1.339   -7.473  1.00 36.70  ? 21  TYR   A OH  1 
ATOM   145  N  N   . VAL   A 1 22  ? 6.348   -0.285  -0.869  1.00 30.21  ? 22  VAL   A N   1 
ATOM   146  C  CA  . VAL   A 1 22  ? 5.596   -0.603  0.339   1.00 29.23  ? 22  VAL   A CA  1 
ATOM   147  C  C   . VAL   A 1 22  ? 5.472   -2.111  0.479   1.00 33.30  ? 22  VAL   A C   1 
ATOM   148  O  O   . VAL   A 1 22  ? 5.442   -2.850  -0.512  1.00 27.26  ? 22  VAL   A O   1 
ATOM   149  C  CB  . VAL   A 1 22  ? 4.204   0.065   0.318   1.00 28.02  ? 22  VAL   A CB  1 
ATOM   150  C  CG1 . VAL   A 1 22  ? 4.346   1.560   0.209   1.00 26.08  ? 22  VAL   A CG1 1 
ATOM   151  C  CG2 . VAL   A 1 22  ? 3.374   -0.462  -0.846  1.00 24.23  ? 22  VAL   A CG2 1 
ATOM   152  N  N   . ASP   A 1 23  ? 5.407   -2.566  1.739   1.00 32.22  ? 23  ASP   A N   1 
ATOM   153  C  CA  . ASP   A 1 23  ? 5.187   -3.988  1.948   1.00 25.21  ? 23  ASP   A CA  1 
ATOM   154  C  C   . ASP   A 1 23  ? 4.698   -4.236  3.366   1.00 31.53  ? 23  ASP   A C   1 
ATOM   155  O  O   . ASP   A 1 23  ? 4.964   -3.454  4.283   1.00 29.75  ? 23  ASP   A O   1 
ATOM   156  C  CB  . ASP   A 1 23  ? 6.454   -4.804  1.694   1.00 31.42  ? 23  ASP   A CB  1 
ATOM   157  C  CG  . ASP   A 1 23  ? 6.144   -6.227  1.326   1.00 37.62  ? 23  ASP   A CG  1 
ATOM   158  O  OD1 . ASP   A 1 23  ? 4.982   -6.643  1.510   1.00 31.17  ? 23  ASP   A OD1 1 
ATOM   159  O  OD2 . ASP   A 1 23  ? 7.049   -6.946  0.864   1.00 39.41  ? 23  ASP   A OD2 1 
ATOM   160  N  N   . GLY   A 1 24  ? 3.965   -5.360  3.510   1.00 30.78  ? 24  GLY   A N   1 
ATOM   161  C  CA  . GLY   A 1 24  ? 3.536   -5.809  4.815   1.00 29.10  ? 24  GLY   A CA  1 
ATOM   162  C  C   . GLY   A 1 24  ? 3.614   -7.321  4.898   1.00 37.11  ? 24  GLY   A C   1 
ATOM   163  O  O   . GLY   A 1 24  ? 3.637   -8.024  3.884   1.00 37.20  ? 24  GLY   A O   1 
ATOM   164  N  N   . ALA   A 1 25  ? 3.667   -7.810  6.131   1.00 34.62  ? 25  ALA   A N   1 
ATOM   165  C  CA  . ALA   A 1 25  ? 3.727   -9.240  6.380   1.00 38.23  ? 25  ALA   A CA  1 
ATOM   166  C  C   . ALA   A 1 25  ? 3.094   -9.513  7.734   1.00 32.69  ? 25  ALA   A C   1 
ATOM   167  O  O   . ALA   A 1 25  ? 3.203   -8.700  8.654   1.00 32.21  ? 25  ALA   A O   1 
ATOM   168  C  CB  . ALA   A 1 25  ? 5.166   -9.762  6.345   1.00 35.66  ? 25  ALA   A CB  1 
ATOM   169  N  N   . ALA   A 1 26  ? 2.424   -10.658 7.845   1.00 36.53  ? 26  ALA   A N   1 
ATOM   170  C  CA  . ALA   A 1 26  ? 1.759   -11.012 9.088   1.00 37.03  ? 26  ALA   A CA  1 
ATOM   171  C  C   . ALA   A 1 26  ? 1.836   -12.516 9.294   1.00 40.75  ? 26  ALA   A C   1 
ATOM   172  O  O   . ALA   A 1 26  ? 1.984   -13.290 8.343   1.00 38.79  ? 26  ALA   A O   1 
ATOM   173  C  CB  . ALA   A 1 26  ? 0.302   -10.537 9.104   1.00 34.52  ? 26  ALA   A CB  1 
ATOM   174  N  N   . ASN   A 1 27  ? 1.737   -12.918 10.559  1.00 33.44  ? 27  ASN   A N   1 
ATOM   175  C  CA  . ASN   A 1 27  ? 1.740   -14.319 10.955  1.00 40.61  ? 27  ASN   A CA  1 
ATOM   176  C  C   . ASN   A 1 27  ? 0.332   -14.701 11.393  1.00 41.79  ? 27  ASN   A C   1 
ATOM   177  O  O   . ASN   A 1 27  ? -0.205  -14.117 12.342  1.00 41.87  ? 27  ASN   A O   1 
ATOM   178  C  CB  . ASN   A 1 27  ? 2.742   -14.566 12.082  1.00 41.58  ? 27  ASN   A CB  1 
ATOM   179  C  CG  . ASN   A 1 27  ? 2.655   -15.972 12.635  1.00 42.09  ? 27  ASN   A CG  1 
ATOM   180  O  OD1 . ASN   A 1 27  ? 1.937   -16.228 13.600  1.00 43.17  ? 27  ASN   A OD1 1 
ATOM   181  N  ND2 . ASN   A 1 27  ? 3.413   -16.886 12.048  1.00 45.77  ? 27  ASN   A ND2 1 
ATOM   182  N  N   . ARG   A 1 28  ? -0.259  -15.679 10.700  1.00 32.61  ? 28  ARG   A N   1 
ATOM   183  C  CA  . ARG   A 1 28  ? -1.626  -16.098 10.990  1.00 42.06  ? 28  ARG   A CA  1 
ATOM   184  C  C   . ARG   A 1 28  ? -1.768  -16.615 12.417  1.00 46.48  ? 28  ARG   A C   1 
ATOM   185  O  O   . ARG   A 1 28  ? -2.800  -16.398 13.063  1.00 41.73  ? 28  ARG   A O   1 
ATOM   186  C  CB  . ARG   A 1 28  ? -2.056  -17.181 9.998   1.00 45.56  ? 28  ARG   A CB  1 
ATOM   187  C  CG  . ARG   A 1 28  ? -2.998  -16.719 8.899   1.00 51.95  ? 28  ARG   A CG  1 
ATOM   188  C  CD  . ARG   A 1 28  ? -2.841  -17.598 7.666   1.00 58.52  ? 28  ARG   A CD  1 
ATOM   189  N  NE  . ARG   A 1 28  ? -4.097  -17.797 6.953   1.00 65.91  ? 28  ARG   A NE  1 
ATOM   190  C  CZ  . ARG   A 1 28  ? -4.535  -17.020 5.973   1.00 75.37  ? 28  ARG   A CZ  1 
ATOM   191  N  NH1 . ARG   A 1 28  ? -3.840  -15.972 5.558   1.00 81.64  ? 28  ARG   A NH1 1 
ATOM   192  N  NH2 . ARG   A 1 28  ? -5.698  -17.302 5.391   1.00 75.63  ? 28  ARG   A NH2 1 
ATOM   193  N  N   . GLU   A 1 29  ? -0.742  -17.305 12.924  1.00 40.59  ? 29  GLU   A N   1 
ATOM   194  C  CA  . GLU   A 1 29  ? -0.865  -17.984 14.210  1.00 41.09  ? 29  GLU   A CA  1 
ATOM   195  C  C   . GLU   A 1 29  ? -0.861  -17.005 15.375  1.00 39.28  ? 29  GLU   A C   1 
ATOM   196  O  O   . GLU   A 1 29  ? -1.496  -17.267 16.402  1.00 39.76  ? 29  GLU   A O   1 
ATOM   197  C  CB  . GLU   A 1 29  ? 0.263   -19.005 14.381  1.00 41.53  ? 29  GLU   A CB  1 
ATOM   198  C  CG  . GLU   A 1 29  ? 0.108   -20.269 13.548  1.00 43.90  ? 29  GLU   A CG  1 
ATOM   199  C  CD  . GLU   A 1 29  ? 0.502   -20.058 12.103  1.00 46.15  ? 29  GLU   A CD  1 
ATOM   200  O  OE1 . GLU   A 1 29  ? 1.140   -19.026 11.818  1.00 45.76  ? 29  GLU   A OE1 1 
ATOM   201  O  OE2 . GLU   A 1 29  ? 0.175   -20.914 11.256  1.00 50.20  ? 29  GLU   A OE2 1 
ATOM   202  N  N   . THR   A 1 30  ? -0.161  -15.880 15.235  1.00 36.78  ? 30  THR   A N   1 
ATOM   203  C  CA  . THR   A 1 30  ? -0.025  -14.910 16.309  1.00 36.75  ? 30  THR   A CA  1 
ATOM   204  C  C   . THR   A 1 30  ? -0.705  -13.580 16.021  1.00 34.76  ? 30  THR   A C   1 
ATOM   205  O  O   . THR   A 1 30  ? -0.786  -12.741 16.923  1.00 35.11  ? 30  THR   A O   1 
ATOM   206  C  CB  . THR   A 1 30  ? 1.461   -14.651 16.599  1.00 40.08  ? 30  THR   A CB  1 
ATOM   207  O  OG1 . THR   A 1 30  ? 2.096   -14.154 15.416  1.00 38.47  ? 30  THR   A OG1 1 
ATOM   208  C  CG2 . THR   A 1 30  ? 2.153   -15.933 17.035  1.00 30.35  ? 30  THR   A CG2 1 
ATOM   209  N  N   . LYS   A 1 31  ? -1.182  -13.360 14.796  1.00 35.78  ? 31  LYS   A N   1 
ATOM   210  C  CA  . LYS   A 1 31  ? -1.734  -12.076 14.354  1.00 32.81  ? 31  LYS   A CA  1 
ATOM   211  C  C   . LYS   A 1 31  ? -0.710  -10.949 14.448  1.00 29.63  ? 31  LYS   A C   1 
ATOM   212  O  O   . LYS   A 1 31  ? -1.074  -9.771  14.419  1.00 36.80  ? 31  LYS   A O   1 
ATOM   213  C  CB  . LYS   A 1 31  ? -2.998  -11.692 15.137  1.00 35.78  ? 31  LYS   A CB  1 
ATOM   214  C  CG  . LYS   A 1 31  ? -4.154  -12.687 15.104  1.00 41.72  ? 31  LYS   A CG  1 
ATOM   215  C  CD  . LYS   A 1 31  ? -4.186  -13.535 13.848  1.00 44.66  ? 31  LYS   A CD  1 
ATOM   216  C  CE  . LYS   A 1 31  ? -5.555  -14.173 13.666  1.00 60.26  ? 31  LYS   A CE  1 
ATOM   217  N  NZ  . LYS   A 1 31  ? -5.534  -15.264 12.651  1.00 49.42  ? 31  LYS   A NZ  1 
ATOM   218  N  N   . LEU   A 1 32  ? 0.571   -11.289 14.568  1.00 34.62  ? 32  LEU   A N   1 
ATOM   219  C  CA  . LEU   A 1 32  ? 1.637   -10.303 14.593  1.00 29.56  ? 32  LEU   A CA  1 
ATOM   220  C  C   . LEU   A 1 32  ? 2.063   -9.958  13.173  1.00 32.83  ? 32  LEU   A C   1 
ATOM   221  O  O   . LEU   A 1 32  ? 2.033   -10.801 12.274  1.00 36.69  ? 32  LEU   A O   1 
ATOM   222  C  CB  . LEU   A 1 32  ? 2.839   -10.829 15.375  1.00 34.01  ? 32  LEU   A CB  1 
ATOM   223  C  CG  . LEU   A 1 32  ? 2.503   -11.165 16.824  1.00 36.69  ? 32  LEU   A CG  1 
ATOM   224  C  CD1 . LEU   A 1 32  ? 3.700   -11.758 17.547  1.00 38.14  ? 32  LEU   A CD1 1 
ATOM   225  C  CD2 . LEU   A 1 32  ? 2.002   -9.915  17.504  1.00 38.22  ? 32  LEU   A CD2 1 
ATOM   226  N  N   . GLY   A 1 33  ? 2.474   -8.708  12.978  1.00 27.99  ? 33  GLY   A N   1 
ATOM   227  C  CA  . GLY   A 1 33  ? 2.872   -8.297  11.648  1.00 33.79  ? 33  GLY   A CA  1 
ATOM   228  C  C   . GLY   A 1 33  ? 3.685   -7.021  11.650  1.00 35.52  ? 33  GLY   A C   1 
ATOM   229  O  O   . GLY   A 1 33  ? 3.883   -6.377  12.683  1.00 31.25  ? 33  GLY   A O   1 
ATOM   230  N  N   . LYS   A 1 34  ? 4.157   -6.670  10.454  1.00 32.51  ? 34  LYS   A N   1 
ATOM   231  C  CA  . LYS   A 1 34  ? 4.912   -5.450  10.212  1.00 30.82  ? 34  LYS   A CA  1 
ATOM   232  C  C   . LYS   A 1 34  ? 4.487   -4.861  8.875   1.00 31.31  ? 34  LYS   A C   1 
ATOM   233  O  O   . LYS   A 1 34  ? 4.168   -5.589  7.934   1.00 30.23  ? 34  LYS   A O   1 
ATOM   234  C  CB  . LYS   A 1 34  ? 6.429   -5.699  10.193  1.00 33.95  ? 34  LYS   A CB  1 
ATOM   235  C  CG  . LYS   A 1 34  ? 7.050   -6.095  11.521  1.00 30.15  ? 34  LYS   A CG  1 
ATOM   236  C  CD  . LYS   A 1 34  ? 8.527   -6.428  11.339  1.00 33.34  ? 34  LYS   A CD  1 
ATOM   237  C  CE  . LYS   A 1 34  ? 9.263   -6.464  12.667  1.00 37.30  ? 34  LYS   A CE  1 
ATOM   238  N  NZ  . LYS   A 1 34  ? 10.620  -7.056  12.522  1.00 39.29  ? 34  LYS   A NZ  1 
ATOM   239  N  N   . ALA   A 1 35  ? 4.489   -3.534  8.803   1.00 32.94  ? 35  ALA   A N   1 
ATOM   240  C  CA  . ALA   A 1 35  ? 4.213   -2.813  7.569   1.00 33.67  ? 35  ALA   A CA  1 
ATOM   241  C  C   . ALA   A 1 35  ? 5.211   -1.674  7.445   1.00 32.42  ? 35  ALA   A C   1 
ATOM   242  O  O   . ALA   A 1 35  ? 5.635   -1.095  8.449   1.00 33.54  ? 35  ALA   A O   1 
ATOM   243  C  CB  . ALA   A 1 35  ? 2.781   -2.263  7.538   1.00 31.77  ? 35  ALA   A CB  1 
ATOM   244  N  N   . GLY   A 1 36  ? 5.594   -1.358  6.214   1.00 30.88  ? 36  GLY   A N   1 
ATOM   245  C  CA  . GLY   A 1 36  ? 6.491   -0.237  6.030   1.00 24.30  ? 36  GLY   A CA  1 
ATOM   246  C  C   . GLY   A 1 36  ? 6.856   -0.027  4.578   1.00 33.51  ? 36  GLY   A C   1 
ATOM   247  O  O   . GLY   A 1 36  ? 6.234   -0.577  3.665   1.00 31.47  ? 36  GLY   A O   1 
ATOM   248  N  N   . TYR   A 1 37  ? 7.889   0.787   4.383   1.00 30.98  ? 37  TYR   A N   1 
ATOM   249  C  CA  . TYR   A 1 37  ? 8.313   1.172   3.049   1.00 35.15  ? 37  TYR   A CA  1 
ATOM   250  C  C   . TYR   A 1 37  ? 9.798   1.492   3.060   1.00 35.00  ? 37  TYR   A C   1 
ATOM   251  O  O   . TYR   A 1 37  ? 10.386  1.792   4.103   1.00 34.37  ? 37  TYR   A O   1 
ATOM   252  C  CB  . TYR   A 1 37  ? 7.520   2.383   2.530   1.00 29.55  ? 37  TYR   A CB  1 
ATOM   253  C  CG  . TYR   A 1 37  ? 7.655   3.637   3.375   1.00 28.51  ? 37  TYR   A CG  1 
ATOM   254  C  CD1 . TYR   A 1 37  ? 8.828   4.390   3.367   1.00 33.86  ? 37  TYR   A CD1 1 
ATOM   255  C  CD2 . TYR   A 1 37  ? 6.604   4.077   4.169   1.00 32.37  ? 37  TYR   A CD2 1 
ATOM   256  C  CE1 . TYR   A 1 37  ? 8.957   5.530   4.135   1.00 39.41  ? 37  TYR   A CE1 1 
ATOM   257  C  CE2 . TYR   A 1 37  ? 6.722   5.225   4.940   1.00 34.62  ? 37  TYR   A CE2 1 
ATOM   258  C  CZ  . TYR   A 1 37  ? 7.903   5.946   4.918   1.00 37.60  ? 37  TYR   A CZ  1 
ATOM   259  O  OH  . TYR   A 1 37  ? 8.033   7.086   5.680   1.00 42.54  ? 37  TYR   A OH  1 
ATOM   260  N  N   . VAL   A 1 38  ? 10.393  1.413   1.878   1.00 36.81  ? 38  VAL   A N   1 
ATOM   261  C  CA  . VAL   A 1 38  ? 11.658  2.066   1.574   1.00 33.48  ? 38  VAL   A CA  1 
ATOM   262  C  C   . VAL   A 1 38  ? 11.413  2.941   0.352   1.00 34.52  ? 38  VAL   A C   1 
ATOM   263  O  O   . VAL   A 1 38  ? 10.547  2.644   -0.478  1.00 28.83  ? 38  VAL   A O   1 
ATOM   264  C  CB  . VAL   A 1 38  ? 12.803  1.056   1.328   1.00 37.62  ? 38  VAL   A CB  1 
ATOM   265  C  CG1 . VAL   A 1 38  ? 13.055  0.218   2.573   1.00 33.34  ? 38  VAL   A CG1 1 
ATOM   266  C  CG2 . VAL   A 1 38  ? 12.491  0.160   0.144   1.00 40.65  ? 38  VAL   A CG2 1 
ATOM   267  N  N   . THR   A 1 39  ? 12.142  4.046   0.258   1.00 35.39  ? 39  THR   A N   1 
ATOM   268  C  CA  . THR   A 1 39  ? 12.006  4.931   -0.888  1.00 33.10  ? 39  THR   A CA  1 
ATOM   269  C  C   . THR   A 1 39  ? 13.347  5.081   -1.591  1.00 39.03  ? 39  THR   A C   1 
ATOM   270  O  O   . THR   A 1 39  ? 14.400  4.722   -1.054  1.00 34.13  ? 39  THR   A O   1 
ATOM   271  C  CB  . THR   A 1 39  ? 11.462  6.310   -0.489  1.00 35.98  ? 39  THR   A CB  1 
ATOM   272  O  OG1 . THR   A 1 39  ? 12.539  7.154   -0.064  1.00 42.97  ? 39  THR   A OG1 1 
ATOM   273  C  CG2 . THR   A 1 39  ? 10.437  6.183   0.629   1.00 32.66  ? 39  THR   A CG2 1 
ATOM   274  N  N   . ASN   A 1 40  ? 13.296  5.600   -2.817  1.00 40.10  ? 40  ASN   A N   1 
ATOM   275  C  CA  . ASN   A 1 40  ? 14.503  5.825   -3.599  1.00 39.02  ? 40  ASN   A CA  1 
ATOM   276  C  C   . ASN   A 1 40  ? 15.192  7.139   -3.251  1.00 41.46  ? 40  ASN   A C   1 
ATOM   277  O  O   . ASN   A 1 40  ? 16.120  7.542   -3.959  1.00 44.74  ? 40  ASN   A O   1 
ATOM   278  C  CB  . ASN   A 1 40  ? 14.189  5.761   -5.100  1.00 36.46  ? 40  ASN   A CB  1 
ATOM   279  C  CG  . ASN   A 1 40  ? 13.210  6.834   -5.553  1.00 38.14  ? 40  ASN   A CG  1 
ATOM   280  O  OD1 . ASN   A 1 40  ? 12.533  7.464   -4.743  1.00 36.08  ? 40  ASN   A OD1 1 
ATOM   281  N  ND2 . ASN   A 1 40  ? 13.128  7.038   -6.863  1.00 33.79  ? 40  ASN   A ND2 1 
ATOM   282  N  N   . ARG   A 1 41  ? 14.764  7.808   -2.180  1.00 42.58  ? 41  ARG   A N   1 
ATOM   283  C  CA  . ARG   A 1 41  ? 15.458  8.972   -1.642  1.00 43.15  ? 41  ARG   A CA  1 
ATOM   284  C  C   . ARG   A 1 41  ? 15.959  8.707   -0.226  1.00 44.48  ? 41  ARG   A C   1 
ATOM   285  O  O   . ARG   A 1 41  ? 16.116  9.635   0.569   1.00 46.37  ? 41  ARG   A O   1 
ATOM   286  C  CB  . ARG   A 1 41  ? 14.563  10.210  -1.670  1.00 41.51  ? 41  ARG   A CB  1 
ATOM   287  C  CG  . ARG   A 1 41  ? 13.987  10.522  -3.035  1.00 41.16  ? 41  ARG   A CG  1 
ATOM   288  C  CD  . ARG   A 1 41  ? 13.375  11.909  -3.078  1.00 43.35  ? 41  ARG   A CD  1 
ATOM   289  N  NE  . ARG   A 1 41  ? 13.112  12.320  -4.451  1.00 43.54  ? 41  ARG   A NE  1 
ATOM   290  C  CZ  . ARG   A 1 41  ? 12.411  13.392  -4.796  1.00 46.90  ? 41  ARG   A CZ  1 
ATOM   291  N  NH1 . ARG   A 1 41  ? 11.891  14.202  -3.888  1.00 49.10  ? 41  ARG   A NH1 1 
ATOM   292  N  NH2 . ARG   A 1 41  ? 12.230  13.656  -6.087  1.00 47.09  ? 41  ARG   A NH2 1 
ATOM   293  N  N   . GLY   A 1 42  ? 16.199  7.438   0.105   1.00 42.78  ? 42  GLY   A N   1 
ATOM   294  C  CA  . GLY   A 1 42  ? 16.804  7.074   1.367   1.00 42.47  ? 42  GLY   A CA  1 
ATOM   295  C  C   . GLY   A 1 42  ? 15.850  6.891   2.529   1.00 44.65  ? 42  GLY   A C   1 
ATOM   296  O  O   . GLY   A 1 42  ? 16.261  6.340   3.558   1.00 50.91  ? 42  GLY   A O   1 
ATOM   297  N  N   . ARG   A 1 43  ? 14.602  7.339   2.410   1.00 45.86  ? 43  ARG   A N   1 
ATOM   298  C  CA  . ARG   A 1 43  ? 13.642  7.155   3.488   1.00 41.25  ? 43  ARG   A CA  1 
ATOM   299  C  C   . ARG   A 1 43  ? 13.383  5.672   3.734   1.00 41.92  ? 43  ARG   A C   1 
ATOM   300  O  O   . ARG   A 1 43  ? 13.533  4.830   2.847   1.00 44.48  ? 43  ARG   A O   1 
ATOM   301  C  CB  . ARG   A 1 43  ? 12.306  7.816   3.167   1.00 39.35  ? 43  ARG   A CB  1 
ATOM   302  C  CG  . ARG   A 1 43  ? 12.235  9.323   3.200   1.00 45.88  ? 43  ARG   A CG  1 
ATOM   303  C  CD  . ARG   A 1 43  ? 10.756  9.690   3.266   1.00 57.60  ? 43  ARG   A CD  1 
ATOM   304  N  NE  . ARG   A 1 43  ? 10.325  10.607  2.218   1.00 45.28  ? 43  ARG   A NE  1 
ATOM   305  C  CZ  . ARG   A 1 43  ? 9.618   11.706  2.431   1.00 52.41  ? 43  ARG   A CZ  1 
ATOM   306  N  NH1 . ARG   A 1 43  ? 9.233   12.054  3.648   1.00 61.20  ? 43  ARG   A NH1 1 
ATOM   307  N  NH2 . ARG   A 1 43  ? 9.267   12.464  1.395   1.00 53.20  ? 43  ARG   A NH2 1 
ATOM   308  N  N   . GLN   A 1 44  ? 12.964  5.364   4.958   1.00 41.02  ? 44  GLN   A N   1 
ATOM   309  C  CA  . GLN   A 1 44  ? 12.491  4.029   5.288   1.00 35.96  ? 44  GLN   A CA  1 
ATOM   310  C  C   . GLN   A 1 44  ? 11.762  4.095   6.618   1.00 44.27  ? 44  GLN   A C   1 
ATOM   311  O  O   . GLN   A 1 44  ? 12.043  4.960   7.452   1.00 44.95  ? 44  GLN   A O   1 
ATOM   312  C  CB  . GLN   A 1 44  ? 13.638  3.009   5.342   1.00 47.71  ? 44  GLN   A CB  1 
ATOM   313  C  CG  . GLN   A 1 44  ? 14.299  2.842   6.698   1.00 57.25  ? 44  GLN   A CG  1 
ATOM   314  C  CD  . GLN   A 1 44  ? 14.969  1.488   6.849   1.00 57.72  ? 44  GLN   A CD  1 
ATOM   315  O  OE1 . GLN   A 1 44  ? 15.830  1.116   6.050   1.00 59.06  ? 44  GLN   A OE1 1 
ATOM   316  N  NE2 . GLN   A 1 44  ? 14.583  0.747   7.883   1.00 56.16  ? 44  GLN   A NE2 1 
ATOM   317  N  N   . LYS   A 1 45  ? 10.809  3.186   6.794   1.00 35.92  ? 45  LYS   A N   1 
ATOM   318  C  CA  . LYS   A 1 45  ? 10.038  3.111   8.023   1.00 40.41  ? 45  LYS   A CA  1 
ATOM   319  C  C   . LYS   A 1 45  ? 9.401   1.736   8.097   1.00 37.90  ? 45  LYS   A C   1 
ATOM   320  O  O   . LYS   A 1 45  ? 8.895   1.235   7.094   1.00 32.37  ? 45  LYS   A O   1 
ATOM   321  C  CB  . LYS   A 1 45  ? 8.959   4.198   8.081   1.00 41.96  ? 45  LYS   A CB  1 
ATOM   322  C  CG  . LYS   A 1 45  ? 7.827   3.891   9.047   1.00 40.76  ? 45  LYS   A CG  1 
ATOM   323  C  CD  . LYS   A 1 45  ? 6.808   5.011   9.073   1.00 36.80  ? 45  LYS   A CD  1 
ATOM   324  C  CE  . LYS   A 1 45  ? 7.441   6.305   9.547   1.00 44.39  ? 45  LYS   A CE  1 
ATOM   325  N  NZ  . LYS   A 1 45  ? 6.452   7.415   9.615   1.00 48.67  ? 45  LYS   A NZ  1 
ATOM   326  N  N   . VAL   A 1 46  ? 9.443   1.129   9.280   1.00 38.11  ? 46  VAL   A N   1 
ATOM   327  C  CA  . VAL   A 1 46  ? 8.743   -0.124  9.538   1.00 37.81  ? 46  VAL   A CA  1 
ATOM   328  C  C   . VAL   A 1 46  ? 8.057   -0.008  10.890  1.00 41.42  ? 46  VAL   A C   1 
ATOM   329  O  O   . VAL   A 1 46  ? 8.663   0.447   11.864  1.00 42.76  ? 46  VAL   A O   1 
ATOM   330  C  CB  . VAL   A 1 46  ? 9.688   -1.343  9.501   1.00 44.13  ? 46  VAL   A CB  1 
ATOM   331  C  CG1 . VAL   A 1 46  ? 10.950  -1.079  10.310  1.00 53.35  ? 46  VAL   A CG1 1 
ATOM   332  C  CG2 . VAL   A 1 46  ? 8.968   -2.593  10.002  1.00 37.55  ? 46  VAL   A CG2 1 
ATOM   333  N  N   . VAL   A 1 47  ? 6.786   -0.388  10.943  1.00 38.50  ? 47  VAL   A N   1 
ATOM   334  C  CA  . VAL   A 1 47  ? 6.023   -0.386  12.182  1.00 42.83  ? 47  VAL   A CA  1 
ATOM   335  C  C   . VAL   A 1 47  ? 5.580   -1.811  12.473  1.00 44.34  ? 47  VAL   A C   1 
ATOM   336  O  O   . VAL   A 1 47  ? 5.379   -2.619  11.561  1.00 41.44  ? 47  VAL   A O   1 
ATOM   337  C  CB  . VAL   A 1 47  ? 4.816   0.574   12.119  1.00 38.91  ? 47  VAL   A CB  1 
ATOM   338  C  CG1 . VAL   A 1 47  ? 5.232   1.903   11.512  1.00 35.82  ? 47  VAL   A CG1 1 
ATOM   339  C  CG2 . VAL   A 1 47  ? 3.679   -0.037  11.316  1.00 49.33  ? 47  VAL   A CG2 1 
ATOM   340  N  N   . THR   A 1 48  ? 5.455   -2.127  13.755  1.00 43.49  ? 48  THR   A N   1 
ATOM   341  C  CA  . THR   A 1 48  ? 4.989   -3.436  14.182  1.00 42.87  ? 48  THR   A CA  1 
ATOM   342  C  C   . THR   A 1 48  ? 3.518   -3.345  14.560  1.00 43.61  ? 48  THR   A C   1 
ATOM   343  O  O   . THR   A 1 48  ? 3.072   -2.344  15.129  1.00 45.58  ? 48  THR   A O   1 
ATOM   344  C  CB  . THR   A 1 48  ? 5.807   -3.964  15.361  1.00 47.12  ? 48  THR   A CB  1 
ATOM   345  O  OG1 . THR   A 1 48  ? 7.170   -3.555  15.210  1.00 41.82  ? 48  THR   A OG1 1 
ATOM   346  C  CG2 . THR   A 1 48  ? 5.748   -5.485  15.406  1.00 49.49  ? 48  THR   A CG2 1 
ATOM   347  N  N   . LEU   A 1 49  ? 2.766   -4.389  14.230  1.00 36.09  ? 49  LEU   A N   1 
ATOM   348  C  CA  . LEU   A 1 49  ? 1.324   -4.376  14.395  1.00 35.57  ? 49  LEU   A CA  1 
ATOM   349  C  C   . LEU   A 1 49  ? 0.865   -5.660  15.065  1.00 33.96  ? 49  LEU   A C   1 
ATOM   350  O  O   . LEU   A 1 49  ? 1.519   -6.702  14.969  1.00 36.69  ? 49  LEU   A O   1 
ATOM   351  C  CB  . LEU   A 1 49  ? 0.620   -4.199  13.041  1.00 41.57  ? 49  LEU   A CB  1 
ATOM   352  C  CG  . LEU   A 1 49  ? 0.890   -2.873  12.326  1.00 37.20  ? 49  LEU   A CG  1 
ATOM   353  C  CD1 . LEU   A 1 49  ? 0.991   -3.085  10.824  1.00 39.79  ? 49  LEU   A CD1 1 
ATOM   354  C  CD2 . LEU   A 1 49  ? -0.187  -1.856  12.655  1.00 39.04  ? 49  LEU   A CD2 1 
ATOM   355  N  N   . THR   A 1 50  ? -0.263  -5.572  15.757  1.00 30.36  ? 50  THR   A N   1 
ATOM   356  C  CA  . THR   A 1 50  ? -0.888  -6.728  16.379  1.00 34.76  ? 50  THR   A CA  1 
ATOM   357  C  C   . THR   A 1 50  ? -2.310  -6.862  15.860  1.00 33.18  ? 50  THR   A C   1 
ATOM   358  O  O   . THR   A 1 50  ? -2.874  -5.923  15.293  1.00 40.04  ? 50  THR   A O   1 
ATOM   359  C  CB  . THR   A 1 50  ? -0.906  -6.609  17.908  1.00 38.85  ? 50  THR   A CB  1 
ATOM   360  O  OG1 . THR   A 1 50  ? -1.597  -5.410  18.278  1.00 34.96  ? 50  THR   A OG1 1 
ATOM   361  C  CG2 . THR   A 1 50  ? 0.515   -6.569  18.466  1.00 36.65  ? 50  THR   A CG2 1 
ATOM   362  N  N   . ASP   A 1 51  ? -2.881  -8.050  16.064  1.00 33.35  ? 51  ASP   A N   1 
ATOM   363  C  CA  . ASP   A 1 51  ? -4.276  -8.324  15.717  1.00 37.88  ? 51  ASP   A CA  1 
ATOM   364  C  C   . ASP   A 1 51  ? -4.549  -8.025  14.245  1.00 35.66  ? 51  ASP   A C   1 
ATOM   365  O  O   . ASP   A 1 51  ? -5.618  -7.533  13.880  1.00 36.49  ? 51  ASP   A O   1 
ATOM   366  C  CB  . ASP   A 1 51  ? -5.225  -7.534  16.622  1.00 35.40  ? 51  ASP   A CB  1 
ATOM   367  C  CG  . ASP   A 1 51  ? -4.733  -7.469  18.054  1.00 38.57  ? 51  ASP   A CG  1 
ATOM   368  O  OD1 . ASP   A 1 51  ? -4.677  -8.532  18.703  1.00 43.19  ? 51  ASP   A OD1 1 
ATOM   369  O  OD2 . ASP   A 1 51  ? -4.393  -6.363  18.524  1.00 44.22  ? 51  ASP   A OD2 1 
ATOM   370  N  N   . THR   A 1 52  ? -3.578  -8.341  13.394  1.00 31.55  ? 52  THR   A N   1 
ATOM   371  C  CA  . THR   A 1 52  ? -3.582  -7.933  11.998  1.00 26.38  ? 52  THR   A CA  1 
ATOM   372  C  C   . THR   A 1 52  ? -3.514  -9.155  11.085  1.00 35.71  ? 52  THR   A C   1 
ATOM   373  O  O   . THR   A 1 52  ? -3.299  -10.285 11.529  1.00 36.37  ? 52  THR   A O   1 
ATOM   374  C  CB  . THR   A 1 52  ? -2.408  -6.986  11.716  1.00 33.32  ? 52  THR   A CB  1 
ATOM   375  O  OG1 . THR   A 1 52  ? -2.606  -6.326  10.461  1.00 32.08  ? 52  THR   A OG1 1 
ATOM   376  C  CG2 . THR   A 1 52  ? -1.098  -7.764  11.689  1.00 30.51  ? 52  THR   A CG2 1 
ATOM   377  N  N   . THR   A 1 53  ? -3.714  -8.917  9.790   1.00 37.71  ? 53  THR   A N   1 
ATOM   378  C  CA  . THR   A 1 53  ? -3.616  -9.955  8.774   1.00 35.59  ? 53  THR   A CA  1 
ATOM   379  C  C   . THR   A 1 53  ? -2.642  -9.509  7.693   1.00 39.83  ? 53  THR   A C   1 
ATOM   380  O  O   . THR   A 1 53  ? -2.194  -8.361  7.662   1.00 31.74  ? 53  THR   A O   1 
ATOM   381  C  CB  . THR   A 1 53  ? -4.980  -10.274 8.147   1.00 39.97  ? 53  THR   A CB  1 
ATOM   382  O  OG1 . THR   A 1 53  ? -5.421  -9.155  7.369   1.00 40.90  ? 53  THR   A OG1 1 
ATOM   383  C  CG2 . THR   A 1 53  ? -6.012  -10.580 9.223   1.00 38.50  ? 53  THR   A CG2 1 
ATOM   384  N  N   . ASN   A 1 54  ? -2.312  -10.438 6.795   1.00 38.06  ? 54  ASN   A N   1 
ATOM   385  C  CA  . ASN   A 1 54  ? -1.406  -10.104 5.701   1.00 37.47  ? 54  ASN   A CA  1 
ATOM   386  C  C   . ASN   A 1 54  ? -2.003  -9.025  4.806   1.00 40.82  ? 54  ASN   A C   1 
ATOM   387  O  O   . ASN   A 1 54  ? -1.314  -8.071  4.424   1.00 44.30  ? 54  ASN   A O   1 
ATOM   388  C  CB  . ASN   A 1 54  ? -1.076  -11.360 4.892   1.00 41.05  ? 54  ASN   A CB  1 
ATOM   389  C  CG  . ASN   A 1 54  ? 0.241   -11.995 5.307   1.00 51.14  ? 54  ASN   A CG  1 
ATOM   390  O  OD1 . ASN   A 1 54  ? 1.293   -11.358 5.269   1.00 44.63  ? 54  ASN   A OD1 1 
ATOM   391  N  ND2 . ASN   A 1 54  ? 0.184   -13.256 5.716   1.00 58.69  ? 54  ASN   A ND2 1 
ATOM   392  N  N   . GLN   A 1 55  ? -3.289  -9.149  4.469   1.00 35.00  ? 55  GLN   A N   1 
ATOM   393  C  CA  . GLN   A 1 55  ? -3.924  -8.134  3.635   1.00 41.30  ? 55  GLN   A CA  1 
ATOM   394  C  C   . GLN   A 1 55  ? -4.076  -6.809  4.373   1.00 37.06  ? 55  GLN   A C   1 
ATOM   395  O  O   . GLN   A 1 55  ? -4.079  -5.750  3.739   1.00 33.08  ? 55  GLN   A O   1 
ATOM   396  C  CB  . GLN   A 1 55  ? -5.278  -8.635  3.135   1.00 42.01  ? 55  GLN   A CB  1 
ATOM   397  C  CG  . GLN   A 1 55  ? -5.227  -10.037 2.551   1.00 41.63  ? 55  GLN   A CG  1 
ATOM   398  C  CD  . GLN   A 1 55  ? -6.427  -10.351 1.686   1.00 51.76  ? 55  GLN   A CD  1 
ATOM   399  O  OE1 . GLN   A 1 55  ? -7.564  -10.111 2.079   1.00 47.01  ? 55  GLN   A OE1 1 
ATOM   400  N  NE2 . GLN   A 1 55  ? -6.179  -10.893 0.500   1.00 62.33  ? 55  GLN   A NE2 1 
ATOM   401  N  N   . LYS   A 1 56  ? -4.199  -6.843  5.701   1.00 31.48  ? 56  LYS   A N   1 
ATOM   402  C  CA  . LYS   A 1 56  ? -4.248  -5.600  6.466   1.00 35.91  ? 56  LYS   A CA  1 
ATOM   403  C  C   . LYS   A 1 56  ? -2.898  -4.893  6.457   1.00 35.35  ? 56  LYS   A C   1 
ATOM   404  O  O   . LYS   A 1 56  ? -2.838  -3.664  6.322   1.00 33.77  ? 56  LYS   A O   1 
ATOM   405  C  CB  . LYS   A 1 56  ? -4.686  -5.874  7.905   1.00 39.03  ? 56  LYS   A CB  1 
ATOM   406  C  CG  . LYS   A 1 56  ? -6.185  -5.876  8.119   1.00 44.47  ? 56  LYS   A CG  1 
ATOM   407  C  CD  . LYS   A 1 56  ? -6.551  -5.378  9.508   1.00 52.57  ? 56  LYS   A CD  1 
ATOM   408  C  CE  . LYS   A 1 56  ? -8.058  -5.205  9.653   1.00 66.86  ? 56  LYS   A CE  1 
ATOM   409  N  NZ  . LYS   A 1 56  ? -8.578  -5.774  10.928  1.00 68.89  ? 56  LYS   A NZ  1 
ATOM   410  N  N   . THR   A 1 57  ? -1.806  -5.646  6.615   1.00 30.03  ? 57  THR   A N   1 
ATOM   411  C  CA  . THR   A 1 57  ? -0.489  -5.016  6.669   1.00 27.77  ? 57  THR   A CA  1 
ATOM   412  C  C   . THR   A 1 57  ? -0.136  -4.363  5.338   1.00 35.90  ? 57  THR   A C   1 
ATOM   413  O  O   . THR   A 1 57  ? 0.472   -3.288  5.314   1.00 29.25  ? 57  THR   A O   1 
ATOM   414  C  CB  . THR   A 1 57  ? 0.578   -6.036  7.071   1.00 32.55  ? 57  THR   A CB  1 
ATOM   415  O  OG1 . THR   A 1 57  ? 0.552   -7.148  6.166   1.00 31.81  ? 57  THR   A OG1 1 
ATOM   416  C  CG2 . THR   A 1 57  ? 0.335   -6.531  8.498   1.00 29.82  ? 57  THR   A CG2 1 
ATOM   417  N  N   . GLU   A 1 58  ? -0.511  -4.995  4.222   1.00 28.11  ? 58  GLU   A N   1 
ATOM   418  C  CA  . GLU   A 1 58  ? -0.271  -4.392  2.914   1.00 31.99  ? 58  GLU   A CA  1 
ATOM   419  C  C   . GLU   A 1 58  ? -1.015  -3.073  2.769   1.00 28.82  ? 58  GLU   A C   1 
ATOM   420  O  O   . GLU   A 1 58  ? -0.473  -2.096  2.238   1.00 31.42  ? 58  GLU   A O   1 
ATOM   421  C  CB  . GLU   A 1 58  ? -0.691  -5.361  1.809   1.00 34.44  ? 58  GLU   A CB  1 
ATOM   422  C  CG  . GLU   A 1 58  ? 0.114   -6.638  1.777   1.00 35.63  ? 58  GLU   A CG  1 
ATOM   423  C  CD  . GLU   A 1 58  ? 1.432   -6.489  1.051   1.00 42.72  ? 58  GLU   A CD  1 
ATOM   424  O  OE1 . GLU   A 1 58  ? 2.105   -5.447  1.194   1.00 36.51  ? 58  GLU   A OE1 1 
ATOM   425  O  OE2 . GLU   A 1 58  ? 1.789   -7.426  0.320   1.00 40.95  ? 58  GLU   A OE2 1 
ATOM   426  N  N   . LEU   A 1 59  ? -2.265  -3.026  3.229   1.00 28.86  ? 59  LEU   A N   1 
ATOM   427  C  CA  . LEU   A 1 59  ? -3.003  -1.769  3.203   1.00 28.91  ? 59  LEU   A CA  1 
ATOM   428  C  C   . LEU   A 1 59  ? -2.383  -0.758  4.157   1.00 34.93  ? 59  LEU   A C   1 
ATOM   429  O  O   . LEU   A 1 59  ? -2.322  0.437   3.848   1.00 32.64  ? 59  LEU   A O   1 
ATOM   430  C  CB  . LEU   A 1 59  ? -4.467  -2.015  3.557   1.00 32.41  ? 59  LEU   A CB  1 
ATOM   431  C  CG  . LEU   A 1 59  ? -5.344  -2.690  2.501   1.00 37.07  ? 59  LEU   A CG  1 
ATOM   432  C  CD1 . LEU   A 1 59  ? -6.715  -3.000  3.081   1.00 35.45  ? 59  LEU   A CD1 1 
ATOM   433  C  CD2 . LEU   A 1 59  ? -5.470  -1.822  1.260   1.00 30.23  ? 59  LEU   A CD2 1 
ATOM   434  N  N   . GLN   A 1 60  ? -1.911  -1.223  5.318   1.00 33.24  ? 60  GLN   A N   1 
ATOM   435  C  CA  . GLN   A 1 60  ? -1.284  -0.326  6.284   1.00 35.04  ? 60  GLN   A CA  1 
ATOM   436  C  C   . GLN   A 1 60  ? -0.006  0.293   5.732   1.00 34.38  ? 60  GLN   A C   1 
ATOM   437  O  O   . GLN   A 1 60  ? 0.320   1.437   6.063   1.00 33.60  ? 60  GLN   A O   1 
ATOM   438  C  CB  . GLN   A 1 60  ? -0.994  -1.077  7.584   1.00 35.10  ? 60  GLN   A CB  1 
ATOM   439  C  CG  . GLN   A 1 60  ? -1.895  -0.695  8.754   1.00 52.39  ? 60  GLN   A CG  1 
ATOM   440  C  CD  . GLN   A 1 60  ? -1.957  0.808   8.985   1.00 68.12  ? 60  GLN   A CD  1 
ATOM   441  O  OE1 . GLN   A 1 60  ? -0.928  1.476   9.085   1.00 60.91  ? 60  GLN   A OE1 1 
ATOM   442  N  NE2 . GLN   A 1 60  ? -3.167  1.341   9.089   1.00 58.98  ? 60  GLN   A NE2 1 
ATOM   443  N  N   . ALA   A 1 61  ? 0.734   -0.443  4.900   1.00 29.05  ? 61  ALA   A N   1 
ATOM   444  C  CA  . ALA   A 1 61  ? 1.946   0.119   4.312   1.00 28.47  ? 61  ALA   A CA  1 
ATOM   445  C  C   . ALA   A 1 61  ? 1.611   1.220   3.317   1.00 28.25  ? 61  ALA   A C   1 
ATOM   446  O  O   . ALA   A 1 61  ? 2.278   2.262   3.288   1.00 27.32  ? 61  ALA   A O   1 
ATOM   447  C  CB  . ALA   A 1 61  ? 2.771   -0.982  3.645   1.00 31.85  ? 61  ALA   A CB  1 
ATOM   448  N  N   . ILE   A 1 62  ? 0.577   1.009   2.499   1.00 30.87  ? 62  ILE   A N   1 
ATOM   449  C  CA  . ILE   A 1 62  ? 0.147   2.034   1.553   1.00 30.54  ? 62  ILE   A CA  1 
ATOM   450  C  C   . ILE   A 1 62  ? -0.300  3.285   2.295   1.00 32.13  ? 62  ILE   A C   1 
ATOM   451  O  O   . ILE   A 1 62  ? 0.012   4.412   1.888   1.00 29.26  ? 62  ILE   A O   1 
ATOM   452  C  CB  . ILE   A 1 62  ? -0.966  1.480   0.648   1.00 22.76  ? 62  ILE   A CB  1 
ATOM   453  C  CG1 . ILE   A 1 62  ? -0.390  0.433   -0.303  1.00 30.93  ? 62  ILE   A CG1 1 
ATOM   454  C  CG2 . ILE   A 1 62  ? -1.641  2.607   -0.125  1.00 31.01  ? 62  ILE   A CG2 1 
ATOM   455  C  CD1 . ILE   A 1 62  ? -1.429  -0.291  -1.091  1.00 29.36  ? 62  ILE   A CD1 1 
ATOM   456  N  N   . TYR   A 1 63  ? -1.033  3.109   3.397   1.00 30.25  ? 63  TYR   A N   1 
ATOM   457  C  CA  . TYR   A 1 63  ? -1.425  4.255   4.212   1.00 30.43  ? 63  TYR   A CA  1 
ATOM   458  C  C   . TYR   A 1 63  ? -0.205  5.018   4.713   1.00 32.05  ? 63  TYR   A C   1 
ATOM   459  O  O   . TYR   A 1 63  ? -0.176  6.253   4.670   1.00 30.52  ? 63  TYR   A O   1 
ATOM   460  C  CB  . TYR   A 1 63  ? -2.288  3.792   5.387   1.00 37.65  ? 63  TYR   A CB  1 
ATOM   461  C  CG  . TYR   A 1 63  ? -2.717  4.911   6.310   1.00 41.78  ? 63  TYR   A CG  1 
ATOM   462  C  CD1 . TYR   A 1 63  ? -3.869  5.640   6.056   1.00 38.99  ? 63  TYR   A CD1 1 
ATOM   463  C  CD2 . TYR   A 1 63  ? -1.968  5.237   7.435   1.00 46.20  ? 63  TYR   A CD2 1 
ATOM   464  C  CE1 . TYR   A 1 63  ? -4.266  6.661   6.894   1.00 46.99  ? 63  TYR   A CE1 1 
ATOM   465  C  CE2 . TYR   A 1 63  ? -2.354  6.259   8.277   1.00 44.91  ? 63  TYR   A CE2 1 
ATOM   466  C  CZ  . TYR   A 1 63  ? -3.504  6.966   8.002   1.00 47.45  ? 63  TYR   A CZ  1 
ATOM   467  O  OH  . TYR   A 1 63  ? -3.898  7.983   8.838   1.00 53.79  ? 63  TYR   A OH  1 
ATOM   468  N  N   . LEU   A 1 64  ? 0.811   4.296   5.197   1.00 30.66  ? 64  LEU   A N   1 
ATOM   469  C  CA  . LEU   A 1 64  ? 2.035   4.945   5.662   1.00 29.48  ? 64  LEU   A CA  1 
ATOM   470  C  C   . LEU   A 1 64  ? 2.722   5.697   4.530   1.00 33.43  ? 64  LEU   A C   1 
ATOM   471  O  O   . LEU   A 1 64  ? 3.288   6.776   4.743   1.00 30.17  ? 64  LEU   A O   1 
ATOM   472  C  CB  . LEU   A 1 64  ? 2.986   3.907   6.258   1.00 29.99  ? 64  LEU   A CB  1 
ATOM   473  C  CG  . LEU   A 1 64  ? 2.765   3.473   7.706   1.00 35.27  ? 64  LEU   A CG  1 
ATOM   474  C  CD1 . LEU   A 1 64  ? 3.758   2.382   8.079   1.00 30.41  ? 64  LEU   A CD1 1 
ATOM   475  C  CD2 . LEU   A 1 64  ? 2.888   4.661   8.646   1.00 33.50  ? 64  LEU   A CD2 1 
ATOM   476  N  N   . ALA   A 1 65  ? 2.685   5.137   3.319   1.00 31.23  ? 65  ALA   A N   1 
ATOM   477  C  CA  . ALA   A 1 65  ? 3.315   5.794   2.180   1.00 30.64  ? 65  ALA   A CA  1 
ATOM   478  C  C   . ALA   A 1 65  ? 2.613   7.098   1.830   1.00 31.60  ? 65  ALA   A C   1 
ATOM   479  O  O   . ALA   A 1 65  ? 3.268   8.075   1.452   1.00 33.47  ? 65  ALA   A O   1 
ATOM   480  C  CB  . ALA   A 1 65  ? 3.326   4.857   0.975   1.00 22.21  ? 65  ALA   A CB  1 
ATOM   481  N  N   . LEU   A 1 66  ? 1.283   7.126   1.936   1.00 27.98  ? 66  LEU   A N   1 
ATOM   482  C  CA  . LEU   A 1 66  ? 0.539   8.347   1.647   1.00 32.08  ? 66  LEU   A CA  1 
ATOM   483  C  C   . LEU   A 1 66  ? 0.707   9.382   2.752   1.00 32.53  ? 66  LEU   A C   1 
ATOM   484  O  O   . LEU   A 1 66  ? 0.725   10.587  2.476   1.00 31.72  ? 66  LEU   A O   1 
ATOM   485  C  CB  . LEU   A 1 66  ? -0.943  8.020   1.448   1.00 30.71  ? 66  LEU   A CB  1 
ATOM   486  C  CG  . LEU   A 1 66  ? -1.256  7.096   0.269   1.00 35.37  ? 66  LEU   A CG  1 
ATOM   487  C  CD1 . LEU   A 1 66  ? -2.605  6.414   0.453   1.00 37.32  ? 66  LEU   A CD1 1 
ATOM   488  C  CD2 . LEU   A 1 66  ? -1.210  7.863   -1.045  1.00 33.39  ? 66  LEU   A CD2 1 
ATOM   489  N  N   . GLN   A 1 67  ? 0.834   8.930   4.000   1.00 30.09  ? 67  GLN   A N   1 
ATOM   490  C  CA  . GLN   A 1 67  ? 0.993   9.849   5.118   1.00 37.86  ? 67  GLN   A CA  1 
ATOM   491  C  C   . GLN   A 1 67  ? 2.343   10.557  5.087   1.00 37.74  ? 67  GLN   A C   1 
ATOM   492  O  O   . GLN   A 1 67  ? 2.438   11.722  5.486   1.00 39.95  ? 67  GLN   A O   1 
ATOM   493  C  CB  . GLN   A 1 67  ? 0.810   9.085   6.429   1.00 33.42  ? 67  GLN   A CB  1 
ATOM   494  C  CG  . GLN   A 1 67  ? 1.213   9.832   7.685   1.00 39.09  ? 67  GLN   A CG  1 
ATOM   495  C  CD  . GLN   A 1 67  ? 1.278   8.922   8.895   1.00 48.06  ? 67  GLN   A CD  1 
ATOM   496  O  OE1 . GLN   A 1 67  ? 0.321   8.824   9.664   1.00 51.56  ? 67  GLN   A OE1 1 
ATOM   497  N  NE2 . GLN   A 1 67  ? 2.409   8.243   9.068   1.00 41.99  ? 67  GLN   A NE2 1 
ATOM   498  N  N   . ASP   A 1 68  ? 3.388   9.887   4.601   1.00 35.74  ? 68  ASP   A N   1 
ATOM   499  C  CA  . ASP   A 1 68  ? 4.746   10.410  4.669   1.00 32.76  ? 68  ASP   A CA  1 
ATOM   500  C  C   . ASP   A 1 68  ? 5.245   10.974  3.343   1.00 40.98  ? 68  ASP   A C   1 
ATOM   501  O  O   . ASP   A 1 68  ? 6.434   11.288  3.232   1.00 37.51  ? 68  ASP   A O   1 
ATOM   502  C  CB  . ASP   A 1 68  ? 5.710   9.320   5.144   1.00 36.15  ? 68  ASP   A CB  1 
ATOM   503  C  CG  . ASP   A 1 68  ? 5.440   8.876   6.568   1.00 42.93  ? 68  ASP   A CG  1 
ATOM   504  O  OD1 . ASP   A 1 68  ? 4.685   9.567   7.283   1.00 39.74  ? 68  ASP   A OD1 1 
ATOM   505  O  OD2 . ASP   A 1 68  ? 5.993   7.832   6.973   1.00 42.77  ? 68  ASP   A OD2 1 
ATOM   506  N  N   . SER   A 1 69  ? 4.384   11.109  2.341   1.00 34.68  ? 69  SER   A N   1 
ATOM   507  C  CA  . SER   A 1 69  ? 4.811   11.520  1.013   1.00 35.68  ? 69  SER   A CA  1 
ATOM   508  C  C   . SER   A 1 69  ? 4.274   12.899  0.665   1.00 37.63  ? 69  SER   A C   1 
ATOM   509  O  O   . SER   A 1 69  ? 3.356   13.429  1.299   1.00 39.00  ? 69  SER   A O   1 
ATOM   510  C  CB  . SER   A 1 69  ? 4.353   10.511  -0.039  1.00 32.29  ? 69  SER   A CB  1 
ATOM   511  O  OG  . SER   A 1 69  ? 2.941   10.435  -0.066  1.00 33.01  ? 69  SER   A OG  1 
ATOM   512  N  N   . GLY   A 1 70  ? 4.866   13.467  -0.380  1.00 36.36  ? 70  GLY   A N   1 
ATOM   513  C  CA  . GLY   A 1 70  ? 4.407   14.738  -0.900  1.00 37.67  ? 70  GLY   A CA  1 
ATOM   514  C  C   . GLY   A 1 70  ? 3.112   14.646  -1.685  1.00 36.20  ? 70  GLY   A C   1 
ATOM   515  O  O   . GLY   A 1 70  ? 2.402   13.648  -1.596  1.00 36.11  ? 70  GLY   A O   1 
ATOM   516  N  N   . LEU   A 1 71  ? 2.809   15.692  -2.461  1.00 33.48  ? 71  LEU   A N   1 
ATOM   517  C  CA  . LEU   A 1 71  ? 1.561   15.744  -3.199  1.00 34.89  ? 71  LEU   A CA  1 
ATOM   518  C  C   . LEU   A 1 71  ? 1.551   14.812  -4.400  1.00 37.34  ? 71  LEU   A C   1 
ATOM   519  O  O   . LEU   A 1 71  ? 0.470   14.427  -4.850  1.00 39.74  ? 71  LEU   A O   1 
ATOM   520  C  CB  . LEU   A 1 71  ? 1.302   17.182  -3.634  1.00 41.13  ? 71  LEU   A CB  1 
ATOM   521  C  CG  . LEU   A 1 71  ? 1.208   18.183  -2.483  1.00 43.12  ? 71  LEU   A CG  1 
ATOM   522  C  CD1 . LEU   A 1 71  ? 1.158   19.610  -3.005  1.00 44.42  ? 71  LEU   A CD1 1 
ATOM   523  C  CD2 . LEU   A 1 71  ? 0.004   17.875  -1.607  1.00 45.95  ? 71  LEU   A CD2 1 
ATOM   524  N  N   . GLU   A 1 72  ? 2.716   14.454  -4.932  1.00 31.62  ? 72  GLU   A N   1 
ATOM   525  C  CA  . GLU   A 1 72  ? 2.834   13.497  -6.026  1.00 34.17  ? 72  GLU   A CA  1 
ATOM   526  C  C   . GLU   A 1 72  ? 3.676   12.329  -5.538  1.00 32.73  ? 72  GLU   A C   1 
ATOM   527  O  O   . GLU   A 1 72  ? 4.808   12.528  -5.085  1.00 35.64  ? 72  GLU   A O   1 
ATOM   528  C  CB  . GLU   A 1 72  ? 3.470   14.134  -7.263  1.00 27.72  ? 72  GLU   A CB  1 
ATOM   529  C  CG  . GLU   A 1 72  ? 3.133   15.597  -7.471  1.00 31.45  ? 72  GLU   A CG  1 
ATOM   530  C  CD  . GLU   A 1 72  ? 4.025   16.539  -6.667  1.00 33.41  ? 72  GLU   A CD  1 
ATOM   531  O  OE1 . GLU   A 1 72  ? 4.659   16.085  -5.694  1.00 35.83  ? 72  GLU   A OE1 1 
ATOM   532  O  OE2 . GLU   A 1 72  ? 4.104   17.732  -7.018  1.00 41.74  ? 72  GLU   A OE2 1 
ATOM   533  N  N   . VAL   A 1 73  ? 3.136   11.117  -5.629  1.00 31.39  ? 73  VAL   A N   1 
ATOM   534  C  CA  . VAL   A 1 73  ? 3.811   9.954   -5.066  1.00 28.49  ? 73  VAL   A CA  1 
ATOM   535  C  C   . VAL   A 1 73  ? 3.611   8.745   -5.972  1.00 32.77  ? 73  VAL   A C   1 
ATOM   536  O  O   . VAL   A 1 73  ? 2.523   8.530   -6.519  1.00 30.03  ? 73  VAL   A O   1 
ATOM   537  C  CB  . VAL   A 1 73  ? 3.322   9.670   -3.627  1.00 25.63  ? 73  VAL   A CB  1 
ATOM   538  C  CG1 . VAL   A 1 73  ? 1.833   9.353   -3.607  1.00 36.01  ? 73  VAL   A CG1 1 
ATOM   539  C  CG2 . VAL   A 1 73  ? 4.131   8.541   -3.006  1.00 32.74  ? 73  VAL   A CG2 1 
ATOM   540  N  N   . ASN   A 1 74  ? 4.685   7.978   -6.153  1.00 34.56  ? 74  ASN   A N   1 
ATOM   541  C  CA  . ASN   A 1 74  ? 4.644   6.665   -6.782  1.00 29.02  ? 74  ASN   A CA  1 
ATOM   542  C  C   . ASN   A 1 74  ? 4.701   5.604   -5.691  1.00 31.75  ? 74  ASN   A C   1 
ATOM   543  O  O   . ASN   A 1 74  ? 5.569   5.661   -4.813  1.00 28.21  ? 74  ASN   A O   1 
ATOM   544  C  CB  . ASN   A 1 74  ? 5.818   6.478   -7.746  1.00 27.75  ? 74  ASN   A CB  1 
ATOM   545  C  CG  . ASN   A 1 74  ? 5.787   7.455   -8.906  1.00 33.17  ? 74  ASN   A CG  1 
ATOM   546  O  OD1 . ASN   A 1 74  ? 4.746   7.671   -9.520  1.00 36.55  ? 74  ASN   A OD1 1 
ATOM   547  N  ND2 . ASN   A 1 74  ? 6.936   8.049   -9.213  1.00 35.54  ? 74  ASN   A ND2 1 
ATOM   548  N  N   . ILE   A 1 75  ? 3.785   4.640   -5.742  1.00 26.25  ? 75  ILE   A N   1 
ATOM   549  C  CA  . ILE   A 1 75  ? 3.730   3.563   -4.762  1.00 30.88  ? 75  ILE   A CA  1 
ATOM   550  C  C   . ILE   A 1 75  ? 3.784   2.231   -5.499  1.00 33.21  ? 75  ILE   A C   1 
ATOM   551  O  O   . ILE   A 1 75  ? 2.989   1.991   -6.416  1.00 33.09  ? 75  ILE   A O   1 
ATOM   552  C  CB  . ILE   A 1 75  ? 2.472   3.665   -3.881  1.00 33.29  ? 75  ILE   A CB  1 
ATOM   553  C  CG1 . ILE   A 1 75  ? 2.477   4.995   -3.121  1.00 29.49  ? 75  ILE   A CG1 1 
ATOM   554  C  CG2 . ILE   A 1 75  ? 2.408   2.497   -2.909  1.00 25.21  ? 75  ILE   A CG2 1 
ATOM   555  C  CD1 . ILE   A 1 75  ? 1.123   5.404   -2.582  1.00 31.76  ? 75  ILE   A CD1 1 
ATOM   556  N  N   . VAL   A 1 76  ? 4.716   1.371   -5.093  1.00 31.29  ? 76  VAL   A N   1 
ATOM   557  C  CA  . VAL   A 1 76  ? 4.928   0.061   -5.703  1.00 31.73  ? 76  VAL   A CA  1 
ATOM   558  C  C   . VAL   A 1 76  ? 4.589   -0.994  -4.660  1.00 22.86  ? 76  VAL   A C   1 
ATOM   559  O  O   . VAL   A 1 76  ? 5.280   -1.123  -3.643  1.00 29.96  ? 76  VAL   A O   1 
ATOM   560  C  CB  . VAL   A 1 76  ? 6.368   -0.105  -6.207  1.00 30.46  ? 76  VAL   A CB  1 
ATOM   561  C  CG1 . VAL   A 1 76  ? 6.614   -1.535  -6.653  1.00 32.54  ? 76  VAL   A CG1 1 
ATOM   562  C  CG2 . VAL   A 1 76  ? 6.649   0.869   -7.337  1.00 34.88  ? 76  VAL   A CG2 1 
ATOM   563  N  N   . THR   A 1 77  ? 3.523   -1.748  -4.909  1.00 30.73  ? 77  THR   A N   1 
ATOM   564  C  CA  . THR   A 1 77  ? 3.081   -2.813  -4.026  1.00 28.42  ? 77  THR   A CA  1 
ATOM   565  C  C   . THR   A 1 77  ? 3.171   -4.150  -4.749  1.00 33.52  ? 77  THR   A C   1 
ATOM   566  O  O   . THR   A 1 77  ? 3.109   -4.211  -5.980  1.00 34.36  ? 77  THR   A O   1 
ATOM   567  C  CB  . THR   A 1 77  ? 1.638   -2.572  -3.542  1.00 30.05  ? 77  THR   A CB  1 
ATOM   568  O  OG1 . THR   A 1 77  ? 1.272   -3.565  -2.577  1.00 31.81  ? 77  THR   A OG1 1 
ATOM   569  C  CG2 . THR   A 1 77  ? 0.663   -2.613  -4.707  1.00 28.72  ? 77  THR   A CG2 1 
ATOM   570  N  N   . ASP   A 1 78  ? 3.342   -5.225  -3.984  1.00 29.75  ? 78  ASP   A N   1 
ATOM   571  C  CA  . ASP   A 1 78  ? 3.197   -6.562  -4.540  1.00 28.70  ? 78  ASP   A CA  1 
ATOM   572  C  C   . ASP   A 1 78  ? 1.881   -7.205  -4.124  1.00 33.85  ? 78  ASP   A C   1 
ATOM   573  O  O   . ASP   A 1 78  ? 1.714   -8.418  -4.279  1.00 37.33  ? 78  ASP   A O   1 
ATOM   574  C  CB  . ASP   A 1 78  ? 4.392   -7.446  -4.151  1.00 32.96  ? 78  ASP   A CB  1 
ATOM   575  C  CG  . ASP   A 1 78  ? 4.571   -7.585  -2.658  1.00 39.55  ? 78  ASP   A CG  1 
ATOM   576  O  OD1 . ASP   A 1 78  ? 3.557   -7.620  -1.944  1.00 29.30  ? 78  ASP   A OD1 1 
ATOM   577  O  OD2 . ASP   A 1 78  ? 5.725   -7.667  -2.191  1.00 41.96  ? 78  ASP   A OD2 1 
ATOM   578  N  N   . SER   A 1 79  ? 0.946   -6.415  -3.602  1.00 28.27  ? 79  SER   A N   1 
ATOM   579  C  CA  . SER   A 1 79  ? -0.345  -6.909  -3.144  1.00 31.86  ? 79  SER   A CA  1 
ATOM   580  C  C   . SER   A 1 79  ? -1.391  -6.626  -4.217  1.00 37.64  ? 79  SER   A C   1 
ATOM   581  O  O   . SER   A 1 79  ? -1.751  -5.468  -4.454  1.00 33.04  ? 79  SER   A O   1 
ATOM   582  C  CB  . SER   A 1 79  ? -0.724  -6.258  -1.817  1.00 35.50  ? 79  SER   A CB  1 
ATOM   583  O  OG  . SER   A 1 79  ? -2.042  -6.598  -1.436  1.00 31.64  ? 79  SER   A OG  1 
ATOM   584  N  N   . GLN   A 1 80  ? -1.876  -7.688  -4.870  1.00 32.16  ? 80  GLN   A N   1 
ATOM   585  C  CA  . GLN   A 1 80  ? -2.957  -7.525  -5.839  1.00 35.35  ? 80  GLN   A CA  1 
ATOM   586  C  C   . GLN   A 1 80  ? -4.243  -7.084  -5.156  1.00 32.65  ? 80  GLN   A C   1 
ATOM   587  O  O   . GLN   A 1 80  ? -5.011  -6.294  -5.717  1.00 29.68  ? 80  GLN   A O   1 
ATOM   588  C  CB  . GLN   A 1 80  ? -3.183  -8.831  -6.603  1.00 41.77  ? 80  GLN   A CB  1 
ATOM   589  C  CG  . GLN   A 1 80  ? -2.000  -9.271  -7.434  1.00 42.87  ? 80  GLN   A CG  1 
ATOM   590  C  CD  . GLN   A 1 80  ? -2.378  -10.230 -8.541  1.00 52.47  ? 80  GLN   A CD  1 
ATOM   591  O  OE1 . GLN   A 1 80  ? -2.579  -11.421 -8.304  1.00 54.42  ? 80  GLN   A OE1 1 
ATOM   592  N  NE2 . GLN   A 1 80  ? -2.466  -9.718  -9.763  1.00 65.66  ? 80  GLN   A NE2 1 
ATOM   593  N  N   . TYR   A 1 81  ? -4.499  -7.589  -3.950  1.00 33.39  ? 81  TYR   A N   1 
ATOM   594  C  CA  . TYR   A 1 81  ? -5.710  -7.209  -3.237  1.00 27.14  ? 81  TYR   A CA  1 
ATOM   595  C  C   . TYR   A 1 81  ? -5.703  -5.724  -2.902  1.00 32.82  ? 81  TYR   A C   1 
ATOM   596  O  O   . TYR   A 1 81  ? -6.699  -5.022  -3.115  1.00 31.86  ? 81  TYR   A O   1 
ATOM   597  C  CB  . TYR   A 1 81  ? -5.863  -8.046  -1.968  1.00 31.22  ? 81  TYR   A CB  1 
ATOM   598  C  CG  . TYR   A 1 81  ? -6.782  -7.415  -0.948  1.00 38.98  ? 81  TYR   A CG  1 
ATOM   599  C  CD1 . TYR   A 1 81  ? -8.153  -7.591  -1.029  1.00 40.09  ? 81  TYR   A CD1 1 
ATOM   600  C  CD2 . TYR   A 1 81  ? -6.280  -6.652  0.101   1.00 37.87  ? 81  TYR   A CD2 1 
ATOM   601  C  CE1 . TYR   A 1 81  ? -9.001  -7.015  -0.108  1.00 41.07  ? 81  TYR   A CE1 1 
ATOM   602  C  CE2 . TYR   A 1 81  ? -7.121  -6.076  1.030   1.00 41.35  ? 81  TYR   A CE2 1 
ATOM   603  C  CZ  . TYR   A 1 81  ? -8.482  -6.264  0.923   1.00 41.55  ? 81  TYR   A CZ  1 
ATOM   604  O  OH  . TYR   A 1 81  ? -9.327  -5.695  1.844   1.00 43.39  ? 81  TYR   A OH  1 
ATOM   605  N  N   . ALA   A 1 82  ? -4.587  -5.231  -2.360  1.00 29.38  ? 82  ALA   A N   1 
ATOM   606  C  CA  . ALA   A 1 82  ? -4.499  -3.821  -1.991  1.00 29.91  ? 82  ALA   A CA  1 
ATOM   607  C  C   . ALA   A 1 82  ? -4.764  -2.926  -3.193  1.00 30.48  ? 82  ALA   A C   1 
ATOM   608  O  O   . ALA   A 1 82  ? -5.600  -2.018  -3.133  1.00 32.63  ? 82  ALA   A O   1 
ATOM   609  C  CB  . ALA   A 1 82  ? -3.128  -3.520  -1.387  1.00 29.88  ? 82  ALA   A CB  1 
ATOM   610  N  N   . LEU   A 1 83  ? -4.069  -3.181  -4.303  1.00 35.86  ? 83  LEU   A N   1 
ATOM   611  C  CA  . LEU   A 1 83  ? -4.285  -2.393  -5.511  1.00 29.85  ? 83  LEU   A CA  1 
ATOM   612  C  C   . LEU   A 1 83  ? -5.728  -2.502  -5.986  1.00 34.28  ? 83  LEU   A C   1 
ATOM   613  O  O   . LEU   A 1 83  ? -6.364  -1.492  -6.311  1.00 33.08  ? 83  LEU   A O   1 
ATOM   614  C  CB  . LEU   A 1 83  ? -3.319  -2.845  -6.609  1.00 33.26  ? 83  LEU   A CB  1 
ATOM   615  C  CG  . LEU   A 1 83  ? -3.527  -2.222  -7.992  1.00 44.01  ? 83  LEU   A CG  1 
ATOM   616  C  CD1 . LEU   A 1 83  ? -3.347  -0.719  -7.942  1.00 38.18  ? 83  LEU   A CD1 1 
ATOM   617  C  CD2 . LEU   A 1 83  ? -2.587  -2.838  -9.014  1.00 45.48  ? 83  LEU   A CD2 1 
ATOM   618  N  N   . GLY   A 1 84  ? -6.267  -3.721  -6.018  1.00 30.11  ? 84  GLY   A N   1 
ATOM   619  C  CA  . GLY   A 1 84  ? -7.610  -3.912  -6.540  1.00 33.39  ? 84  GLY   A CA  1 
ATOM   620  C  C   . GLY   A 1 84  ? -8.668  -3.203  -5.717  1.00 35.51  ? 84  GLY   A C   1 
ATOM   621  O  O   . GLY   A 1 84  ? -9.526  -2.500  -6.258  1.00 34.43  ? 84  GLY   A O   1 
ATOM   622  N  N   . ILE   A 1 85  ? -8.620  -3.369  -4.395  1.00 31.03  ? 85  ILE   A N   1 
ATOM   623  C  CA  . ILE   A 1 85  ? -9.681  -2.809  -3.564  1.00 30.49  ? 85  ILE   A CA  1 
ATOM   624  C  C   . ILE   A 1 85  ? -9.632  -1.284  -3.568  1.00 37.36  ? 85  ILE   A C   1 
ATOM   625  O  O   . ILE   A 1 85  ? -10.675 -0.623  -3.460  1.00 32.80  ? 85  ILE   A O   1 
ATOM   626  C  CB  . ILE   A 1 85  ? -9.605  -3.395  -2.140  1.00 33.89  ? 85  ILE   A CB  1 
ATOM   627  C  CG1 . ILE   A 1 85  ? -10.983 -3.359  -1.479  1.00 38.55  ? 85  ILE   A CG1 1 
ATOM   628  C  CG2 . ILE   A 1 85  ? -8.554  -2.676  -1.294  1.00 36.92  ? 85  ILE   A CG2 1 
ATOM   629  C  CD1 . ILE   A 1 85  ? -11.916 -4.442  -1.969  1.00 41.75  ? 85  ILE   A CD1 1 
ATOM   630  N  N   . ILE   A 1 86  ? -8.445  -0.700  -3.724  1.00 34.90  ? 86  ILE   A N   1 
ATOM   631  C  CA  . ILE   A 1 86  ? -8.330  0.754   -3.767  1.00 29.61  ? 86  ILE   A CA  1 
ATOM   632  C  C   . ILE   A 1 86  ? -8.783  1.286   -5.120  1.00 39.51  ? 86  ILE   A C   1 
ATOM   633  O  O   . ILE   A 1 86  ? -9.551  2.252   -5.199  1.00 35.09  ? 86  ILE   A O   1 
ATOM   634  C  CB  . ILE   A 1 86  ? -6.886  1.183   -3.443  1.00 34.63  ? 86  ILE   A CB  1 
ATOM   635  C  CG1 . ILE   A 1 86  ? -6.548  0.871   -1.984  1.00 35.87  ? 86  ILE   A CG1 1 
ATOM   636  C  CG2 . ILE   A 1 86  ? -6.692  2.657   -3.727  1.00 36.05  ? 86  ILE   A CG2 1 
ATOM   637  C  CD1 . ILE   A 1 86  ? -5.067  0.917   -1.682  1.00 30.64  ? 86  ILE   A CD1 1 
ATOM   638  N  N   . THR   A 1 87  ? -8.316  0.659   -6.204  1.00 29.52  ? 87  THR   A N   1 
ATOM   639  C  CA  . THR   A 1 87  ? -8.724  1.083   -7.539  1.00 30.46  ? 87  THR   A CA  1 
ATOM   640  C  C   . THR   A 1 87  ? -10.223 0.894   -7.745  1.00 38.70  ? 87  THR   A C   1 
ATOM   641  O  O   . THR   A 1 87  ? -10.881 1.726   -8.381  1.00 31.70  ? 87  THR   A O   1 
ATOM   642  C  CB  . THR   A 1 87  ? -7.935  0.305   -8.593  1.00 39.51  ? 87  THR   A CB  1 
ATOM   643  O  OG1 . THR   A 1 87  ? -6.531  0.420   -8.323  1.00 37.50  ? 87  THR   A OG1 1 
ATOM   644  C  CG2 . THR   A 1 87  ? -8.210  0.852   -9.977  1.00 36.69  ? 87  THR   A CG2 1 
ATOM   645  N  N   . GLN   A 1 88  ? -10.786 -0.191  -7.210  1.00 36.27  ? 88  GLN   A N   1 
ATOM   646  C  CA  . GLN   A 1 88  ? -12.221 -0.422  -7.369  1.00 32.73  ? 88  GLN   A CA  1 
ATOM   647  C  C   . GLN   A 1 88  ? -13.034 0.597   -6.585  1.00 37.32  ? 88  GLN   A C   1 
ATOM   648  O  O   . GLN   A 1 88  ? -14.036 1.117   -7.089  1.00 34.02  ? 88  GLN   A O   1 
ATOM   649  C  CB  . GLN   A 1 88  ? -12.582 -1.838  -6.934  1.00 27.97  ? 88  GLN   A CB  1 
ATOM   650  C  CG  . GLN   A 1 88  ? -12.163 -2.901  -7.928  1.00 32.32  ? 88  GLN   A CG  1 
ATOM   651  C  CD  . GLN   A 1 88  ? -11.848 -4.204  -7.248  1.00 36.04  ? 88  GLN   A CD  1 
ATOM   652  O  OE1 . GLN   A 1 88  ? -12.418 -4.516  -6.205  1.00 37.60  ? 88  GLN   A OE1 1 
ATOM   653  N  NE2 . GLN   A 1 88  ? -10.926 -4.969  -7.823  1.00 35.17  ? 88  GLN   A NE2 1 
ATOM   654  N  N   . TRP   A 1 89  ? -12.619 0.885   -5.349  1.00 40.57  ? 89  TRP   A N   1 
ATOM   655  C  CA  . TRP   A 1 89  ? -13.294 1.906   -4.552  1.00 43.61  ? 89  TRP   A CA  1 
ATOM   656  C  C   . TRP   A 1 89  ? -13.301 3.246   -5.276  1.00 42.34  ? 89  TRP   A C   1 
ATOM   657  O  O   . TRP   A 1 89  ? -14.309 3.962   -5.269  1.00 39.86  ? 89  TRP   A O   1 
ATOM   658  C  CB  . TRP   A 1 89  ? -12.608 2.026   -3.190  1.00 42.96  ? 89  TRP   A CB  1 
ATOM   659  C  CG  . TRP   A 1 89  ? -13.356 2.835   -2.172  1.00 44.10  ? 89  TRP   A CG  1 
ATOM   660  C  CD1 . TRP   A 1 89  ? -13.719 4.146   -2.268  1.00 49.40  ? 89  TRP   A CD1 1 
ATOM   661  C  CD2 . TRP   A 1 89  ? -13.819 2.384   -0.893  1.00 41.64  ? 89  TRP   A CD2 1 
ATOM   662  N  NE1 . TRP   A 1 89  ? -14.383 4.538   -1.132  1.00 54.75  ? 89  TRP   A NE1 1 
ATOM   663  C  CE2 . TRP   A 1 89  ? -14.458 3.473   -0.272  1.00 49.92  ? 89  TRP   A CE2 1 
ATOM   664  C  CE3 . TRP   A 1 89  ? -13.760 1.162   -0.215  1.00 47.27  ? 89  TRP   A CE3 1 
ATOM   665  C  CZ2 . TRP   A 1 89  ? -15.033 3.381   0.994   1.00 58.73  ? 89  TRP   A CZ2 1 
ATOM   666  C  CZ3 . TRP   A 1 89  ? -14.329 1.071   1.043   1.00 52.34  ? 89  TRP   A CZ3 1 
ATOM   667  C  CH2 . TRP   A 1 89  ? -14.958 2.174   1.633   1.00 58.70  ? 89  TRP   A CH2 1 
ATOM   668  N  N   . ILE   A 1 90  ? -12.187 3.594   -5.917  1.00 38.48  ? 90  ILE   A N   1 
ATOM   669  C  CA  . ILE   A 1 90  ? -12.116 4.849   -6.658  1.00 39.20  ? 90  ILE   A CA  1 
ATOM   670  C  C   . ILE   A 1 90  ? -13.049 4.807   -7.865  1.00 50.77  ? 90  ILE   A C   1 
ATOM   671  O  O   . ILE   A 1 90  ? -13.856 5.720   -8.075  1.00 47.89  ? 90  ILE   A O   1 
ATOM   672  C  CB  . ILE   A 1 90  ? -10.660 5.138   -7.067  1.00 43.18  ? 90  ILE   A CB  1 
ATOM   673  C  CG1 . ILE   A 1 90  ? -9.917  5.838   -5.931  1.00 46.49  ? 90  ILE   A CG1 1 
ATOM   674  C  CG2 . ILE   A 1 90  ? -10.605 5.985   -8.318  1.00 48.91  ? 90  ILE   A CG2 1 
ATOM   675  C  CD1 . ILE   A 1 90  ? -8.420  5.736   -6.046  1.00 40.08  ? 90  ILE   A CD1 1 
ATOM   676  N  N   . HIS   A 1 91  ? -12.978 3.731   -8.656  1.00 36.99  ? 91  HIS   A N   1 
ATOM   677  C  CA  . HIS   A 1 91  ? -13.724 3.675   -9.911  1.00 38.90  ? 91  HIS   A CA  1 
ATOM   678  C  C   . HIS   A 1 91  ? -15.230 3.631   -9.690  1.00 43.10  ? 91  HIS   A C   1 
ATOM   679  O  O   . HIS   A 1 91  ? -15.993 4.070   -10.557 1.00 45.11  ? 91  HIS   A O   1 
ATOM   680  C  CB  . HIS   A 1 91  ? -13.286 2.461   -10.734 1.00 36.98  ? 91  HIS   A CB  1 
ATOM   681  C  CG  . HIS   A 1 91  ? -11.937 2.611   -11.358 1.00 30.99  ? 91  HIS   A CG  1 
ATOM   682  N  ND1 . HIS   A 1 91  ? -11.307 1.583   -12.024 1.00 39.21  ? 91  HIS   A ND1 1 
ATOM   683  C  CD2 . HIS   A 1 91  ? -11.095 3.669   -11.417 1.00 37.04  ? 91  HIS   A CD2 1 
ATOM   684  C  CE1 . HIS   A 1 91  ? -10.138 2.002   -12.471 1.00 35.01  ? 91  HIS   A CE1 1 
ATOM   685  N  NE2 . HIS   A 1 91  ? -9.982  3.264   -12.112 1.00 35.45  ? 91  HIS   A NE2 1 
ATOM   686  N  N   . ASN   A 1 92  ? -15.682 3.112   -8.555  1.00 33.35  ? 92  ASN   A N   1 
ATOM   687  C  CA  . ASN   A 1 92  ? -17.107 2.949   -8.273  1.00 48.86  ? 92  ASN   A CA  1 
ATOM   688  C  C   . ASN   A 1 92  ? -17.494 3.865   -7.113  1.00 58.22  ? 92  ASN   A C   1 
ATOM   689  O  O   . ASN   A 1 92  ? -17.387 3.489   -5.946  1.00 66.45  ? 92  ASN   A O   1 
ATOM   690  C  CB  . ASN   A 1 92  ? -17.442 1.492   -7.955  1.00 46.33  ? 92  ASN   A CB  1 
ATOM   691  C  CG  . ASN   A 1 92  ? -17.022 0.543   -9.052  1.00 45.12  ? 92  ASN   A CG  1 
ATOM   692  O  OD1 . ASN   A 1 92  ? -17.835 0.148   -9.890  1.00 39.93  ? 92  ASN   A OD1 1 
ATOM   693  N  ND2 . ASN   A 1 92  ? -15.751 0.163   -9.053  1.00 32.30  ? 92  ASN   A ND2 1 
ATOM   694  N  N   . TRP   A 1 93  ? -17.951 5.069   -7.440  1.00 68.07  ? 93  TRP   A N   1 
ATOM   695  C  CA  . TRP   A 1 93  ? -18.471 5.971   -6.426  1.00 77.31  ? 93  TRP   A CA  1 
ATOM   696  C  C   . TRP   A 1 93  ? -19.694 6.705   -6.924  1.00 83.33  ? 93  TRP   A C   1 
ATOM   697  O  O   . TRP   A 1 93  ? -19.822 6.995   -8.116  1.00 87.78  ? 93  TRP   A O   1 
ATOM   698  C  CB  . TRP   A 1 93  ? -17.487 7.031   -6.012  1.00 79.99  ? 93  TRP   A CB  1 
ATOM   699  C  CG  . TRP   A 1 93  ? -17.928 7.788   -4.796  1.00 91.11  ? 93  TRP   A CG  1 
ATOM   700  C  CD1 . TRP   A 1 93  ? -18.258 9.114   -4.725  1.00 93.77  ? 93  TRP   A CD1 1 
ATOM   701  C  CD2 . TRP   A 1 93  ? -18.066 7.268   -3.468  1.00 92.51  ? 93  TRP   A CD2 1 
ATOM   702  N  NE1 . TRP   A 1 93  ? -18.581 9.451   -3.433  1.00 100.55 ? 93  TRP   A NE1 1 
ATOM   703  C  CE2 . TRP   A 1 93  ? -18.460 8.339   -2.643  1.00 98.82  ? 93  TRP   A CE2 1 
ATOM   704  C  CE3 . TRP   A 1 93  ? -17.842 6.015   -2.890  1.00 86.77  ? 93  TRP   A CE3 1 
ATOM   705  C  CZ2 . TRP   A 1 93  ? -18.662 8.183   -1.281  1.00 85.98  ? 93  TRP   A CZ2 1 
ATOM   706  C  CZ3 . TRP   A 1 93  ? -18.047 5.864   -1.542  1.00 78.24  ? 93  TRP   A CZ3 1 
ATOM   707  C  CH2 . TRP   A 1 93  ? -18.445 6.940   -0.751  1.00 78.58  ? 93  TRP   A CH2 1 
ATOM   708  N  N   . LYS   A 1 94  ? -20.570 7.033   -5.973  1.00 86.25  ? 94  LYS   A N   1 
ATOM   709  C  CA  . LYS   A 1 94  ? -21.817 7.751   -6.218  1.00 90.98  ? 94  LYS   A CA  1 
ATOM   710  C  C   . LYS   A 1 94  ? -22.615 7.115   -7.351  1.00 94.51  ? 94  LYS   A C   1 
ATOM   711  O  O   . LYS   A 1 94  ? -23.553 7.717   -7.884  1.00 101.73 ? 94  LYS   A O   1 
ATOM   712  C  CB  . LYS   A 1 94  ? -21.552 9.246   -6.466  1.00 99.15  ? 94  LYS   A CB  1 
ATOM   713  C  CG  . LYS   A 1 94  ? -21.183 9.658   -7.886  1.00 95.00  ? 94  LYS   A CG  1 
ATOM   714  C  CD  . LYS   A 1 94  ? -20.838 11.136  -7.950  1.00 87.49  ? 94  LYS   A CD  1 
ATOM   715  C  CE  . LYS   A 1 94  ? -22.036 11.993  -7.581  1.00 85.20  ? 94  LYS   A CE  1 
ATOM   716  N  NZ  . LYS   A 1 94  ? -21.638 13.210  -6.822  1.00 87.13  ? 94  LYS   A NZ  1 
ATOM   717  N  N   . LYS   A 1 95  ? -22.265 5.882   -7.700  1.00 92.75  ? 95  LYS   A N   1 
ATOM   718  C  CA  . LYS   A 1 95  ? -22.950 5.106   -8.719  1.00 93.34  ? 95  LYS   A CA  1 
ATOM   719  C  C   . LYS   A 1 95  ? -23.852 4.069   -8.062  1.00 97.29  ? 95  LYS   A C   1 
ATOM   720  O  O   . LYS   A 1 95  ? -23.742 3.770   -6.871  1.00 96.52  ? 95  LYS   A O   1 
ATOM   721  C  CB  . LYS   A 1 95  ? -21.939 4.444   -9.660  1.00 87.47  ? 95  LYS   A CB  1 
ATOM   722  C  CG  . LYS   A 1 95  ? -21.123 5.446   -10.461 1.00 88.22  ? 95  LYS   A CG  1 
ATOM   723  C  CD  . LYS   A 1 95  ? -19.773 4.891   -10.875 1.00 70.45  ? 95  LYS   A CD  1 
ATOM   724  C  CE  . LYS   A 1 95  ? -18.802 6.016   -11.195 1.00 70.03  ? 95  LYS   A CE  1 
ATOM   725  N  NZ  . LYS   A 1 95  ? -17.456 5.505   -11.570 1.00 67.18  ? 95  LYS   A NZ  1 
ATOM   726  N  N   . ARG   A 1 96  ? -24.753 3.517   -8.870  1.00 99.59  ? 96  ARG   A N   1 
ATOM   727  C  CA  . ARG   A 1 96  ? -25.852 2.707   -8.361  1.00 99.55  ? 96  ARG   A CA  1 
ATOM   728  C  C   . ARG   A 1 96  ? -25.379 1.418   -7.698  1.00 95.11  ? 96  ARG   A C   1 
ATOM   729  O  O   . ARG   A 1 96  ? -25.409 1.302   -6.468  1.00 87.97  ? 96  ARG   A O   1 
ATOM   730  C  CB  . ARG   A 1 96  ? -26.830 2.385   -9.494  1.00 86.67  ? 96  ARG   A CB  1 
ATOM   731  C  CG  . ARG   A 1 96  ? -28.094 1.683   -9.032  1.00 91.10  ? 96  ARG   A CG  1 
ATOM   732  C  CD  . ARG   A 1 96  ? -28.763 2.452   -7.902  1.00 101.14 ? 96  ARG   A CD  1 
ATOM   733  N  NE  . ARG   A 1 96  ? -30.214 2.305   -7.918  1.00 101.96 ? 96  ARG   A NE  1 
ATOM   734  C  CZ  . ARG   A 1 96  ? -30.983 2.352   -6.838  1.00 98.42  ? 96  ARG   A CZ  1 
ATOM   735  N  NH1 . ARG   A 1 96  ? -30.471 2.535   -5.632  1.00 89.64  ? 96  ARG   A NH1 1 
ATOM   736  N  NH2 . ARG   A 1 96  ? -32.298 2.213   -6.971  1.00 90.81  ? 96  ARG   A NH2 1 
ATOM   737  N  N   . GLY   A 1 97  ? -24.942 0.448   -8.498  1.00 87.13  ? 97  GLY   A N   1 
ATOM   738  C  CA  . GLY   A 1 97  ? -24.679 -0.886  -7.993  1.00 72.17  ? 97  GLY   A CA  1 
ATOM   739  C  C   . GLY   A 1 97  ? -23.340 -1.088  -7.315  1.00 68.65  ? 97  GLY   A C   1 
ATOM   740  O  O   . GLY   A 1 97  ? -22.607 -2.019  -7.658  1.00 61.15  ? 97  GLY   A O   1 
ATOM   741  N  N   . TRP   A 1 98  ? -23.012 -0.244  -6.337  1.00 84.08  ? 98  TRP   A N   1 
ATOM   742  C  CA  . TRP   A 1 98  ? -21.754 -0.343  -5.603  1.00 72.11  ? 98  TRP   A CA  1 
ATOM   743  C  C   . TRP   A 1 98  ? -22.042 -0.756  -4.165  1.00 64.42  ? 98  TRP   A C   1 
ATOM   744  O  O   . TRP   A 1 98  ? -22.617 0.019   -3.392  1.00 64.35  ? 98  TRP   A O   1 
ATOM   745  C  CB  . TRP   A 1 98  ? -20.983 0.976   -5.639  1.00 88.79  ? 98  TRP   A CB  1 
ATOM   746  C  CG  . TRP   A 1 98  ? -19.748 0.964   -4.774  1.00 87.68  ? 98  TRP   A CG  1 
ATOM   747  C  CD1 . TRP   A 1 98  ? -19.464 1.807   -3.737  1.00 76.07  ? 98  TRP   A CD1 1 
ATOM   748  C  CD2 . TRP   A 1 98  ? -18.638 0.060   -4.871  1.00 72.99  ? 98  TRP   A CD2 1 
ATOM   749  N  NE1 . TRP   A 1 98  ? -18.246 1.486   -3.186  1.00 80.12  ? 98  TRP   A NE1 1 
ATOM   750  C  CE2 . TRP   A 1 98  ? -17.719 0.418   -3.864  1.00 66.98  ? 98  TRP   A CE2 1 
ATOM   751  C  CE3 . TRP   A 1 98  ? -18.332 -1.015  -5.712  1.00 59.33  ? 98  TRP   A CE3 1 
ATOM   752  C  CZ2 . TRP   A 1 98  ? -16.516 -0.260  -3.676  1.00 54.85  ? 98  TRP   A CZ2 1 
ATOM   753  C  CZ3 . TRP   A 1 98  ? -17.138 -1.686  -5.523  1.00 53.49  ? 98  TRP   A CZ3 1 
ATOM   754  C  CH2 . TRP   A 1 98  ? -16.245 -1.305  -4.515  1.00 56.24  ? 98  TRP   A CH2 1 
ATOM   755  N  N   . LYS   A 1 99  ? -21.633 -1.970  -3.808  1.00 63.49  ? 99  LYS   A N   1 
ATOM   756  C  CA  . LYS   A 1 99  ? -21.661 -2.437  -2.429  1.00 57.54  ? 99  LYS   A CA  1 
ATOM   757  C  C   . LYS   A 1 99  ? -20.241 -2.392  -1.882  1.00 58.05  ? 99  LYS   A C   1 
ATOM   758  O  O   . LYS   A 1 99  ? -19.340 -3.035  -2.432  1.00 54.89  ? 99  LYS   A O   1 
ATOM   759  C  CB  . LYS   A 1 99  ? -22.235 -3.850  -2.330  1.00 53.38  ? 99  LYS   A CB  1 
ATOM   760  C  CG  . LYS   A 1 99  ? -22.591 -4.270  -0.911  1.00 53.82  ? 99  LYS   A CG  1 
ATOM   761  C  CD  . LYS   A 1 99  ? -24.027 -4.756  -0.825  1.00 61.86  ? 99  LYS   A CD  1 
ATOM   762  C  CE  . LYS   A 1 99  ? -24.495 -4.890  0.614   1.00 56.04  ? 99  LYS   A CE  1 
ATOM   763  N  NZ  . LYS   A 1 99  ? -25.971 -5.092  0.691   1.00 56.07  ? 99  LYS   A NZ  1 
ATOM   764  N  N   . THR   A 1 100 ? -20.045 -1.626  -0.811  1.00 59.62  ? 100 THR   A N   1 
ATOM   765  C  CA  . THR   A 1 100 ? -18.713 -1.432  -0.266  1.00 59.72  ? 100 THR   A CA  1 
ATOM   766  C  C   . THR   A 1 100 ? -18.155 -2.755  0.260   1.00 57.16  ? 100 THR   A C   1 
ATOM   767  O  O   . THR   A 1 100 ? -18.912 -3.641  0.668   1.00 50.57  ? 100 THR   A O   1 
ATOM   768  C  CB  . THR   A 1 100 ? -18.743 -0.391  0.851   1.00 63.66  ? 100 THR   A CB  1 
ATOM   769  O  OG1 . THR   A 1 100 ? -19.671 -0.800  1.863   1.00 88.68  ? 100 THR   A OG1 1 
ATOM   770  C  CG2 . THR   A 1 100 ? -19.161 0.964   0.299   1.00 59.68  ? 100 THR   A CG2 1 
ATOM   771  N  N   . PRO   A 1 101 ? -16.830 -2.920  0.242   1.00 55.08  ? 101 PRO   A N   1 
ATOM   772  C  CA  . PRO   A 1 101 ? -16.237 -4.167  0.737   1.00 52.29  ? 101 PRO   A CA  1 
ATOM   773  C  C   . PRO   A 1 101 ? -16.601 -4.421  2.190   1.00 53.69  ? 101 PRO   A C   1 
ATOM   774  O  O   . PRO   A 1 101 ? -16.885 -3.498  2.958   1.00 61.79  ? 101 PRO   A O   1 
ATOM   775  C  CB  . PRO   A 1 101 ? -14.726 -3.945  0.578   1.00 50.18  ? 101 PRO   A CB  1 
ATOM   776  C  CG  . PRO   A 1 101 ? -14.539 -2.555  0.098   1.00 52.54  ? 101 PRO   A CG  1 
ATOM   777  C  CD  . PRO   A 1 101 ? -15.843 -2.019  -0.372  1.00 53.38  ? 101 PRO   A CD  1 
ATOM   778  N  N   . VAL   A 1 102 ? -16.590 -5.696  2.561   1.00 54.02  ? 102 VAL   A N   1 
ATOM   779  C  CA  . VAL   A 1 102 ? -16.920 -6.108  3.919   1.00 64.28  ? 102 VAL   A CA  1 
ATOM   780  C  C   . VAL   A 1 102 ? -15.699 -5.931  4.811   1.00 58.59  ? 102 VAL   A C   1 
ATOM   781  O  O   . VAL   A 1 102 ? -15.691 -5.085  5.713   1.00 71.71  ? 102 VAL   A O   1 
ATOM   782  C  CB  . VAL   A 1 102 ? -17.424 -7.562  3.945   1.00 68.16  ? 102 VAL   A CB  1 
ATOM   783  C  CG1 . VAL   A 1 102 ? -18.934 -7.592  4.113   1.00 63.10  ? 102 VAL   A CG1 1 
ATOM   784  C  CG2 . VAL   A 1 102 ? -17.013 -8.286  2.669   1.00 59.49  ? 102 VAL   A CG2 1 
ATOM   785  N  N   . LYS   A 1 103 ? -14.658 -6.715  4.558   1.00 48.32  ? 103 LYS   A N   1 
ATOM   786  C  CA  . LYS   A 1 103 ? -13.479 -6.708  5.409   1.00 51.05  ? 103 LYS   A CA  1 
ATOM   787  C  C   . LYS   A 1 103 ? -12.577 -5.516  5.099   1.00 49.27  ? 103 LYS   A C   1 
ATOM   788  O  O   . LYS   A 1 103 ? -12.550 -5.002  3.977   1.00 47.46  ? 103 LYS   A O   1 
ATOM   789  C  CB  . LYS   A 1 103 ? -12.699 -8.011  5.243   1.00 52.18  ? 103 LYS   A CB  1 
ATOM   790  C  CG  . LYS   A 1 103 ? -12.551 -8.468  3.805   1.00 56.03  ? 103 LYS   A CG  1 
ATOM   791  C  CD  . LYS   A 1 103 ? -11.486 -9.541  3.699   1.00 61.03  ? 103 LYS   A CD  1 
ATOM   792  C  CE  . LYS   A 1 103 ? -10.238 -9.003  3.044   1.00 65.71  ? 103 LYS   A CE  1 
ATOM   793  N  NZ  . LYS   A 1 103 ? -10.419 -8.908  1.578   1.00 51.67  ? 103 LYS   A NZ  1 
ATOM   794  N  N   . ASN   A 1 104 ? -11.837 -5.084  6.124   1.00 44.49  ? 104 ASN   A N   1 
ATOM   795  C  CA  . ASN   A 1 104 ? -10.890 -3.971  6.030   1.00 45.55  ? 104 ASN   A CA  1 
ATOM   796  C  C   . ASN   A 1 104 ? -11.565 -2.680  5.576   1.00 46.10  ? 104 ASN   A C   1 
ATOM   797  O  O   . ASN   A 1 104 ? -10.933 -1.826  4.952   1.00 46.93  ? 104 ASN   A O   1 
ATOM   798  C  CB  . ASN   A 1 104 ? -9.719  -4.313  5.102   1.00 41.57  ? 104 ASN   A CB  1 
ATOM   799  C  CG  . ASN   A 1 104 ? -9.048  -5.616  5.474   1.00 45.72  ? 104 ASN   A CG  1 
ATOM   800  O  OD1 . ASN   A 1 104 ? -8.965  -5.966  6.648   1.00 50.94  ? 104 ASN   A OD1 1 
ATOM   801  N  ND2 . ASN   A 1 104 ? -8.569  -6.344  4.473   1.00 35.42  ? 104 ASN   A ND2 1 
ATOM   802  N  N   . VAL   A 1 105 ? -12.850 -2.515  5.896   1.00 42.82  ? 105 VAL   A N   1 
ATOM   803  C  CA  . VAL   A 1 105 ? -13.576 -1.356  5.391   1.00 43.56  ? 105 VAL   A CA  1 
ATOM   804  C  C   . VAL   A 1 105 ? -13.093 -0.072  6.061   1.00 47.22  ? 105 VAL   A C   1 
ATOM   805  O  O   . VAL   A 1 105 ? -13.057 0.989   5.425   1.00 52.13  ? 105 VAL   A O   1 
ATOM   806  C  CB  . VAL   A 1 105 ? -15.095 -1.566  5.556   1.00 43.69  ? 105 VAL   A CB  1 
ATOM   807  C  CG1 . VAL   A 1 105 ? -15.495 -1.580  7.030   1.00 44.49  ? 105 VAL   A CG1 1 
ATOM   808  C  CG2 . VAL   A 1 105 ? -15.867 -0.504  4.787   1.00 52.58  ? 105 VAL   A CG2 1 
ATOM   809  N  N   . ASP   A 1 106 ? -12.694 -0.141  7.335   1.00 44.56  ? 106 ASP   A N   1 
ATOM   810  C  CA  . ASP   A 1 106 ? -12.204 1.053   8.017   1.00 48.77  ? 106 ASP   A CA  1 
ATOM   811  C  C   . ASP   A 1 106 ? -10.841 1.471   7.481   1.00 48.43  ? 106 ASP   A C   1 
ATOM   812  O  O   . ASP   A 1 106 ? -10.559 2.668   7.347   1.00 43.49  ? 106 ASP   A O   1 
ATOM   813  C  CB  . ASP   A 1 106 ? -12.129 0.805   9.524   1.00 48.99  ? 106 ASP   A CB  1 
ATOM   814  C  CG  . ASP   A 1 106 ? -13.497 0.714   10.172  1.00 54.74  ? 106 ASP   A CG  1 
ATOM   815  O  OD1 . ASP   A 1 106 ? -14.510 0.755   9.442   1.00 55.35  ? 106 ASP   A OD1 1 
ATOM   816  O  OD2 . ASP   A 1 106 ? -13.560 0.597   11.414  1.00 54.01  ? 106 ASP   A OD2 1 
ATOM   817  N  N   . LEU   A 1 107 ? -9.987  0.496   7.165   1.00 44.71  ? 107 LEU   A N   1 
ATOM   818  C  CA  . LEU   A 1 107 ? -8.638  0.803   6.706   1.00 40.09  ? 107 LEU   A CA  1 
ATOM   819  C  C   . LEU   A 1 107 ? -8.655  1.393   5.302   1.00 42.55  ? 107 LEU   A C   1 
ATOM   820  O  O   . LEU   A 1 107 ? -7.970  2.385   5.026   1.00 36.14  ? 107 LEU   A O   1 
ATOM   821  C  CB  . LEU   A 1 107 ? -7.777  -0.460  6.755   1.00 41.00  ? 107 LEU   A CB  1 
ATOM   822  C  CG  . LEU   A 1 107 ? -6.276  -0.287  6.537   1.00 42.51  ? 107 LEU   A CG  1 
ATOM   823  C  CD1 . LEU   A 1 107 ? -5.773  0.909   7.318   1.00 46.28  ? 107 LEU   A CD1 1 
ATOM   824  C  CD2 . LEU   A 1 107 ? -5.536  -1.549  6.954   1.00 39.88  ? 107 LEU   A CD2 1 
ATOM   825  N  N   . VAL   A 1 108 ? -9.428  0.789   4.396   1.00 37.35  ? 108 VAL   A N   1 
ATOM   826  C  CA  . VAL   A 1 108 ? -9.517  1.315   3.037   1.00 38.64  ? 108 VAL   A CA  1 
ATOM   827  C  C   . VAL   A 1 108 ? -10.131 2.706   3.046   1.00 42.06  ? 108 VAL   A C   1 
ATOM   828  O  O   . VAL   A 1 108 ? -9.749  3.568   2.245   1.00 37.12  ? 108 VAL   A O   1 
ATOM   829  C  CB  . VAL   A 1 108 ? -10.316 0.348   2.140   1.00 38.13  ? 108 VAL   A CB  1 
ATOM   830  C  CG1 . VAL   A 1 108 ? -10.382 0.871   0.712   1.00 37.52  ? 108 VAL   A CG1 1 
ATOM   831  C  CG2 . VAL   A 1 108 ? -9.687  -1.031  2.170   1.00 36.73  ? 108 VAL   A CG2 1 
ATOM   832  N  N   . ASN   A 1 109 ? -11.076 2.952   3.956   1.00 43.78  ? 109 ASN   A N   1 
ATOM   833  C  CA  . ASN   A 1 109 ? -11.671 4.277   4.087   1.00 44.40  ? 109 ASN   A CA  1 
ATOM   834  C  C   . ASN   A 1 109 ? -10.615 5.321   4.426   1.00 45.48  ? 109 ASN   A C   1 
ATOM   835  O  O   . ASN   A 1 109 ? -10.557 6.389   3.807   1.00 44.41  ? 109 ASN   A O   1 
ATOM   836  C  CB  . ASN   A 1 109 ? -12.762 4.253   5.155   1.00 57.02  ? 109 ASN   A CB  1 
ATOM   837  C  CG  . ASN   A 1 109 ? -14.121 4.613   4.604   1.00 65.90  ? 109 ASN   A CG  1 
ATOM   838  O  OD1 . ASN   A 1 109 ? -14.228 5.313   3.597   1.00 59.77  ? 109 ASN   A OD1 1 
ATOM   839  N  ND2 . ASN   A 1 109 ? -15.171 4.134   5.259   1.00 60.03  ? 109 ASN   A ND2 1 
ATOM   840  N  N   . GLN   A 1 110 ? -9.756  4.997   5.391   1.00 44.65  ? 110 GLN   A N   1 
ATOM   841  C  CA  . GLN   A 1 110 ? -8.695  5.945   5.816   1.00 45.23  ? 110 GLN   A CA  1 
ATOM   842  C  C   . GLN   A 1 110 ? -7.693  6.132   4.678   1.00 41.84  ? 110 GLN   A C   1 
ATOM   843  O  O   . GLN   A 1 110 ? -7.128  7.216   4.570   1.00 40.93  ? 110 GLN   A O   1 
ATOM   844  C  CB  . GLN   A 1 110 ? -8.006  5.434   7.081   1.00 45.88  ? 110 GLN   A CB  1 
ATOM   845  C  CG  . GLN   A 1 110 ? -8.920  5.371   8.291   1.00 53.15  ? 110 GLN   A CG  1 
ATOM   846  C  CD  . GLN   A 1 110 ? -9.107  6.730   8.914   1.00 64.70  ? 110 GLN   A CD  1 
ATOM   847  O  OE1 . GLN   A 1 110 ? -8.212  7.263   9.564   1.00 82.16  ? 110 GLN   A OE1 1 
ATOM   848  N  NE2 . GLN   A 1 110 ? -10.280 7.306   8.716   1.00 71.01  ? 110 GLN   A NE2 1 
ATOM   849  N  N   . ILE   A 1 111 ? -7.500  5.103   3.858   1.00 38.04  ? 111 ILE   A N   1 
ATOM   850  C  CA  . ILE   A 1 111 ? -6.580  5.219   2.732   1.00 36.28  ? 111 ILE   A CA  1 
ATOM   851  C  C   . ILE   A 1 111 ? -7.150  6.161   1.680   1.00 37.37  ? 111 ILE   A C   1 
ATOM   852  O  O   . ILE   A 1 111 ? -6.454  7.051   1.176   1.00 41.23  ? 111 ILE   A O   1 
ATOM   853  C  CB  . ILE   A 1 111 ? -6.272  3.828   2.142   1.00 36.05  ? 111 ILE   A CB  1 
ATOM   854  C  CG1 . ILE   A 1 111 ? -5.372  3.040   3.093   1.00 33.15  ? 111 ILE   A CG1 1 
ATOM   855  C  CG2 . ILE   A 1 111 ? -5.616  3.949   0.774   1.00 35.77  ? 111 ILE   A CG2 1 
ATOM   856  C  CD1 . ILE   A 1 111 ? -5.123  1.622   2.660   1.00 32.26  ? 111 ILE   A CD1 1 
ATOM   857  N  N   . ILE   A 1 112 ? -8.433  5.987   1.341   1.00 32.04  ? 112 ILE   A N   1 
ATOM   858  C  CA  . ILE   A 1 112 ? -9.079  6.867   0.371   1.00 39.48  ? 112 ILE   A CA  1 
ATOM   859  C  C   . ILE   A 1 112 ? -9.079  8.305   0.877   1.00 41.32  ? 112 ILE   A C   1 
ATOM   860  O  O   . ILE   A 1 112 ? -8.947  9.250   0.090   1.00 43.50  ? 112 ILE   A O   1 
ATOM   861  C  CB  . ILE   A 1 112 ? -10.506 6.361   0.063   1.00 40.20  ? 112 ILE   A CB  1 
ATOM   862  C  CG1 . ILE   A 1 112 ? -10.466 5.137   -0.857  1.00 45.44  ? 112 ILE   A CG1 1 
ATOM   863  C  CG2 . ILE   A 1 112 ? -11.347 7.448   -0.591  1.00 43.29  ? 112 ILE   A CG2 1 
ATOM   864  C  CD1 . ILE   A 1 112 ? -9.416  5.208   -1.949  1.00 59.25  ? 112 ILE   A CD1 1 
ATOM   865  N  N   . GLU   A 1 113 ? -9.201  8.489   2.195   1.00 42.57  ? 113 GLU   A N   1 
ATOM   866  C  CA  . GLU   A 1 113 ? -9.090  9.816   2.799   1.00 44.57  ? 113 GLU   A CA  1 
ATOM   867  C  C   . GLU   A 1 113 ? -7.791  10.499  2.395   1.00 44.56  ? 113 GLU   A C   1 
ATOM   868  O  O   . GLU   A 1 113 ? -7.793  11.641  1.921   1.00 46.16  ? 113 GLU   A O   1 
ATOM   869  C  CB  . GLU   A 1 113 ? -9.166  9.698   4.323   1.00 51.55  ? 113 GLU   A CB  1 
ATOM   870  C  CG  . GLU   A 1 113 ? -10.540 9.910   4.932   1.00 69.19  ? 113 GLU   A CG  1 
ATOM   871  C  CD  . GLU   A 1 113 ? -10.475 10.081  6.441   1.00 64.57  ? 113 GLU   A CD  1 
ATOM   872  O  OE1 . GLU   A 1 113 ? -9.564  10.788  6.921   1.00 65.18  ? 113 GLU   A OE1 1 
ATOM   873  O  OE2 . GLU   A 1 113 ? -11.323 9.500   7.149   1.00 77.62  ? 113 GLU   A OE2 1 
ATOM   874  N  N   . GLN   A 1 114 ? -6.664  9.809   2.591   1.00 42.59  ? 114 GLN   A N   1 
ATOM   875  C  CA  . GLN   A 1 114 ? -5.365  10.381  2.253   1.00 44.66  ? 114 GLN   A CA  1 
ATOM   876  C  C   . GLN   A 1 114 ? -5.213  10.558  0.749   1.00 44.70  ? 114 GLN   A C   1 
ATOM   877  O  O   . GLN   A 1 114 ? -4.608  11.535  0.291   1.00 42.01  ? 114 GLN   A O   1 
ATOM   878  C  CB  . GLN   A 1 114 ? -4.247  9.491   2.797   1.00 42.94  ? 114 GLN   A CB  1 
ATOM   879  C  CG  . GLN   A 1 114 ? -4.222  9.362   4.312   1.00 50.97  ? 114 GLN   A CG  1 
ATOM   880  C  CD  . GLN   A 1 114 ? -4.161  10.704  5.016   1.00 71.23  ? 114 GLN   A CD  1 
ATOM   881  O  OE1 . GLN   A 1 114 ? -3.467  11.620  4.573   1.00 64.26  ? 114 GLN   A OE1 1 
ATOM   882  N  NE2 . GLN   A 1 114 ? -4.889  10.827  6.122   1.00 58.43  ? 114 GLN   A NE2 1 
ATOM   883  N  N   . LEU   A 1 115 ? -5.764  9.626   -0.031  1.00 41.18  ? 115 LEU   A N   1 
ATOM   884  C  CA  . LEU   A 1 115 ? -5.556  9.621   -1.474  1.00 38.18  ? 115 LEU   A CA  1 
ATOM   885  C  C   . LEU   A 1 115 ? -6.077  10.898  -2.123  1.00 44.36  ? 115 LEU   A C   1 
ATOM   886  O  O   . LEU   A 1 115 ? -5.397  11.497  -2.963  1.00 45.72  ? 115 LEU   A O   1 
ATOM   887  C  CB  . LEU   A 1 115 ? -6.230  8.395   -2.087  1.00 45.62  ? 115 LEU   A CB  1 
ATOM   888  C  CG  . LEU   A 1 115 ? -5.325  7.251   -2.534  1.00 45.94  ? 115 LEU   A CG  1 
ATOM   889  C  CD1 . LEU   A 1 115 ? -6.133  6.209   -3.274  1.00 47.08  ? 115 LEU   A CD1 1 
ATOM   890  C  CD2 . LEU   A 1 115 ? -4.205  7.775   -3.404  1.00 42.68  ? 115 LEU   A CD2 1 
ATOM   891  N  N   . ILE   A 1 116 ? -7.278  11.335  -1.745  1.00 45.96  ? 116 ILE   A N   1 
ATOM   892  C  CA  . ILE   A 1 116 ? -7.917  12.464  -2.411  1.00 51.05  ? 116 ILE   A CA  1 
ATOM   893  C  C   . ILE   A 1 116 ? -7.276  13.783  -2.008  1.00 48.48  ? 116 ILE   A C   1 
ATOM   894  O  O   . ILE   A 1 116 ? -7.694  14.844  -2.481  1.00 47.75  ? 116 ILE   A O   1 
ATOM   895  C  CB  . ILE   A 1 116 ? -9.430  12.496  -2.126  1.00 50.12  ? 116 ILE   A CB  1 
ATOM   896  C  CG1 . ILE   A 1 116 ? -9.696  12.928  -0.687  1.00 46.01  ? 116 ILE   A CG1 1 
ATOM   897  C  CG2 . ILE   A 1 116 ? -10.052 11.125  -2.390  1.00 49.45  ? 116 ILE   A CG2 1 
ATOM   898  C  CD1 . ILE   A 1 116 ? -10.870 13.860  -0.548  1.00 48.44  ? 116 ILE   A CD1 1 
ATOM   899  N  N   . LYS   A 1 117 ? -6.254  13.732  -1.154  1.00 49.67  ? 117 LYS   A N   1 
ATOM   900  C  CA  . LYS   A 1 117 ? -5.524  14.917  -0.727  1.00 51.87  ? 117 LYS   A CA  1 
ATOM   901  C  C   . LYS   A 1 117 ? -4.226  15.121  -1.498  1.00 51.61  ? 117 LYS   A C   1 
ATOM   902  O  O   . LYS   A 1 117 ? -3.385  15.910  -1.062  1.00 50.46  ? 117 LYS   A O   1 
ATOM   903  C  CB  . LYS   A 1 117 ? -5.220  14.832  0.771   1.00 51.80  ? 117 LYS   A CB  1 
ATOM   904  C  CG  . LYS   A 1 117 ? -6.429  15.032  1.672   1.00 57.06  ? 117 LYS   A CG  1 
ATOM   905  C  CD  . LYS   A 1 117 ? -6.136  14.587  3.097   1.00 55.63  ? 117 LYS   A CD  1 
ATOM   906  C  CE  . LYS   A 1 117 ? -5.038  15.436  3.726   1.00 69.77  ? 117 LYS   A CE  1 
ATOM   907  N  NZ  . LYS   A 1 117 ? -4.261  14.677  4.744   1.00 73.36  ? 117 LYS   A NZ  1 
ATOM   908  N  N   . LYS   A 1 118 ? -4.049  14.449  -2.634  1.00 49.35  ? 118 LYS   A N   1 
ATOM   909  C  CA  . LYS   A 1 118 ? -2.789  14.460  -3.362  1.00 45.89  ? 118 LYS   A CA  1 
ATOM   910  C  C   . LYS   A 1 118 ? -2.939  15.126  -4.726  1.00 46.22  ? 118 LYS   A C   1 
ATOM   911  O  O   . LYS   A 1 118 ? -4.032  15.160  -5.299  1.00 50.28  ? 118 LYS   A O   1 
ATOM   912  C  CB  . LYS   A 1 118 ? -2.261  13.032  -3.544  1.00 44.71  ? 118 LYS   A CB  1 
ATOM   913  C  CG  . LYS   A 1 118 ? -2.100  12.254  -2.247  1.00 39.11  ? 118 LYS   A CG  1 
ATOM   914  C  CD  . LYS   A 1 118 ? -0.924  12.782  -1.442  1.00 39.46  ? 118 LYS   A CD  1 
ATOM   915  C  CE  . LYS   A 1 118 ? -0.413  11.756  -0.441  1.00 36.91  ? 118 LYS   A CE  1 
ATOM   916  N  NZ  . LYS   A 1 118 ? 0.811   12.237  0.266   1.00 29.61  ? 118 LYS   A NZ  1 
ATOM   917  N  N   . GLU   A 1 119 ? -1.843  15.607  -5.270  1.00 45.14  ? 119 GLU   A N   1 
ATOM   918  C  CA  . GLU   A 1 119 ? -1.892  16.124  -6.655  1.00 46.66  ? 119 GLU   A CA  1 
ATOM   919  C  C   . GLU   A 1 119 ? -2.034  14.875  -7.536  1.00 52.07  ? 119 GLU   A C   1 
ATOM   920  O  O   . GLU   A 1 119 ? -3.090  14.710  -8.153  1.00 45.22  ? 119 GLU   A O   1 
ATOM   921  C  CB  . GLU   A 1 119 ? -0.616  16.925  -6.938  1.00 45.35  ? 119 GLU   A CB  1 
ATOM   922  C  CG  . GLU   A 1 119 ? -0.709  18.015  -7.988  1.00 43.40  ? 119 GLU   A CG  1 
ATOM   923  C  CD  . GLU   A 1 119 ? 0.575   18.325  -8.748  1.00 51.94  ? 119 GLU   A CD  1 
ATOM   924  O  OE1 . GLU   A 1 119 ? 1.652   18.531  -8.121  1.00 19.13  ? 119 GLU   A OE1 1 
ATOM   925  O  OE2 . GLU   A 1 119 ? 0.496   18.373  -9.988  1.00 70.62  ? 119 GLU   A OE2 1 
ATOM   926  N  N   . LYS   A 1 120 ? -0.992  14.038  -7.585  1.00 43.60  ? 120 LYS   A N   1 
ATOM   927  C  CA  . LYS   A 1 120 ? -1.071  12.856  -8.426  1.00 44.01  ? 120 LYS   A CA  1 
ATOM   928  C  C   . LYS   A 1 120 ? -0.592  11.647  -7.635  1.00 39.30  ? 120 LYS   A C   1 
ATOM   929  O  O   . LYS   A 1 120 ? 0.295   11.757  -6.784  1.00 37.62  ? 120 LYS   A O   1 
ATOM   930  C  CB  . LYS   A 1 120 ? -0.220  13.004  -9.698  1.00 43.84  ? 120 LYS   A CB  1 
ATOM   931  C  CG  . LYS   A 1 120 ? -0.291  14.369  -10.362 1.00 47.13  ? 120 LYS   A CG  1 
ATOM   932  C  CD  . LYS   A 1 120 ? 0.964   14.653  -11.173 1.00 43.77  ? 120 LYS   A CD  1 
ATOM   933  C  CE  . LYS   A 1 120 ? 0.664   15.591  -12.329 1.00 48.86  ? 120 LYS   A CE  1 
ATOM   934  N  NZ  . LYS   A 1 120 ? -0.668  15.308  -12.938 1.00 67.85  ? 120 LYS   A NZ  1 
ATOM   935  N  N   . VAL   A 1 121 ? -1.173  10.485  -7.927  1.00 41.43  ? 121 VAL   A N   1 
ATOM   936  C  CA  . VAL   A 1 121 ? -0.774  9.237   -7.282  1.00 33.21  ? 121 VAL   A CA  1 
ATOM   937  C  C   . VAL   A 1 121 ? -0.694  8.138   -8.330  1.00 38.86  ? 121 VAL   A C   1 
ATOM   938  O  O   . VAL   A 1 121 ? -1.652  7.906   -9.074  1.00 36.03  ? 121 VAL   A O   1 
ATOM   939  C  CB  . VAL   A 1 121 ? -1.741  8.826   -6.155  1.00 38.90  ? 121 VAL   A CB  1 
ATOM   940  C  CG1 . VAL   A 1 121 ? -1.476  7.385   -5.741  1.00 45.54  ? 121 VAL   A CG1 1 
ATOM   941  C  CG2 . VAL   A 1 121 ? -1.589  9.755   -4.962  1.00 42.89  ? 121 VAL   A CG2 1 
ATOM   942  N  N   . TYR   A 1 122 ? 0.445   7.459   -8.380  1.00 32.57  ? 122 TYR   A N   1 
ATOM   943  C  CA  . TYR   A 1 122 ? 0.637   6.289   -9.227  1.00 33.62  ? 122 TYR   A CA  1 
ATOM   944  C  C   . TYR   A 1 122 ? 0.826   5.075   -8.328  1.00 36.02  ? 122 TYR   A C   1 
ATOM   945  O  O   . TYR   A 1 122 ? 1.748   5.043   -7.505  1.00 32.93  ? 122 TYR   A O   1 
ATOM   946  C  CB  . TYR   A 1 122 ? 1.836   6.471   -10.154 1.00 32.69  ? 122 TYR   A CB  1 
ATOM   947  C  CG  . TYR   A 1 122 ? 2.252   5.215   -10.881 1.00 34.92  ? 122 TYR   A CG  1 
ATOM   948  C  CD1 . TYR   A 1 122 ? 1.538   4.753   -11.977 1.00 33.23  ? 122 TYR   A CD1 1 
ATOM   949  C  CD2 . TYR   A 1 122 ? 3.363   4.489   -10.469 1.00 35.81  ? 122 TYR   A CD2 1 
ATOM   950  C  CE1 . TYR   A 1 122 ? 1.919   3.606   -12.647 1.00 35.82  ? 122 TYR   A CE1 1 
ATOM   951  C  CE2 . TYR   A 1 122 ? 3.751   3.342   -11.130 1.00 37.37  ? 122 TYR   A CE2 1 
ATOM   952  C  CZ  . TYR   A 1 122 ? 3.026   2.905   -12.219 1.00 37.58  ? 122 TYR   A CZ  1 
ATOM   953  O  OH  . TYR   A 1 122 ? 3.413   1.763   -12.878 1.00 40.80  ? 122 TYR   A OH  1 
ATOM   954  N  N   . LEU   A 1 123 ? -0.047  4.084   -8.485  1.00 35.93  ? 123 LEU   A N   1 
ATOM   955  C  CA  . LEU   A 1 123 ? -0.035  2.872   -7.675  1.00 33.52  ? 123 LEU   A CA  1 
ATOM   956  C  C   . LEU   A 1 123 ? 0.075   1.684   -8.617  1.00 35.54  ? 123 LEU   A C   1 
ATOM   957  O  O   . LEU   A 1 123 ? -0.781  1.499   -9.487  1.00 39.10  ? 123 LEU   A O   1 
ATOM   958  C  CB  . LEU   A 1 123 ? -1.297  2.786   -6.812  1.00 40.45  ? 123 LEU   A CB  1 
ATOM   959  C  CG  . LEU   A 1 123 ? -1.502  1.582   -5.892  1.00 46.13  ? 123 LEU   A CG  1 
ATOM   960  C  CD1 . LEU   A 1 123 ? -0.351  1.421   -4.917  1.00 37.81  ? 123 LEU   A CD1 1 
ATOM   961  C  CD2 . LEU   A 1 123 ? -2.826  1.717   -5.151  1.00 34.48  ? 123 LEU   A CD2 1 
ATOM   962  N  N   . ALA   A 1 124 ? 1.134   0.892   -8.458  1.00 32.53  ? 124 ALA   A N   1 
ATOM   963  C  CA  . ALA   A 1 124 ? 1.437   -0.189  -9.382  1.00 38.74  ? 124 ALA   A CA  1 
ATOM   964  C  C   . ALA   A 1 124 ? 1.710   -1.478  -8.625  1.00 37.80  ? 124 ALA   A C   1 
ATOM   965  O  O   . ALA   A 1 124 ? 2.248   -1.466  -7.514  1.00 38.20  ? 124 ALA   A O   1 
ATOM   966  C  CB  . ALA   A 1 124 ? 2.646   0.142   -10.257 1.00 35.67  ? 124 ALA   A CB  1 
ATOM   967  N  N   . TRP   A 1 125 ? 1.348   -2.594  -9.252  1.00 39.20  ? 125 TRP   A N   1 
ATOM   968  C  CA  . TRP   A 1 125 ? 1.590   -3.917  -8.701  1.00 34.26  ? 125 TRP   A CA  1 
ATOM   969  C  C   . TRP   A 1 125 ? 2.793   -4.556  -9.376  1.00 33.87  ? 125 TRP   A C   1 
ATOM   970  O  O   . TRP   A 1 125 ? 2.963   -4.455  -10.594 1.00 34.61  ? 125 TRP   A O   1 
ATOM   971  C  CB  . TRP   A 1 125 ? 0.374   -4.831  -8.876  1.00 33.43  ? 125 TRP   A CB  1 
ATOM   972  C  CG  . TRP   A 1 125 ? 0.656   -6.253  -8.480  1.00 34.37  ? 125 TRP   A CG  1 
ATOM   973  C  CD1 . TRP   A 1 125 ? 0.692   -6.758  -7.213  1.00 36.10  ? 125 TRP   A CD1 1 
ATOM   974  C  CD2 . TRP   A 1 125 ? 0.961   -7.346  -9.356  1.00 35.34  ? 125 TRP   A CD2 1 
ATOM   975  N  NE1 . TRP   A 1 125 ? 0.992   -8.100  -7.244  1.00 40.13  ? 125 TRP   A NE1 1 
ATOM   976  C  CE2 . TRP   A 1 125 ? 1.161   -8.486  -8.549  1.00 41.52  ? 125 TRP   A CE2 1 
ATOM   977  C  CE3 . TRP   A 1 125 ? 1.082   -7.475  -10.743 1.00 37.12  ? 125 TRP   A CE3 1 
ATOM   978  C  CZ2 . TRP   A 1 125 ? 1.473   -9.735  -9.082  1.00 42.95  ? 125 TRP   A CZ2 1 
ATOM   979  C  CZ3 . TRP   A 1 125 ? 1.390   -8.716  -11.270 1.00 45.94  ? 125 TRP   A CZ3 1 
ATOM   980  C  CH2 . TRP   A 1 125 ? 1.582   -9.829  -10.441 1.00 44.29  ? 125 TRP   A CH2 1 
ATOM   981  N  N   . VAL   A 1 126 ? 3.622   -5.216  -8.578  1.00 30.06  ? 126 VAL   A N   1 
ATOM   982  C  CA  . VAL   A 1 126 ? 4.715   -6.033  -9.095  1.00 33.98  ? 126 VAL   A CA  1 
ATOM   983  C  C   . VAL   A 1 126 ? 4.635   -7.381  -8.394  1.00 39.53  ? 126 VAL   A C   1 
ATOM   984  O  O   . VAL   A 1 126 ? 4.265   -7.435  -7.218  1.00 36.97  ? 126 VAL   A O   1 
ATOM   985  C  CB  . VAL   A 1 126 ? 6.079   -5.368  -8.860  1.00 36.07  ? 126 VAL   A CB  1 
ATOM   986  C  CG1 . VAL   A 1 126 ? 6.197   -4.133  -9.705  1.00 39.34  ? 126 VAL   A CG1 1 
ATOM   987  C  CG2 . VAL   A 1 126 ? 6.269   -5.036  -7.385  1.00 36.45  ? 126 VAL   A CG2 1 
ATOM   988  N  N   . PRO   A 1 127 ? 4.964   -8.488  -9.047  1.00 38.40  ? 127 PRO   A N   1 
ATOM   989  C  CA  . PRO   A 1 127 ? 5.007   -9.749  -8.313  1.00 39.61  ? 127 PRO   A CA  1 
ATOM   990  C  C   . PRO   A 1 127 ? 6.162   -9.736  -7.336  1.00 36.53  ? 127 PRO   A C   1 
ATOM   991  O  O   . PRO   A 1 127 ? 7.204   -9.130  -7.587  1.00 35.83  ? 127 PRO   A O   1 
ATOM   992  C  CB  . PRO   A 1 127 ? 5.190   -10.802 -9.416  1.00 39.08  ? 127 PRO   A CB  1 
ATOM   993  C  CG  . PRO   A 1 127 ? 5.645   -10.028 -10.651 1.00 48.03  ? 127 PRO   A CG  1 
ATOM   994  C  CD  . PRO   A 1 127 ? 5.762   -8.576  -10.284 1.00 41.84  ? 127 PRO   A CD  1 
ATOM   995  N  N   . ALA   A 1 128 ? 5.947   -10.362 -6.185  1.00 37.46  ? 128 ALA   A N   1 
ATOM   996  C  CA  . ALA   A 1 128 ? 7.046   -10.585 -5.261  1.00 39.32  ? 128 ALA   A CA  1 
ATOM   997  C  C   . ALA   A 1 128 ? 8.177   -11.301 -5.984  1.00 37.30  ? 128 ALA   A C   1 
ATOM   998  O  O   . ALA   A 1 128 ? 7.944   -12.243 -6.745  1.00 36.74  ? 128 ALA   A O   1 
ATOM   999  C  CB  . ALA   A 1 128 ? 6.572   -11.417 -4.077  1.00 40.64  ? 128 ALA   A CB  1 
ATOM   1000 N  N   . HIS   A 1 129 ? 9.401   -10.838 -5.760  1.00 33.35  ? 129 HIS   A N   1 
ATOM   1001 C  CA  . HIS   A 1 129 ? 10.546  -11.386 -6.473  1.00 35.75  ? 129 HIS   A CA  1 
ATOM   1002 C  C   . HIS   A 1 129 ? 11.790  -11.242 -5.609  1.00 41.08  ? 129 HIS   A C   1 
ATOM   1003 O  O   . HIS   A 1 129 ? 11.794  -10.529 -4.602  1.00 43.42  ? 129 HIS   A O   1 
ATOM   1004 C  CB  . HIS   A 1 129 ? 10.733  -10.697 -7.829  1.00 42.25  ? 129 HIS   A CB  1 
ATOM   1005 C  CG  . HIS   A 1 129 ? 10.676  -9.203  -7.758  1.00 33.67  ? 129 HIS   A CG  1 
ATOM   1006 N  ND1 . HIS   A 1 129 ? 9.488   -8.505  -7.680  1.00 32.54  ? 129 HIS   A ND1 1 
ATOM   1007 C  CD2 . HIS   A 1 129 ? 11.658  -8.271  -7.760  1.00 41.39  ? 129 HIS   A CD2 1 
ATOM   1008 C  CE1 . HIS   A 1 129 ? 9.742   -7.210  -7.632  1.00 37.51  ? 129 HIS   A CE1 1 
ATOM   1009 N  NE2 . HIS   A 1 129 ? 11.051  -7.040  -7.682  1.00 31.99  ? 129 HIS   A NE2 1 
ATOM   1010 N  N   . LYS   A 1 130 ? 12.849  -11.932 -6.018  1.00 45.03  ? 130 LYS   A N   1 
ATOM   1011 C  CA  . LYS   A 1 130 ? 14.130  -11.895 -5.332  1.00 49.18  ? 130 LYS   A CA  1 
ATOM   1012 C  C   . LYS   A 1 130 ? 15.078  -10.939 -6.049  1.00 52.91  ? 130 LYS   A C   1 
ATOM   1013 O  O   . LYS   A 1 130 ? 14.985  -10.736 -7.262  1.00 55.17  ? 130 LYS   A O   1 
ATOM   1014 C  CB  . LYS   A 1 130 ? 14.741  -13.299 -5.248  1.00 56.66  ? 130 LYS   A CB  1 
ATOM   1015 C  CG  . LYS   A 1 130 ? 16.204  -13.402 -5.667  1.00 60.71  ? 130 LYS   A CG  1 
ATOM   1016 C  CD  . LYS   A 1 130 ? 16.693  -14.843 -5.659  1.00 68.78  ? 130 LYS   A CD  1 
ATOM   1017 C  CE  . LYS   A 1 130 ? 18.196  -14.913 -5.890  1.00 82.97  ? 130 LYS   A CE  1 
ATOM   1018 N  NZ  . LYS   A 1 130 ? 18.681  -16.318 -6.003  1.00 72.99  ? 130 LYS   A NZ  1 
ATOM   1019 N  N   . GLY   A 1 131 ? 15.972  -10.340 -5.288  1.00 54.06  ? 131 GLY   A N   1 
ATOM   1020 C  CA  . GLY   A 1 131 ? 16.955  -9.448  -5.859  1.00 47.52  ? 131 GLY   A CA  1 
ATOM   1021 C  C   . GLY   A 1 131 ? 17.373  -8.403  -4.839  1.00 56.03  ? 131 GLY   A C   1 
ATOM   1022 O  O   . GLY   A 1 131 ? 17.350  -8.654  -3.636  1.00 61.54  ? 131 GLY   A O   1 
ATOM   1023 N  N   . ILE   A 1 132 ? 17.737  -7.230  -5.353  1.00 53.78  ? 132 ILE   A N   1 
ATOM   1024 C  CA  . ILE   A 1 132 ? 18.288  -6.168  -4.521  1.00 53.66  ? 132 ILE   A CA  1 
ATOM   1025 C  C   . ILE   A 1 132 ? 17.541  -4.861  -4.756  1.00 50.58  ? 132 ILE   A C   1 
ATOM   1026 O  O   . ILE   A 1 132 ? 18.032  -3.782  -4.409  1.00 55.65  ? 132 ILE   A O   1 
ATOM   1027 C  CB  . ILE   A 1 132 ? 19.800  -6.012  -4.771  1.00 58.69  ? 132 ILE   A CB  1 
ATOM   1028 C  CG1 . ILE   A 1 132 ? 20.151  -6.207  -6.254  1.00 58.71  ? 132 ILE   A CG1 1 
ATOM   1029 C  CG2 . ILE   A 1 132 ? 20.577  -7.003  -3.919  1.00 56.86  ? 132 ILE   A CG2 1 
ATOM   1030 C  CD1 . ILE   A 1 132 ? 19.557  -5.191  -7.220  1.00 71.85  ? 132 ILE   A CD1 1 
ATOM   1031 N  N   . GLY   A 1 133 ? 16.356  -4.951  -5.350  1.00 47.89  ? 133 GLY   A N   1 
ATOM   1032 C  CA  . GLY   A 1 133 ? 15.544  -3.785  -5.616  1.00 45.28  ? 133 GLY   A CA  1 
ATOM   1033 C  C   . GLY   A 1 133 ? 14.729  -3.352  -4.410  1.00 42.54  ? 133 GLY   A C   1 
ATOM   1034 O  O   . GLY   A 1 133 ? 14.899  -3.834  -3.288  1.00 37.12  ? 133 GLY   A O   1 
ATOM   1035 N  N   . GLY   A 1 134 ? 13.808  -2.420  -4.667  1.00 38.82  ? 134 GLY   A N   1 
ATOM   1036 C  CA  . GLY   A 1 134 ? 13.043  -1.828  -3.582  1.00 27.96  ? 134 GLY   A CA  1 
ATOM   1037 C  C   . GLY   A 1 134 ? 12.099  -2.809  -2.911  1.00 33.71  ? 134 GLY   A C   1 
ATOM   1038 O  O   . GLY   A 1 134 ? 12.045  -2.891  -1.681  1.00 35.26  ? 134 GLY   A O   1 
ATOM   1039 N  N   . ASN   A 1 135 ? 11.327  -3.556  -3.710  1.00 40.61  ? 135 ASN   A N   1 
ATOM   1040 C  CA  . ASN   A 1 135 ? 10.388  -4.526  -3.145  1.00 31.48  ? 135 ASN   A CA  1 
ATOM   1041 C  C   . ASN   A 1 135 ? 11.106  -5.588  -2.327  1.00 38.61  ? 135 ASN   A C   1 
ATOM   1042 O  O   . ASN   A 1 135 ? 10.559  -6.086  -1.337  1.00 36.75  ? 135 ASN   A O   1 
ATOM   1043 C  CB  . ASN   A 1 135 ? 9.571   -5.185  -4.260  1.00 38.03  ? 135 ASN   A CB  1 
ATOM   1044 C  CG  . ASN   A 1 135 ? 8.680   -6.311  -3.749  1.00 32.26  ? 135 ASN   A CG  1 
ATOM   1045 O  OD1 . ASN   A 1 135 ? 8.988   -7.490  -3.923  1.00 40.03  ? 135 ASN   A OD1 1 
ATOM   1046 N  ND2 . ASN   A 1 135 ? 7.569   -5.947  -3.119  1.00 34.29  ? 135 ASN   A ND2 1 
ATOM   1047 N  N   . GLU   A 1 136 ? 12.331  -5.941  -2.717  1.00 39.27  ? 136 GLU   A N   1 
ATOM   1048 C  CA  . GLU   A 1 136 ? 13.078  -6.963  -1.994  1.00 37.80  ? 136 GLU   A CA  1 
ATOM   1049 C  C   . GLU   A 1 136 ? 13.585  -6.437  -0.658  1.00 40.89  ? 136 GLU   A C   1 
ATOM   1050 O  O   . GLU   A 1 136 ? 13.592  -7.165  0.341   1.00 40.54  ? 136 GLU   A O   1 
ATOM   1051 C  CB  . GLU   A 1 136 ? 14.233  -7.463  -2.864  1.00 41.18  ? 136 GLU   A CB  1 
ATOM   1052 C  CG  . GLU   A 1 136 ? 13.781  -8.008  -4.218  1.00 47.24  ? 136 GLU   A CG  1 
ATOM   1053 C  CD  . GLU   A 1 136 ? 13.962  -7.008  -5.350  1.00 46.92  ? 136 GLU   A CD  1 
ATOM   1054 O  OE1 . GLU   A 1 136 ? 13.232  -5.994  -5.371  1.00 33.62  ? 136 GLU   A OE1 1 
ATOM   1055 O  OE2 . GLU   A 1 136 ? 14.818  -7.240  -6.228  1.00 44.43  ? 136 GLU   A OE2 1 
ATOM   1056 N  N   . GLN   A 1 137 ? 14.002  -5.168  -0.613  1.00 38.65  ? 137 GLN   A N   1 
ATOM   1057 C  CA  . GLN   A 1 137 ? 14.513  -4.600  0.631   1.00 40.69  ? 137 GLN   A CA  1 
ATOM   1058 C  C   . GLN   A 1 137 ? 13.403  -4.436  1.663   1.00 38.59  ? 137 GLN   A C   1 
ATOM   1059 O  O   . GLN   A 1 137 ? 13.571  -4.797  2.833   1.00 37.65  ? 137 GLN   A O   1 
ATOM   1060 C  CB  . GLN   A 1 137 ? 15.191  -3.258  0.357   1.00 43.03  ? 137 GLN   A CB  1 
ATOM   1061 C  CG  . GLN   A 1 137 ? 16.576  -3.369  -0.251  1.00 46.95  ? 137 GLN   A CG  1 
ATOM   1062 C  CD  . GLN   A 1 137 ? 17.187  -2.012  -0.531  1.00 61.60  ? 137 GLN   A CD  1 
ATOM   1063 O  OE1 . GLN   A 1 137 ? 17.335  -1.188  0.372   1.00 58.53  ? 137 GLN   A OE1 1 
ATOM   1064 N  NE2 . GLN   A 1 137 ? 17.539  -1.769  -1.787  1.00 49.87  ? 137 GLN   A NE2 1 
ATOM   1065 N  N   . VAL   A 1 138 ? 12.258  -3.888  1.249   1.00 37.18  ? 138 VAL   A N   1 
ATOM   1066 C  CA  . VAL   A 1 138 ? 11.158  -3.695  2.187   1.00 34.32  ? 138 VAL   A CA  1 
ATOM   1067 C  C   . VAL   A 1 138 ? 10.584  -5.037  2.628   1.00 38.83  ? 138 VAL   A C   1 
ATOM   1068 O  O   . VAL   A 1 138 ? 10.144  -5.182  3.777   1.00 35.92  ? 138 VAL   A O   1 
ATOM   1069 C  CB  . VAL   A 1 138 ? 10.085  -2.771  1.575   1.00 39.04  ? 138 VAL   A CB  1 
ATOM   1070 C  CG1 . VAL   A 1 138 ? 9.465   -3.397  0.321   1.00 33.08  ? 138 VAL   A CG1 1 
ATOM   1071 C  CG2 . VAL   A 1 138 ? 9.016   -2.431  2.607   1.00 32.89  ? 138 VAL   A CG2 1 
ATOM   1072 N  N   . ASP   A 1 139 ? 10.595  -6.042  1.749   1.00 37.55  ? 139 ASP   A N   1 
ATOM   1073 C  CA  . ASP   A 1 139 ? 10.141  -7.368  2.151   1.00 41.87  ? 139 ASP   A CA  1 
ATOM   1074 C  C   . ASP   A 1 139 ? 10.994  -7.924  3.282   1.00 40.46  ? 139 ASP   A C   1 
ATOM   1075 O  O   . ASP   A 1 139 ? 10.463  -8.464  4.260   1.00 37.71  ? 139 ASP   A O   1 
ATOM   1076 C  CB  . ASP   A 1 139 ? 10.150  -8.323  0.958   1.00 38.00  ? 139 ASP   A CB  1 
ATOM   1077 C  CG  . ASP   A 1 139 ? 9.998   -9.776  1.381   1.00 45.57  ? 139 ASP   A CG  1 
ATOM   1078 O  OD1 . ASP   A 1 139 ? 8.851   -10.247 1.519   1.00 48.40  ? 139 ASP   A OD1 1 
ATOM   1079 O  OD2 . ASP   A 1 139 ? 11.031  -10.451 1.572   1.00 58.63  ? 139 ASP   A OD2 1 
ATOM   1080 N  N   . LYS   A 1 140 ? 12.320  -7.796  3.169   1.00 43.37  ? 140 LYS   A N   1 
ATOM   1081 C  CA  . LYS   A 1 140 ? 13.201  -8.269  4.231   1.00 46.03  ? 140 LYS   A CA  1 
ATOM   1082 C  C   . LYS   A 1 140 ? 12.938  -7.538  5.542   1.00 43.44  ? 140 LYS   A C   1 
ATOM   1083 O  O   . LYS   A 1 140 ? 13.036  -8.137  6.619   1.00 45.60  ? 140 LYS   A O   1 
ATOM   1084 C  CB  . LYS   A 1 140 ? 14.665  -8.100  3.815   1.00 41.59  ? 140 LYS   A CB  1 
ATOM   1085 C  CG  . LYS   A 1 140 ? 15.172  -9.161  2.846   1.00 53.09  ? 140 LYS   A CG  1 
ATOM   1086 C  CD  . LYS   A 1 140 ? 16.681  -9.053  2.643   1.00 55.15  ? 140 LYS   A CD  1 
ATOM   1087 C  CE  . LYS   A 1 140 ? 17.054  -9.127  1.164   1.00 74.68  ? 140 LYS   A CE  1 
ATOM   1088 N  NZ  . LYS   A 1 140 ? 17.821  -7.929  0.705   1.00 53.53  ? 140 LYS   A NZ  1 
ATOM   1089 N  N   . LEU   A 1 141 ? 12.588  -6.252  5.469   1.00 40.44  ? 141 LEU   A N   1 
ATOM   1090 C  CA  . LEU   A 1 141 ? 12.365  -5.474  6.683   1.00 45.00  ? 141 LEU   A CA  1 
ATOM   1091 C  C   . LEU   A 1 141 ? 11.075  -5.886  7.382   1.00 46.95  ? 141 LEU   A C   1 
ATOM   1092 O  O   . LEU   A 1 141 ? 11.034  -5.977  8.615   1.00 42.95  ? 141 LEU   A O   1 
ATOM   1093 C  CB  . LEU   A 1 141 ? 12.338  -3.985  6.348   1.00 39.97  ? 141 LEU   A CB  1 
ATOM   1094 C  CG  . LEU   A 1 141 ? 13.699  -3.315  6.168   1.00 51.17  ? 141 LEU   A CG  1 
ATOM   1095 C  CD1 . LEU   A 1 141 ? 13.526  -1.823  5.938   1.00 51.70  ? 141 LEU   A CD1 1 
ATOM   1096 C  CD2 . LEU   A 1 141 ? 14.589  -3.577  7.375   1.00 50.69  ? 141 LEU   A CD2 1 
ATOM   1097 N  N   . VAL   A 1 142 ? 10.010  -6.139  6.618   1.00 37.24  ? 142 VAL   A N   1 
ATOM   1098 C  CA  . VAL   A 1 142 ? 8.732   -6.468  7.235   1.00 34.54  ? 142 VAL   A CA  1 
ATOM   1099 C  C   . VAL   A 1 142 ? 8.620   -7.949  7.567   1.00 38.24  ? 142 VAL   A C   1 
ATOM   1100 O  O   . VAL   A 1 142 ? 7.812   -8.319  8.426   1.00 35.70  ? 142 VAL   A O   1 
ATOM   1101 C  CB  . VAL   A 1 142 ? 7.562   -6.029  6.338   1.00 34.97  ? 142 VAL   A CB  1 
ATOM   1102 C  CG1 . VAL   A 1 142 ? 7.646   -4.533  6.064   1.00 34.69  ? 142 VAL   A CG1 1 
ATOM   1103 C  CG2 . VAL   A 1 142 ? 7.552   -6.824  5.038   1.00 39.08  ? 142 VAL   A CG2 1 
ATOM   1104 N  N   . SER   A 1 143 ? 9.405   -8.807  6.916   1.00 39.07  ? 143 SER   A N   1 
ATOM   1105 C  CA  . SER   A 1 143 ? 9.391   -10.232 7.222   1.00 43.70  ? 143 SER   A CA  1 
ATOM   1106 C  C   . SER   A 1 143 ? 10.245  -10.588 8.431   1.00 43.37  ? 143 SER   A C   1 
ATOM   1107 O  O   . SER   A 1 143 ? 10.102  -11.696 8.964   1.00 42.40  ? 143 SER   A O   1 
ATOM   1108 C  CB  . SER   A 1 143 ? 9.866   -11.040 6.009   1.00 43.00  ? 143 SER   A CB  1 
ATOM   1109 O  OG  . SER   A 1 143 ? 8.951   -10.922 4.933   1.00 46.25  ? 143 SER   A OG  1 
ATOM   1110 N  N   . ALA   A 1 144 ? 11.115  -9.684  8.876   1.00 41.21  ? 144 ALA   A N   1 
ATOM   1111 C  CA  . ALA   A 1 144 ? 12.019  -9.975  9.981   1.00 44.38  ? 144 ALA   A CA  1 
ATOM   1112 C  C   . ALA   A 1 144 ? 11.230  -10.301 11.242  1.00 41.38  ? 144 ALA   A C   1 
ATOM   1113 O  O   . ALA   A 1 144 ? 10.498  -9.456  11.765  1.00 41.84  ? 144 ALA   A O   1 
ATOM   1114 C  CB  . ALA   A 1 144 ? 12.951  -8.789  10.223  1.00 49.39  ? 144 ALA   A CB  1 
ATOM   1115 N  N   . GLY   A 1 145 ? 11.373  -11.535 11.722  1.00 41.66  ? 145 GLY   A N   1 
ATOM   1116 C  CA  . GLY   A 1 145 ? 10.664  -11.987 12.899  1.00 44.00  ? 145 GLY   A CA  1 
ATOM   1117 C  C   . GLY   A 1 145 ? 9.213   -12.349 12.676  1.00 43.33  ? 145 GLY   A C   1 
ATOM   1118 O  O   . GLY   A 1 145 ? 8.545   -12.768 13.629  1.00 43.39  ? 145 GLY   A O   1 
ATOM   1119 N  N   . ILE   A 1 146 ? 8.702   -12.199 11.456  1.00 43.07  ? 146 ILE   A N   1 
ATOM   1120 C  CA  . ILE   A 1 146 ? 7.316   -12.501 11.140  1.00 35.58  ? 146 ILE   A CA  1 
ATOM   1121 C  C   . ILE   A 1 146 ? 7.195   -13.758 10.288  1.00 44.55  ? 146 ILE   A C   1 
ATOM   1122 O  O   . ILE   A 1 146 ? 6.340   -14.608 10.547  1.00 43.18  ? 146 ILE   A O   1 
ATOM   1123 C  CB  . ILE   A 1 146 ? 6.636   -11.301 10.444  1.00 39.53  ? 146 ILE   A CB  1 
ATOM   1124 C  CG1 . ILE   A 1 146 ? 6.706   -10.059 11.331  1.00 37.72  ? 146 ILE   A CG1 1 
ATOM   1125 C  CG2 . ILE   A 1 146 ? 5.194   -11.628 10.104  1.00 34.18  ? 146 ILE   A CG2 1 
ATOM   1126 C  CD1 . ILE   A 1 146 ? 5.901   -10.180 12.611  1.00 38.11  ? 146 ILE   A CD1 1 
ATOM   1127 N  N   . ARG   A 1 147 ? 8.040   -13.893 9.270   1.00 46.52  ? 147 ARG   A N   1 
ATOM   1128 C  CA  . ARG   A 1 147 ? 8.018   -15.064 8.405   1.00 52.97  ? 147 ARG   A CA  1 
ATOM   1129 C  C   . ARG   A 1 147 ? 9.436   -15.372 7.947   1.00 54.76  ? 147 ARG   A C   1 
ATOM   1130 O  O   . ARG   A 1 147 ? 10.271  -14.474 7.811   1.00 53.87  ? 147 ARG   A O   1 
ATOM   1131 C  CB  . ARG   A 1 147 ? 7.091   -14.855 7.197   1.00 54.14  ? 147 ARG   A CB  1 
ATOM   1132 C  CG  . ARG   A 1 147 ? 7.609   -13.867 6.157   1.00 61.50  ? 147 ARG   A CG  1 
ATOM   1133 C  CD  . ARG   A 1 147 ? 6.665   -13.770 4.962   1.00 66.54  ? 147 ARG   A CD  1 
ATOM   1134 N  NE  . ARG   A 1 147 ? 6.912   -12.588 4.142   1.00 67.39  ? 147 ARG   A NE  1 
ATOM   1135 C  CZ  . ARG   A 1 147 ? 5.959   -11.834 3.608   1.00 70.69  ? 147 ARG   A CZ  1 
ATOM   1136 N  NH1 . ARG   A 1 147 ? 4.678   -12.101 3.803   1.00 58.26  ? 147 ARG   A NH1 1 
ATOM   1137 N  NH2 . ARG   A 1 147 ? 6.300   -10.785 2.864   1.00 59.53  ? 147 ARG   A NH2 1 
ATOM   1138 N  N   . LYS   A 1 148 ? 9.702   -16.656 7.726   1.00 58.53  ? 148 LYS   A N   1 
ATOM   1139 C  CA  . LYS   A 1 148 ? 10.997  -17.073 7.208   1.00 68.24  ? 148 LYS   A CA  1 
ATOM   1140 C  C   . LYS   A 1 148 ? 11.136  -16.655 5.750   1.00 78.65  ? 148 LYS   A C   1 
ATOM   1141 O  O   . LYS   A 1 148 ? 10.205  -16.809 4.952   1.00 76.18  ? 148 LYS   A O   1 
ATOM   1142 C  CB  . LYS   A 1 148 ? 11.164  -18.588 7.348   1.00 62.81  ? 148 LYS   A CB  1 
ATOM   1143 C  CG  . LYS   A 1 148 ? 12.335  -19.172 6.566   1.00 72.41  ? 148 LYS   A CG  1 
ATOM   1144 C  CD  . LYS   A 1 148 ? 13.369  -19.796 7.491   1.00 74.79  ? 148 LYS   A CD  1 
ATOM   1145 C  CE  . LYS   A 1 148 ? 14.296  -20.741 6.735   1.00 83.08  ? 148 LYS   A CE  1 
ATOM   1146 N  NZ  . LYS   A 1 148 ? 14.864  -20.123 5.503   1.00 75.55  ? 148 LYS   A NZ  1 
ATOM   1147 N  N   . VAL   A 1 149 ? 12.299  -16.113 5.405   1.00 78.59  ? 149 VAL   A N   1 
ATOM   1148 C  CA  . VAL   A 1 149 ? 12.564  -15.684 4.037   1.00 82.41  ? 149 VAL   A CA  1 
ATOM   1149 C  C   . VAL   A 1 149 ? 13.056  -16.860 3.197   1.00 82.81  ? 149 VAL   A C   1 
ATOM   1150 O  O   . VAL   A 1 149 ? 12.716  -16.991 2.020   1.00 74.44  ? 149 VAL   A O   1 
ATOM   1151 C  CB  . VAL   A 1 149 ? 13.576  -14.523 4.006   1.00 89.92  ? 149 VAL   A CB  1 
ATOM   1152 C  CG1 . VAL   A 1 149 ? 12.867  -13.195 4.235   1.00 82.07  ? 149 VAL   A CG1 1 
ATOM   1153 C  CG2 . VAL   A 1 149 ? 14.665  -14.740 5.049   1.00 87.62  ? 149 VAL   A CG2 1 
HETATM 1154 MN MN  . MN    B 2 .   ? 4.066   -7.409  -0.084  1.00 37.77  ? 201 MN    A MN  1 
HETATM 1155 MN MN  . MN    C 2 .   ? 7.742   -9.265  0.277   1.00 78.32  ? 202 MN    A MN  1 
HETATM 1156 ZN ZN  . ZN    D 3 .   ? -3.865  -7.987  20.506  1.00 36.53  ? 203 ZN    A ZN  1 
HETATM 1157 N  N1  . A1L9C E 4 .   ? -1.355  -11.988 -1.318  1.00 107.85 ? 204 A1L9C A N1  1 
HETATM 1158 C  C4  . A1L9C E 4 .   ? 4.639   -11.851 -1.186  1.00 79.35  ? 204 A1L9C A C4  1 
HETATM 1159 C  C5  . A1L9C E 4 .   ? 3.324   -11.854 -0.706  1.00 76.46  ? 204 A1L9C A C5  1 
HETATM 1160 C  C6  . A1L9C E 4 .   ? 2.429   -12.844 -1.131  1.00 96.16  ? 204 A1L9C A C6  1 
HETATM 1161 C  C7  . A1L9C E 4 .   ? 0.276   -13.905 -1.386  1.00 94.28  ? 204 A1L9C A C7  1 
HETATM 1162 C  C8  . A1L9C E 4 .   ? 0.373   -12.263 0.343   1.00 92.26  ? 204 A1L9C A C8  1 
HETATM 1163 C  C10 . A1L9C E 4 .   ? -0.473  -11.255 -0.393  1.00 90.36  ? 204 A1L9C A C10 1 
HETATM 1164 C  C13 . A1L9C E 4 .   ? -2.744  -12.190 -4.450  1.00 77.68  ? 204 A1L9C A C13 1 
HETATM 1165 C  C15 . A1L9C E 4 .   ? -3.488  -12.892 -5.376  1.00 75.88  ? 204 A1L9C A C15 1 
HETATM 1166 C  C17 . A1L9C E 4 .   ? -6.675  -14.392 -6.151  1.00 84.52  ? 204 A1L9C A C17 1 
HETATM 1167 N  N   . A1L9C E 4 .   ? 1.154   -13.005 -0.665  1.00 98.01  ? 204 A1L9C A N   1 
HETATM 1168 C  C   . A1L9C E 4 .   ? 2.912   -10.775 0.055   1.00 68.38  ? 204 A1L9C A C   1 
HETATM 1169 O  O   . A1L9C E 4 .   ? 3.358   -8.774  1.250   1.00 56.11  ? 204 A1L9C A O   1 
HETATM 1170 C  C1  . A1L9C E 4 .   ? 3.764   -9.786  0.439   1.00 59.60  ? 204 A1L9C A C1  1 
HETATM 1171 C  C11 . A1L9C E 4 .   ? -3.314  -11.678 -3.293  1.00 87.02  ? 204 A1L9C A C11 1 
HETATM 1172 C  C12 . A1L9C E 4 .   ? -4.634  -11.948 -2.997  1.00 83.35  ? 204 A1L9C A C12 1 
HETATM 1173 C  C14 . A1L9C E 4 .   ? -5.356  -12.681 -3.919  1.00 89.59  ? 204 A1L9C A C14 1 
HETATM 1174 C  C16 . A1L9C E 4 .   ? -4.829  -13.132 -5.135  1.00 77.10  ? 204 A1L9C A C16 1 
HETATM 1175 C  C18 . A1L9C E 4 .   ? -7.680  -14.163 -5.012  1.00 56.73  ? 204 A1L9C A C18 1 
HETATM 1176 C  C2  . A1L9C E 4 .   ? 5.060   -9.815  -0.003  1.00 59.43  ? 204 A1L9C A C2  1 
HETATM 1177 C  C3  . A1L9C E 4 .   ? 5.520   -10.838 -0.800  1.00 75.04  ? 204 A1L9C A C3  1 
HETATM 1178 C  C9  . A1L9C E 4 .   ? -0.589  -12.929 -2.196  1.00 96.03  ? 204 A1L9C A C9  1 
HETATM 1179 N  N2  . A1L9C E 4 .   ? -5.416  -13.877 -6.095  1.00 76.67  ? 204 A1L9C A N2  1 
HETATM 1180 O  O1  . A1L9C E 4 .   ? 5.892   -8.826  0.353   1.00 48.59  ? 204 A1L9C A O1  1 
HETATM 1181 O  O2  . A1L9C E 4 .   ? 6.829   -10.763 -1.161  1.00 98.77  ? 204 A1L9C A O2  1 
HETATM 1182 O  O3  . A1L9C E 4 .   ? 2.804   -13.533 -2.079  1.00 89.98  ? 204 A1L9C A O3  1 
HETATM 1183 O  O4  . A1L9C E 4 .   ? -1.499  -9.823  -2.915  1.00 75.98  ? 204 A1L9C A O4  1 
HETATM 1184 O  O5  . A1L9C E 4 .   ? -3.276  -10.117 -1.180  1.00 73.85  ? 204 A1L9C A O5  1 
HETATM 1185 O  O6  . A1L9C E 4 .   ? -7.040  -15.046 -7.128  1.00 69.30  ? 204 A1L9C A O6  1 
HETATM 1186 S  S   . A1L9C E 4 .   ? -2.356  -10.843 -2.170  1.00 119.61 ? 204 A1L9C A S   1 
HETATM 1187 O  O   . HOH   F 5 .   ? -9.677  9.447   9.254   1.00 49.81  ? 301 HOH   A O   1 
HETATM 1188 O  O   . HOH   F 5 .   ? 13.662  1.172   9.958   1.00 62.32  ? 302 HOH   A O   1 
HETATM 1189 O  O   . HOH   F 5 .   ? -0.424  -10.255 -5.012  1.00 49.34  ? 303 HOH   A O   1 
HETATM 1190 O  O   . HOH   F 5 .   ? -25.655 2.913   -4.701  1.00 68.94  ? 304 HOH   A O   1 
HETATM 1191 O  O   . HOH   F 5 .   ? -5.889  -4.377  18.722  1.00 50.37  ? 305 HOH   A O   1 
HETATM 1192 O  O   . HOH   F 5 .   ? 7.016   -2.707  -2.763  1.00 33.37  ? 306 HOH   A O   1 
HETATM 1193 O  O   . HOH   F 5 .   ? -3.843  3.468   10.240  1.00 50.34  ? 307 HOH   A O   1 
HETATM 1194 O  O   . HOH   F 5 .   ? 1.581   -3.046  -0.121  1.00 35.08  ? 308 HOH   A O   1 
HETATM 1195 O  O   . HOH   F 5 .   ? 1.791   -9.817  2.967   1.00 47.85  ? 309 HOH   A O   1 
HETATM 1196 O  O   . HOH   F 5 .   ? -4.365  -12.798 -9.497  1.00 53.80  ? 310 HOH   A O   1 
HETATM 1197 O  O   . HOH   F 5 .   ? 12.503  -13.141 7.855   1.00 58.68  ? 311 HOH   A O   1 
HETATM 1198 O  O   . HOH   F 5 .   ? -3.341  11.070  -10.057 1.00 45.81  ? 312 HOH   A O   1 
HETATM 1199 O  O   . HOH   F 5 .   ? 13.555  3.243   -7.532  1.00 48.09  ? 313 HOH   A O   1 
HETATM 1200 O  O   . HOH   F 5 .   ? 3.601   -5.033  -1.373  1.00 37.68  ? 314 HOH   A O   1 
HETATM 1201 O  O   . HOH   F 5 .   ? -11.867 -5.867  1.099   1.00 48.35  ? 315 HOH   A O   1 
HETATM 1202 O  O   . HOH   F 5 .   ? -2.951  -12.766 10.603  1.00 41.19  ? 316 HOH   A O   1 
HETATM 1203 O  O   . HOH   F 5 .   ? 7.182   12.594  -1.388  1.00 35.60  ? 317 HOH   A O   1 
HETATM 1204 O  O   . HOH   F 5 .   ? -7.935  -8.716  6.495   1.00 41.73  ? 318 HOH   A O   1 
HETATM 1205 O  O   . HOH   F 5 .   ? 10.002  15.185  -6.200  1.00 38.79  ? 319 HOH   A O   1 
HETATM 1206 O  O   . HOH   F 5 .   ? -11.976 -6.548  8.405   1.00 51.04  ? 320 HOH   A O   1 
HETATM 1207 O  O   . HOH   F 5 .   ? -0.286  14.125  1.923   1.00 41.92  ? 321 HOH   A O   1 
HETATM 1208 O  O   . HOH   F 5 .   ? -13.193 -1.758  -3.445  1.00 42.51  ? 322 HOH   A O   1 
HETATM 1209 O  O   . HOH   F 5 .   ? -9.432  -4.224  -10.028 1.00 42.42  ? 323 HOH   A O   1 
HETATM 1210 O  O   . HOH   F 5 .   ? -1.529  -9.924  17.611  1.00 36.10  ? 324 HOH   A O   1 
HETATM 1211 O  O   . HOH   F 5 .   ? 12.288  -4.916  10.874  1.00 45.47  ? 325 HOH   A O   1 
HETATM 1212 O  O   . HOH   F 5 .   ? 15.043  -19.884 2.703   1.00 56.60  ? 326 HOH   A O   1 
HETATM 1213 O  O   . HOH   F 5 .   ? -1.838  4.028   -10.727 1.00 43.74  ? 327 HOH   A O   1 
HETATM 1214 O  O   . HOH   F 5 .   ? 6.310   7.724   -16.804 1.00 43.72  ? 328 HOH   A O   1 
HETATM 1215 O  O   . HOH   F 5 .   ? 9.628   13.773  -1.831  1.00 44.37  ? 329 HOH   A O   1 
HETATM 1216 O  O   . HOH   F 5 .   ? -3.673  -3.813  11.326  1.00 43.07  ? 330 HOH   A O   1 
HETATM 1217 O  O   . HOH   F 5 .   ? -24.025 9.609   -10.006 1.00 77.72  ? 331 HOH   A O   1 
HETATM 1218 O  O   . HOH   F 5 .   ? 11.726  2.159   10.767  1.00 49.27  ? 332 HOH   A O   1 
HETATM 1219 O  O   . HOH   F 5 .   ? 5.440   -13.707 -6.418  1.00 53.43  ? 333 HOH   A O   1 
HETATM 1220 O  O   . HOH   F 5 .   ? 12.392  -13.826 -8.233  1.00 44.56  ? 334 HOH   A O   1 
HETATM 1221 O  O   . HOH   F 5 .   ? -1.936  -10.161 1.942   1.00 54.36  ? 335 HOH   A O   1 
HETATM 1222 O  O   . HOH   F 5 .   ? -2.578  -9.732  20.565  1.00 23.98  ? 336 HOH   A O   1 
HETATM 1223 O  O   . HOH   F 5 .   ? -7.781  -11.023 5.147   1.00 41.56  ? 337 HOH   A O   1 
HETATM 1224 O  O   . HOH   F 5 .   ? -5.742  -19.449 2.855   1.00 48.03  ? 338 HOH   A O   1 
HETATM 1225 O  O   . HOH   F 5 .   ? -25.684 9.554   -11.964 1.00 77.47  ? 339 HOH   A O   1 
# 
